data_2RU8
#
_entry.id   2RU8
#
_entity_poly.entity_id   1
_entity_poly.type   'polypeptide(L)'
_entity_poly.pdbx_seq_one_letter_code
;MFAMYPDWQPDADFIRLAALWGVALREPVTTEELASFIAYWQAEGKVFHHVQWQQKLARSLQIGRASNGGLPKRDVNTVS
EPDSQIPPGFRGHHHHHH
;
_entity_poly.pdbx_strand_id   A
#
# COMPACT_ATOMS: atom_id res chain seq x y z
N MET A 1 15.26 11.14 -9.80
CA MET A 1 14.52 10.11 -9.01
C MET A 1 15.49 9.23 -8.23
N PHE A 2 14.94 8.20 -7.58
CA PHE A 2 15.76 7.28 -6.80
C PHE A 2 15.16 5.88 -6.81
N ALA A 3 15.89 4.94 -7.41
CA ALA A 3 15.44 3.56 -7.50
C ALA A 3 15.91 2.75 -6.30
N MET A 4 15.56 1.48 -6.27
CA MET A 4 15.94 0.59 -5.18
C MET A 4 15.64 -0.86 -5.51
N TYR A 5 15.78 -1.73 -4.52
CA TYR A 5 15.53 -3.16 -4.71
C TYR A 5 14.39 -3.62 -3.80
N PRO A 6 13.70 -4.72 -4.17
CA PRO A 6 12.60 -5.26 -3.38
C PRO A 6 13.06 -6.20 -2.27
N ASP A 7 14.20 -5.90 -1.67
CA ASP A 7 14.75 -6.71 -0.59
C ASP A 7 14.73 -5.96 0.74
N TRP A 8 13.93 -4.91 0.82
CA TRP A 8 13.83 -4.11 2.03
C TRP A 8 12.90 -4.76 3.05
N GLN A 9 13.23 -4.61 4.33
CA GLN A 9 12.42 -5.18 5.40
C GLN A 9 11.71 -4.09 6.19
N PRO A 10 10.53 -4.40 6.75
CA PRO A 10 9.74 -3.44 7.53
C PRO A 10 10.40 -3.12 8.87
N ASP A 11 10.24 -1.88 9.32
CA ASP A 11 10.82 -1.45 10.59
C ASP A 11 10.08 -0.22 11.13
N ALA A 12 10.62 0.35 12.19
CA ALA A 12 10.02 1.53 12.81
C ALA A 12 9.96 2.69 11.83
N ASP A 13 10.92 2.74 10.91
CA ASP A 13 10.98 3.80 9.91
C ASP A 13 9.72 3.82 9.05
N PHE A 14 9.14 2.63 8.84
CA PHE A 14 7.93 2.51 8.04
C PHE A 14 6.78 3.27 8.69
N ILE A 15 6.59 3.06 9.99
CA ILE A 15 5.52 3.73 10.73
C ILE A 15 5.88 5.18 11.01
N ARG A 16 7.15 5.43 11.31
CA ARG A 16 7.62 6.78 11.61
C ARG A 16 7.42 7.70 10.41
N LEU A 17 7.92 7.26 9.25
CA LEU A 17 7.80 8.05 8.03
C LEU A 17 6.34 8.17 7.60
N ALA A 18 5.63 7.05 7.65
CA ALA A 18 4.22 7.03 7.26
C ALA A 18 3.40 7.98 8.13
N ALA A 19 3.67 7.97 9.43
CA ALA A 19 2.95 8.83 10.36
C ALA A 19 3.20 10.30 10.06
N LEU A 20 4.43 10.62 9.63
CA LEU A 20 4.80 11.98 9.30
C LEU A 20 4.32 12.34 7.90
N TRP A 21 4.28 11.35 7.02
CA TRP A 21 3.85 11.57 5.64
C TRP A 21 2.33 11.81 5.56
N GLY A 22 1.63 11.52 6.65
CA GLY A 22 0.20 11.72 6.68
C GLY A 22 -0.59 10.42 6.63
N VAL A 23 -0.06 9.41 7.31
CA VAL A 23 -0.72 8.10 7.35
C VAL A 23 -0.63 7.48 8.74
N ALA A 24 -1.80 7.24 9.34
CA ALA A 24 -1.86 6.65 10.68
C ALA A 24 -2.13 5.16 10.60
N LEU A 25 -1.08 4.35 10.81
CA LEU A 25 -1.20 2.91 10.76
C LEU A 25 -1.62 2.35 12.12
N ARG A 26 -2.78 1.71 12.16
CA ARG A 26 -3.30 1.13 13.40
C ARG A 26 -2.99 -0.36 13.47
N GLU A 27 -3.48 -1.11 12.49
CA GLU A 27 -3.27 -2.55 12.44
C GLU A 27 -2.00 -2.88 11.65
N PRO A 28 -1.33 -3.99 12.00
CA PRO A 28 -0.10 -4.42 11.32
C PRO A 28 -0.28 -4.50 9.80
N VAL A 29 0.83 -4.45 9.08
CA VAL A 29 0.80 -4.53 7.63
C VAL A 29 0.50 -5.94 7.15
N THR A 30 -0.30 -6.05 6.09
CA THR A 30 -0.65 -7.35 5.54
C THR A 30 0.32 -7.76 4.44
N THR A 31 0.39 -9.06 4.18
CA THR A 31 1.28 -9.58 3.14
C THR A 31 0.78 -9.20 1.75
N GLU A 32 -0.53 -9.31 1.55
CA GLU A 32 -1.13 -8.98 0.26
C GLU A 32 -0.85 -7.52 -0.11
N GLU A 33 -0.86 -6.65 0.89
CA GLU A 33 -0.60 -5.23 0.66
C GLU A 33 0.86 -4.98 0.33
N LEU A 34 1.75 -5.53 1.16
CA LEU A 34 3.18 -5.37 0.96
C LEU A 34 3.61 -5.98 -0.39
N ALA A 35 3.19 -7.21 -0.63
CA ALA A 35 3.53 -7.90 -1.87
C ALA A 35 3.01 -7.14 -3.09
N SER A 36 1.82 -6.56 -2.95
CA SER A 36 1.20 -5.80 -4.03
C SER A 36 2.08 -4.63 -4.44
N PHE A 37 2.55 -3.86 -3.45
CA PHE A 37 3.40 -2.72 -3.72
C PHE A 37 4.69 -3.14 -4.41
N ILE A 38 5.27 -4.24 -3.95
CA ILE A 38 6.51 -4.75 -4.52
C ILE A 38 6.26 -5.34 -5.92
N ALA A 39 5.07 -5.87 -6.13
CA ALA A 39 4.71 -6.45 -7.41
C ALA A 39 4.72 -5.40 -8.52
N TYR A 40 4.08 -4.27 -8.26
CA TYR A 40 4.01 -3.19 -9.22
C TYR A 40 5.33 -2.42 -9.28
N TRP A 41 6.01 -2.36 -8.13
CA TRP A 41 7.28 -1.64 -8.05
C TRP A 41 8.33 -2.30 -8.94
N GLN A 42 8.42 -3.62 -8.86
CA GLN A 42 9.38 -4.37 -9.67
C GLN A 42 8.89 -4.52 -11.10
N ALA A 43 7.58 -4.66 -11.27
CA ALA A 43 6.99 -4.81 -12.58
C ALA A 43 7.11 -3.52 -13.38
N GLU A 44 7.10 -2.38 -12.69
CA GLU A 44 7.21 -1.09 -13.34
C GLU A 44 8.61 -0.87 -13.89
N GLY A 45 9.61 -1.25 -13.11
CA GLY A 45 10.99 -1.09 -13.53
C GLY A 45 11.34 0.36 -13.81
N LYS A 46 10.77 1.27 -13.02
CA LYS A 46 11.02 2.69 -13.19
C LYS A 46 11.71 3.27 -11.96
N VAL A 47 11.72 4.59 -11.84
CA VAL A 47 12.35 5.26 -10.71
C VAL A 47 11.47 6.37 -10.17
N PHE A 48 11.45 6.53 -8.86
CA PHE A 48 10.65 7.56 -8.22
C PHE A 48 11.47 8.35 -7.20
N HIS A 49 11.26 9.66 -7.15
CA HIS A 49 11.97 10.51 -6.22
C HIS A 49 11.54 10.22 -4.78
N HIS A 50 12.21 10.86 -3.82
CA HIS A 50 11.88 10.66 -2.41
C HIS A 50 10.46 11.14 -2.11
N VAL A 51 10.15 12.35 -2.55
CA VAL A 51 8.82 12.93 -2.33
C VAL A 51 7.75 12.08 -3.00
N GLN A 52 8.07 11.54 -4.17
CA GLN A 52 7.14 10.70 -4.92
C GLN A 52 6.84 9.43 -4.14
N TRP A 53 7.83 8.94 -3.40
CA TRP A 53 7.67 7.73 -2.61
C TRP A 53 6.73 7.97 -1.44
N GLN A 54 6.90 9.12 -0.78
CA GLN A 54 6.06 9.47 0.37
C GLN A 54 4.60 9.57 -0.05
N GLN A 55 4.35 10.16 -1.20
CA GLN A 55 2.99 10.32 -1.70
C GLN A 55 2.41 9.00 -2.20
N LYS A 56 3.23 8.23 -2.92
CA LYS A 56 2.79 6.94 -3.44
C LYS A 56 2.38 5.99 -2.32
N LEU A 57 3.28 5.80 -1.36
CA LEU A 57 3.02 4.93 -0.22
C LEU A 57 1.92 5.49 0.67
N ALA A 58 1.84 6.81 0.75
CA ALA A 58 0.84 7.48 1.57
C ALA A 58 -0.55 7.32 0.97
N ARG A 59 -0.73 7.81 -0.24
CA ARG A 59 -2.02 7.72 -0.92
C ARG A 59 -2.43 6.26 -1.12
N SER A 60 -1.45 5.38 -1.24
CA SER A 60 -1.70 3.96 -1.42
C SER A 60 -2.37 3.36 -0.19
N LEU A 61 -1.75 3.57 0.97
CA LEU A 61 -2.27 3.05 2.23
C LEU A 61 -3.47 3.86 2.70
N GLN A 62 -3.48 5.14 2.36
CA GLN A 62 -4.58 6.03 2.75
C GLN A 62 -5.86 5.66 2.02
N ILE A 63 -5.81 5.67 0.69
CA ILE A 63 -6.98 5.32 -0.12
C ILE A 63 -7.23 3.82 -0.12
N GLY A 64 -6.21 3.05 0.21
CA GLY A 64 -6.34 1.60 0.24
C GLY A 64 -7.13 1.11 1.44
N ARG A 65 -6.83 1.68 2.61
CA ARG A 65 -7.51 1.29 3.84
C ARG A 65 -8.97 1.76 3.82
N ALA A 66 -9.19 2.97 3.34
CA ALA A 66 -10.53 3.53 3.26
C ALA A 66 -11.44 2.67 2.38
N SER A 67 -10.85 2.06 1.36
CA SER A 67 -11.61 1.22 0.44
C SER A 67 -11.72 -0.20 0.99
N ASN A 68 -10.66 -0.66 1.66
CA ASN A 68 -10.64 -2.00 2.23
C ASN A 68 -11.74 -2.16 3.27
N GLY A 69 -12.85 -2.77 2.88
CA GLY A 69 -13.95 -2.98 3.81
C GLY A 69 -14.77 -4.21 3.47
N GLY A 70 -15.62 -4.09 2.47
CA GLY A 70 -16.45 -5.21 2.06
C GLY A 70 -15.70 -6.21 1.19
N LEU A 71 -15.27 -5.75 0.01
CA LEU A 71 -14.54 -6.60 -0.91
C LEU A 71 -13.94 -5.79 -2.06
N PRO A 72 -12.62 -5.51 -2.02
CA PRO A 72 -11.95 -4.73 -3.06
C PRO A 72 -11.88 -5.48 -4.39
N LYS A 73 -12.77 -5.12 -5.31
CA LYS A 73 -12.81 -5.76 -6.62
C LYS A 73 -13.12 -4.73 -7.71
N ARG A 74 -14.34 -4.21 -7.68
CA ARG A 74 -14.77 -3.22 -8.66
C ARG A 74 -14.59 -3.73 -10.08
N ASP A 75 -15.43 -4.69 -10.47
CA ASP A 75 -15.37 -5.27 -11.80
C ASP A 75 -16.39 -4.62 -12.73
N VAL A 76 -15.93 -3.64 -13.50
CA VAL A 76 -16.79 -2.93 -14.43
C VAL A 76 -16.45 -3.29 -15.88
N ASN A 77 -15.20 -3.69 -16.11
CA ASN A 77 -14.75 -4.06 -17.44
C ASN A 77 -14.82 -2.86 -18.39
N THR A 78 -14.36 -3.05 -19.62
CA THR A 78 -14.36 -1.99 -20.61
C THR A 78 -13.66 -0.74 -20.09
N VAL A 79 -12.34 -0.81 -19.97
CA VAL A 79 -11.56 0.31 -19.48
C VAL A 79 -10.31 0.52 -20.34
N SER A 80 -9.90 1.77 -20.47
CA SER A 80 -8.73 2.12 -21.26
C SER A 80 -7.50 2.30 -20.38
N GLU A 81 -7.39 1.48 -19.34
CA GLU A 81 -6.26 1.55 -18.42
C GLU A 81 -6.19 2.92 -17.76
N PRO A 82 -6.76 3.06 -16.54
CA PRO A 82 -6.74 4.33 -15.81
C PRO A 82 -5.35 4.66 -15.26
N ASP A 83 -5.01 5.95 -15.30
CA ASP A 83 -3.72 6.40 -14.80
C ASP A 83 -3.86 7.11 -13.46
N SER A 84 -4.86 6.70 -12.69
CA SER A 84 -5.11 7.30 -11.38
C SER A 84 -5.38 8.80 -11.50
N GLN A 85 -6.24 9.16 -12.45
CA GLN A 85 -6.58 10.56 -12.67
C GLN A 85 -7.76 10.97 -11.79
N ILE A 86 -8.12 12.25 -11.86
CA ILE A 86 -9.23 12.78 -11.08
C ILE A 86 -9.09 12.42 -9.60
N PRO A 87 -8.24 13.16 -8.86
CA PRO A 87 -8.01 12.92 -7.44
C PRO A 87 -9.20 13.32 -6.58
N PRO A 88 -9.23 12.90 -5.30
CA PRO A 88 -10.31 13.22 -4.38
C PRO A 88 -10.32 14.69 -3.99
N GLY A 89 -11.33 15.08 -3.21
CA GLY A 89 -11.44 16.47 -2.78
C GLY A 89 -12.61 16.70 -1.84
N PHE A 90 -13.19 17.89 -1.91
CA PHE A 90 -14.33 18.23 -1.06
C PHE A 90 -15.62 18.27 -1.88
N ARG A 91 -15.53 18.84 -3.07
CA ARG A 91 -16.70 18.94 -3.95
C ARG A 91 -17.80 19.77 -3.29
N GLY A 92 -18.07 20.95 -3.84
CA GLY A 92 -19.09 21.81 -3.30
C GLY A 92 -19.91 22.49 -4.38
N MET A 1 15.87 11.77 -10.15
CA MET A 1 14.99 10.79 -9.44
C MET A 1 15.80 9.92 -8.48
N PHE A 2 15.15 8.94 -7.89
CA PHE A 2 15.82 8.04 -6.94
C PHE A 2 15.15 6.66 -6.94
N ALA A 3 15.86 5.66 -7.43
CA ALA A 3 15.34 4.30 -7.48
C ALA A 3 15.84 3.48 -6.29
N MET A 4 15.25 2.31 -6.12
CA MET A 4 15.63 1.41 -5.01
C MET A 4 15.56 -0.04 -5.45
N TYR A 5 15.61 -0.94 -4.47
CA TYR A 5 15.55 -2.37 -4.75
C TYR A 5 14.34 -3.01 -4.07
N PRO A 6 13.84 -4.14 -4.61
CA PRO A 6 12.70 -4.85 -4.06
C PRO A 6 13.08 -5.84 -2.97
N ASP A 7 14.03 -5.45 -2.12
CA ASP A 7 14.48 -6.32 -1.03
C ASP A 7 14.09 -5.75 0.33
N TRP A 8 13.72 -4.46 0.35
CA TRP A 8 13.33 -3.81 1.59
C TRP A 8 12.23 -4.59 2.31
N GLN A 9 12.20 -4.46 3.63
CA GLN A 9 11.19 -5.15 4.44
C GLN A 9 10.63 -4.23 5.52
N PRO A 10 9.36 -4.43 5.91
CA PRO A 10 8.71 -3.61 6.93
C PRO A 10 9.52 -3.53 8.21
N ASP A 11 9.37 -2.42 8.93
CA ASP A 11 10.08 -2.21 10.18
C ASP A 11 9.59 -0.96 10.89
N ALA A 12 10.23 -0.63 12.01
CA ALA A 12 9.86 0.55 12.79
C ALA A 12 10.00 1.82 11.95
N ASP A 13 10.95 1.82 11.03
CA ASP A 13 11.18 2.97 10.17
C ASP A 13 9.97 3.25 9.30
N PHE A 14 9.26 2.20 8.93
CA PHE A 14 8.07 2.33 8.09
C PHE A 14 7.01 3.18 8.78
N ILE A 15 6.70 2.83 10.03
CA ILE A 15 5.70 3.57 10.79
C ILE A 15 6.20 4.97 11.15
N ARG A 16 7.49 5.08 11.42
CA ARG A 16 8.10 6.36 11.76
C ARG A 16 7.92 7.37 10.63
N LEU A 17 8.29 6.96 9.42
CA LEU A 17 8.16 7.83 8.25
C LEU A 17 6.70 8.08 7.91
N ALA A 18 5.89 7.03 7.98
CA ALA A 18 4.47 7.14 7.68
C ALA A 18 3.77 8.09 8.66
N ALA A 19 4.18 8.04 9.91
CA ALA A 19 3.60 8.90 10.94
C ALA A 19 3.90 10.37 10.67
N LEU A 20 5.14 10.65 10.30
CA LEU A 20 5.56 12.02 10.01
C LEU A 20 5.15 12.43 8.60
N TRP A 21 5.04 11.44 7.71
CA TRP A 21 4.66 11.71 6.32
C TRP A 21 3.21 12.17 6.23
N GLY A 22 2.46 11.99 7.32
CA GLY A 22 1.06 12.40 7.32
C GLY A 22 0.11 11.24 7.09
N VAL A 23 0.39 10.11 7.75
CA VAL A 23 -0.45 8.92 7.61
C VAL A 23 -0.71 8.28 8.97
N ALA A 24 -1.95 8.36 9.43
CA ALA A 24 -2.33 7.78 10.72
C ALA A 24 -2.58 6.28 10.59
N LEU A 25 -1.77 5.49 11.27
CA LEU A 25 -1.91 4.04 11.24
C LEU A 25 -3.10 3.58 12.08
N ARG A 26 -4.11 3.03 11.41
CA ARG A 26 -5.31 2.55 12.08
C ARG A 26 -5.30 1.03 12.20
N GLU A 27 -4.68 0.38 11.22
CA GLU A 27 -4.61 -1.09 11.21
C GLU A 27 -3.18 -1.55 10.88
N PRO A 28 -2.84 -2.81 11.24
CA PRO A 28 -1.52 -3.36 10.98
C PRO A 28 -1.24 -3.53 9.48
N VAL A 29 0.02 -3.74 9.14
CA VAL A 29 0.41 -3.93 7.74
C VAL A 29 0.09 -5.33 7.26
N THR A 30 -0.75 -5.42 6.22
CA THR A 30 -1.14 -6.70 5.66
C THR A 30 -0.14 -7.16 4.61
N THR A 31 -0.05 -8.48 4.41
CA THR A 31 0.87 -9.03 3.43
C THR A 31 0.42 -8.71 2.01
N GLU A 32 -0.89 -8.60 1.82
CA GLU A 32 -1.45 -8.30 0.51
C GLU A 32 -0.95 -6.94 0.01
N GLU A 33 -0.95 -5.95 0.91
CA GLU A 33 -0.50 -4.62 0.55
C GLU A 33 1.00 -4.60 0.29
N LEU A 34 1.77 -5.25 1.16
CA LEU A 34 3.22 -5.31 1.01
C LEU A 34 3.60 -6.01 -0.28
N ALA A 35 3.00 -7.16 -0.54
CA ALA A 35 3.30 -7.92 -1.75
C ALA A 35 2.89 -7.14 -2.99
N SER A 36 1.71 -6.53 -2.96
CA SER A 36 1.22 -5.75 -4.08
C SER A 36 2.15 -4.58 -4.39
N PHE A 37 2.77 -4.04 -3.35
CA PHE A 37 3.68 -2.91 -3.50
C PHE A 37 4.97 -3.34 -4.19
N ILE A 38 5.58 -4.40 -3.68
CA ILE A 38 6.82 -4.91 -4.25
C ILE A 38 6.59 -5.53 -5.62
N ALA A 39 5.38 -6.06 -5.83
CA ALA A 39 5.04 -6.67 -7.11
C ALA A 39 5.00 -5.63 -8.23
N TYR A 40 4.16 -4.61 -8.05
CA TYR A 40 4.03 -3.55 -9.04
C TYR A 40 5.31 -2.72 -9.12
N TRP A 41 5.95 -2.53 -7.97
CA TRP A 41 7.18 -1.74 -7.91
C TRP A 41 8.32 -2.48 -8.59
N GLN A 42 8.41 -3.79 -8.34
CA GLN A 42 9.46 -4.61 -8.94
C GLN A 42 9.18 -4.88 -10.41
N ALA A 43 7.91 -5.05 -10.73
CA ALA A 43 7.50 -5.32 -12.11
C ALA A 43 7.79 -4.12 -13.02
N GLU A 44 7.44 -2.93 -12.52
CA GLU A 44 7.65 -1.71 -13.29
C GLU A 44 9.14 -1.46 -13.53
N GLY A 45 9.92 -1.56 -12.47
CA GLY A 45 11.36 -1.35 -12.58
C GLY A 45 11.70 0.06 -13.04
N LYS A 46 10.92 1.03 -12.57
CA LYS A 46 11.15 2.43 -12.93
C LYS A 46 11.85 3.17 -11.80
N VAL A 47 11.79 4.50 -11.84
CA VAL A 47 12.41 5.33 -10.82
C VAL A 47 11.47 6.44 -10.37
N PHE A 48 11.50 6.74 -9.07
CA PHE A 48 10.64 7.78 -8.51
C PHE A 48 11.46 8.74 -7.64
N HIS A 49 10.89 9.90 -7.35
CA HIS A 49 11.56 10.90 -6.53
C HIS A 49 11.23 10.71 -5.06
N HIS A 50 11.81 11.55 -4.21
CA HIS A 50 11.57 11.47 -2.77
C HIS A 50 10.09 11.70 -2.46
N VAL A 51 9.56 12.83 -2.90
CA VAL A 51 8.17 13.18 -2.66
C VAL A 51 7.25 12.17 -3.34
N GLN A 52 7.67 11.68 -4.51
CA GLN A 52 6.87 10.71 -5.26
C GLN A 52 6.71 9.42 -4.47
N TRP A 53 7.81 8.94 -3.91
CA TRP A 53 7.79 7.71 -3.11
C TRP A 53 6.91 7.88 -1.89
N GLN A 54 6.96 9.06 -1.28
CA GLN A 54 6.16 9.35 -0.10
C GLN A 54 4.67 9.25 -0.40
N GLN A 55 4.24 9.96 -1.45
CA GLN A 55 2.84 9.96 -1.85
C GLN A 55 2.41 8.58 -2.34
N LYS A 56 3.36 7.85 -2.93
CA LYS A 56 3.07 6.51 -3.44
C LYS A 56 2.62 5.57 -2.32
N LEU A 57 3.43 5.48 -1.27
CA LEU A 57 3.11 4.62 -0.14
C LEU A 57 1.89 5.14 0.61
N ALA A 58 1.84 6.46 0.81
CA ALA A 58 0.73 7.09 1.51
C ALA A 58 -0.59 6.84 0.78
N ARG A 59 -0.60 7.13 -0.51
CA ARG A 59 -1.80 6.95 -1.32
C ARG A 59 -2.21 5.48 -1.35
N SER A 60 -1.23 4.59 -1.28
CA SER A 60 -1.49 3.15 -1.29
C SER A 60 -2.27 2.74 -0.04
N LEU A 61 -1.74 3.10 1.13
CA LEU A 61 -2.40 2.76 2.39
C LEU A 61 -3.77 3.40 2.48
N GLN A 62 -3.93 4.56 1.83
CA GLN A 62 -5.20 5.27 1.85
C GLN A 62 -6.28 4.47 1.12
N ILE A 63 -6.02 4.15 -0.14
CA ILE A 63 -6.98 3.38 -0.94
C ILE A 63 -7.16 1.97 -0.38
N GLY A 64 -6.17 1.52 0.38
CA GLY A 64 -6.25 0.19 0.96
C GLY A 64 -7.10 0.15 2.21
N ARG A 65 -6.93 1.14 3.08
CA ARG A 65 -7.69 1.22 4.32
C ARG A 65 -9.16 1.53 4.04
N ALA A 66 -9.39 2.50 3.16
CA ALA A 66 -10.75 2.90 2.79
C ALA A 66 -11.50 1.74 2.14
N SER A 67 -10.84 1.06 1.22
CA SER A 67 -11.44 -0.07 0.51
C SER A 67 -11.64 -1.25 1.45
N ASN A 68 -10.78 -1.34 2.47
CA ASN A 68 -10.87 -2.43 3.44
C ASN A 68 -10.65 -3.78 2.77
N GLY A 69 -10.33 -4.80 3.57
CA GLY A 69 -10.10 -6.12 3.03
C GLY A 69 -10.30 -7.21 4.07
N GLY A 70 -11.05 -8.24 3.70
CA GLY A 70 -11.30 -9.33 4.62
C GLY A 70 -12.28 -10.35 4.05
N LEU A 71 -13.34 -10.64 4.81
CA LEU A 71 -14.34 -11.60 4.37
C LEU A 71 -15.16 -11.04 3.21
N PRO A 72 -15.85 -9.90 3.42
CA PRO A 72 -16.67 -9.29 2.38
C PRO A 72 -15.83 -8.71 1.23
N LYS A 73 -15.68 -9.49 0.17
CA LYS A 73 -14.90 -9.05 -0.98
C LYS A 73 -15.70 -8.11 -1.87
N ARG A 74 -15.04 -7.06 -2.36
CA ARG A 74 -15.69 -6.08 -3.22
C ARG A 74 -14.81 -5.72 -4.41
N ASP A 75 -13.96 -6.67 -4.81
CA ASP A 75 -13.07 -6.45 -5.95
C ASP A 75 -13.01 -7.68 -6.84
N VAL A 76 -12.86 -7.46 -8.14
CA VAL A 76 -12.79 -8.56 -9.10
C VAL A 76 -11.87 -8.23 -10.26
N ASN A 77 -12.07 -7.05 -10.86
CA ASN A 77 -11.25 -6.61 -11.99
C ASN A 77 -11.66 -5.23 -12.45
N THR A 78 -11.03 -4.77 -13.53
CA THR A 78 -11.30 -3.45 -14.10
C THR A 78 -11.41 -2.38 -13.02
N VAL A 79 -10.37 -2.28 -12.20
CA VAL A 79 -10.34 -1.30 -11.12
C VAL A 79 -9.61 -0.03 -11.57
N SER A 80 -8.63 -0.20 -12.44
CA SER A 80 -7.86 0.93 -12.95
C SER A 80 -7.16 1.67 -11.81
N GLU A 81 -6.28 2.60 -12.17
CA GLU A 81 -5.55 3.38 -11.18
C GLU A 81 -5.78 4.87 -11.36
N PRO A 82 -5.57 5.68 -10.31
CA PRO A 82 -5.76 7.13 -10.37
C PRO A 82 -5.00 7.77 -11.52
N ASP A 83 -5.01 9.10 -11.58
CA ASP A 83 -4.32 9.83 -12.63
C ASP A 83 -3.65 11.08 -12.07
N SER A 84 -2.45 11.39 -12.58
CA SER A 84 -1.71 12.56 -12.13
C SER A 84 -1.98 13.75 -13.03
N GLN A 85 -2.41 14.85 -12.42
CA GLN A 85 -2.71 16.08 -13.16
C GLN A 85 -1.43 16.82 -13.52
N ILE A 86 -1.58 17.98 -14.16
CA ILE A 86 -0.45 18.79 -14.56
C ILE A 86 0.53 17.99 -15.41
N PRO A 87 0.16 17.67 -16.66
CA PRO A 87 1.02 16.90 -17.57
C PRO A 87 2.40 17.51 -17.72
N PRO A 88 3.43 16.89 -17.11
CA PRO A 88 4.81 17.39 -17.20
C PRO A 88 5.29 17.54 -18.64
N GLY A 89 6.04 18.61 -18.89
CA GLY A 89 6.54 18.85 -20.24
C GLY A 89 7.03 20.28 -20.42
N PHE A 90 6.89 20.79 -21.64
CA PHE A 90 7.32 22.15 -21.96
C PHE A 90 8.82 22.30 -21.73
N ARG A 91 9.37 23.42 -22.20
CA ARG A 91 10.79 23.70 -22.07
C ARG A 91 11.62 22.63 -22.76
N GLY A 92 12.95 22.80 -22.72
CA GLY A 92 13.83 21.84 -23.37
C GLY A 92 14.21 22.25 -24.78
N MET A 1 15.78 11.16 -9.15
CA MET A 1 15.08 9.92 -8.71
C MET A 1 16.06 8.85 -8.26
N PHE A 2 15.54 7.68 -7.91
CA PHE A 2 16.36 6.57 -7.46
C PHE A 2 15.57 5.27 -7.43
N ALA A 3 16.07 4.25 -8.12
CA ALA A 3 15.41 2.95 -8.17
C ALA A 3 15.87 2.06 -7.02
N MET A 4 14.98 1.83 -6.06
CA MET A 4 15.29 0.99 -4.92
C MET A 4 15.25 -0.48 -5.29
N TYR A 5 15.41 -1.35 -4.30
CA TYR A 5 15.38 -2.79 -4.53
C TYR A 5 14.16 -3.42 -3.87
N PRO A 6 13.80 -4.66 -4.26
CA PRO A 6 12.66 -5.37 -3.69
C PRO A 6 13.01 -6.13 -2.42
N ASP A 7 13.85 -5.54 -1.58
CA ASP A 7 14.28 -6.17 -0.34
C ASP A 7 13.75 -5.39 0.88
N TRP A 8 13.35 -4.14 0.66
CA TRP A 8 12.83 -3.31 1.73
C TRP A 8 11.71 -4.01 2.49
N GLN A 9 11.74 -3.89 3.81
CA GLN A 9 10.73 -4.52 4.66
C GLN A 9 10.20 -3.52 5.70
N PRO A 10 9.10 -3.87 6.37
CA PRO A 10 8.50 -3.00 7.40
C PRO A 10 9.35 -2.91 8.66
N ASP A 11 9.33 -1.75 9.29
CA ASP A 11 10.11 -1.53 10.51
C ASP A 11 9.66 -0.26 11.22
N ALA A 12 10.41 0.14 12.25
CA ALA A 12 10.09 1.34 13.01
C ALA A 12 10.11 2.58 12.12
N ASP A 13 11.10 2.66 11.23
CA ASP A 13 11.22 3.79 10.32
C ASP A 13 10.00 3.91 9.43
N PHE A 14 9.39 2.77 9.11
CA PHE A 14 8.20 2.74 8.26
C PHE A 14 7.03 3.45 8.94
N ILE A 15 6.86 3.19 10.24
CA ILE A 15 5.79 3.80 11.00
C ILE A 15 6.09 5.26 11.31
N ARG A 16 7.37 5.57 11.50
CA ARG A 16 7.79 6.92 11.82
C ARG A 16 7.54 7.85 10.63
N LEU A 17 8.04 7.47 9.46
CA LEU A 17 7.86 8.27 8.26
C LEU A 17 6.39 8.35 7.87
N ALA A 18 5.69 7.22 7.96
CA ALA A 18 4.28 7.17 7.63
C ALA A 18 3.46 8.07 8.54
N ALA A 19 3.79 8.06 9.82
CA ALA A 19 3.09 8.88 10.80
C ALA A 19 3.36 10.37 10.57
N LEU A 20 4.58 10.68 10.13
CA LEU A 20 4.97 12.06 9.88
C LEU A 20 4.48 12.51 8.51
N TRP A 21 4.40 11.57 7.57
CA TRP A 21 3.94 11.86 6.22
C TRP A 21 2.44 12.11 6.18
N GLY A 22 1.75 11.76 7.26
CA GLY A 22 0.32 11.96 7.32
C GLY A 22 -0.46 10.67 7.17
N VAL A 23 -0.05 9.64 7.90
CA VAL A 23 -0.70 8.34 7.85
C VAL A 23 -0.83 7.73 9.24
N ALA A 24 -2.07 7.58 9.70
CA ALA A 24 -2.33 7.01 11.01
C ALA A 24 -2.85 5.58 10.89
N LEU A 25 -2.10 4.63 11.45
CA LEU A 25 -2.50 3.23 11.40
C LEU A 25 -2.60 2.64 12.81
N ARG A 26 -3.48 1.65 12.96
CA ARG A 26 -3.68 1.01 14.25
C ARG A 26 -3.07 -0.39 14.27
N GLU A 27 -3.30 -1.14 13.19
CA GLU A 27 -2.76 -2.50 13.09
C GLU A 27 -1.61 -2.54 12.10
N PRO A 28 -0.80 -3.62 12.13
CA PRO A 28 0.35 -3.79 11.24
C PRO A 28 -0.08 -4.00 9.79
N VAL A 29 0.71 -3.48 8.86
CA VAL A 29 0.40 -3.61 7.43
C VAL A 29 0.43 -5.07 7.01
N THR A 30 -0.52 -5.44 6.15
CA THR A 30 -0.61 -6.81 5.66
C THR A 30 0.47 -7.08 4.61
N THR A 31 0.80 -8.36 4.43
CA THR A 31 1.82 -8.76 3.46
C THR A 31 1.31 -8.57 2.03
N GLU A 32 -0.01 -8.67 1.85
CA GLU A 32 -0.61 -8.51 0.53
C GLU A 32 -0.26 -7.14 -0.06
N GLU A 33 -0.32 -6.12 0.78
CA GLU A 33 -0.02 -4.76 0.33
C GLU A 33 1.45 -4.62 -0.04
N LEU A 34 2.32 -5.18 0.81
CA LEU A 34 3.76 -5.12 0.56
C LEU A 34 4.14 -5.90 -0.68
N ALA A 35 3.61 -7.12 -0.80
CA ALA A 35 3.89 -7.97 -1.95
C ALA A 35 3.37 -7.34 -3.24
N SER A 36 2.21 -6.70 -3.15
CA SER A 36 1.62 -6.05 -4.32
C SER A 36 2.44 -4.84 -4.75
N PHE A 37 3.03 -4.16 -3.77
CA PHE A 37 3.84 -2.98 -4.04
C PHE A 37 5.14 -3.36 -4.76
N ILE A 38 5.78 -4.43 -4.28
CA ILE A 38 7.03 -4.90 -4.86
C ILE A 38 6.78 -5.49 -6.25
N ALA A 39 5.63 -6.11 -6.44
CA ALA A 39 5.27 -6.72 -7.72
C ALA A 39 5.13 -5.66 -8.80
N TYR A 40 4.36 -4.61 -8.50
CA TYR A 40 4.15 -3.53 -9.45
C TYR A 40 5.39 -2.65 -9.58
N TRP A 41 6.14 -2.54 -8.49
CA TRP A 41 7.36 -1.74 -8.47
C TRP A 41 8.43 -2.37 -9.36
N GLN A 42 8.60 -3.68 -9.23
CA GLN A 42 9.60 -4.39 -10.02
C GLN A 42 9.11 -4.60 -11.45
N ALA A 43 7.80 -4.79 -11.61
CA ALA A 43 7.20 -4.99 -12.92
C ALA A 43 7.19 -3.70 -13.72
N GLU A 44 7.08 -2.58 -13.02
CA GLU A 44 7.06 -1.27 -13.68
C GLU A 44 8.41 -0.94 -14.29
N GLY A 45 9.49 -1.30 -13.58
CA GLY A 45 10.82 -1.03 -14.07
C GLY A 45 11.07 0.45 -14.31
N LYS A 46 10.67 1.28 -13.35
CA LYS A 46 10.85 2.72 -13.46
C LYS A 46 11.62 3.26 -12.26
N VAL A 47 11.59 4.58 -12.08
CA VAL A 47 12.27 5.22 -10.97
C VAL A 47 11.45 6.36 -10.39
N PHE A 48 11.48 6.50 -9.07
CA PHE A 48 10.72 7.56 -8.40
C PHE A 48 11.60 8.30 -7.39
N HIS A 49 11.17 9.51 -7.02
CA HIS A 49 11.90 10.33 -6.07
C HIS A 49 11.48 10.00 -4.64
N HIS A 50 12.12 10.66 -3.68
CA HIS A 50 11.80 10.45 -2.26
C HIS A 50 10.37 10.87 -1.97
N VAL A 51 9.99 12.05 -2.46
CA VAL A 51 8.63 12.56 -2.25
C VAL A 51 7.60 11.66 -2.90
N GLN A 52 7.94 11.12 -4.08
CA GLN A 52 7.03 10.25 -4.80
C GLN A 52 6.83 8.93 -4.04
N TRP A 53 7.87 8.50 -3.33
CA TRP A 53 7.82 7.27 -2.56
C TRP A 53 6.89 7.41 -1.37
N GLN A 54 6.99 8.55 -0.67
CA GLN A 54 6.17 8.81 0.49
C GLN A 54 4.74 9.14 0.08
N GLN A 55 4.58 9.75 -1.09
CA GLN A 55 3.27 10.12 -1.60
C GLN A 55 2.51 8.89 -2.11
N LYS A 56 3.19 8.06 -2.89
CA LYS A 56 2.58 6.85 -3.43
C LYS A 56 2.17 5.89 -2.31
N LEU A 57 3.13 5.55 -1.46
CA LEU A 57 2.88 4.64 -0.35
C LEU A 57 1.79 5.18 0.56
N ALA A 58 1.91 6.45 0.93
CA ALA A 58 0.94 7.09 1.81
C ALA A 58 -0.46 7.06 1.19
N ARG A 59 -0.57 7.53 -0.04
CA ARG A 59 -1.85 7.55 -0.74
C ARG A 59 -2.38 6.14 -0.95
N SER A 60 -1.47 5.18 -1.09
CA SER A 60 -1.85 3.79 -1.28
C SER A 60 -2.48 3.21 -0.02
N LEU A 61 -1.82 3.42 1.12
CA LEU A 61 -2.31 2.92 2.39
C LEU A 61 -3.61 3.60 2.78
N GLN A 62 -3.77 4.85 2.35
CA GLN A 62 -4.98 5.62 2.66
C GLN A 62 -6.20 5.02 1.96
N ILE A 63 -6.14 4.92 0.65
CA ILE A 63 -7.25 4.36 -0.13
C ILE A 63 -7.43 2.88 0.15
N GLY A 64 -6.34 2.22 0.53
CA GLY A 64 -6.39 0.80 0.83
C GLY A 64 -7.24 0.49 2.05
N ARG A 65 -7.02 1.24 3.12
CA ARG A 65 -7.78 1.04 4.36
C ARG A 65 -9.13 1.75 4.28
N ALA A 66 -9.17 2.87 3.57
CA ALA A 66 -10.40 3.63 3.42
C ALA A 66 -11.42 2.87 2.58
N SER A 67 -10.93 2.14 1.58
CA SER A 67 -11.80 1.38 0.71
C SER A 67 -12.11 0.00 1.31
N ASN A 68 -11.15 -0.53 2.05
CA ASN A 68 -11.32 -1.84 2.68
C ASN A 68 -11.88 -1.69 4.10
N GLY A 69 -12.67 -2.67 4.52
CA GLY A 69 -13.26 -2.63 5.86
C GLY A 69 -14.37 -3.64 6.03
N GLY A 70 -13.99 -4.88 6.33
CA GLY A 70 -14.98 -5.93 6.52
C GLY A 70 -14.41 -7.31 6.29
N LEU A 71 -14.11 -8.02 7.38
CA LEU A 71 -13.56 -9.36 7.28
C LEU A 71 -14.46 -10.37 8.00
N PRO A 72 -14.84 -11.47 7.31
CA PRO A 72 -15.70 -12.50 7.90
C PRO A 72 -14.97 -13.35 8.93
N LYS A 73 -14.73 -12.78 10.11
CA LYS A 73 -14.04 -13.49 11.17
C LYS A 73 -12.62 -13.83 10.77
N ARG A 74 -11.71 -13.81 11.73
CA ARG A 74 -10.30 -14.11 11.47
C ARG A 74 -9.54 -14.34 12.78
N ASP A 75 -9.46 -15.59 13.20
CA ASP A 75 -8.76 -15.94 14.42
C ASP A 75 -7.77 -17.08 14.18
N VAL A 76 -6.60 -16.97 14.79
CA VAL A 76 -5.56 -17.99 14.64
C VAL A 76 -4.89 -18.28 15.98
N ASN A 77 -4.55 -17.23 16.71
CA ASN A 77 -3.89 -17.38 18.01
C ASN A 77 -4.79 -16.89 19.13
N THR A 78 -4.50 -17.34 20.35
CA THR A 78 -5.30 -16.94 21.51
C THR A 78 -6.75 -17.37 21.35
N VAL A 79 -7.07 -18.56 21.86
CA VAL A 79 -8.43 -19.08 21.79
C VAL A 79 -8.89 -19.60 23.14
N SER A 80 -8.04 -20.37 23.80
CA SER A 80 -8.37 -20.93 25.11
C SER A 80 -7.11 -21.18 25.92
N GLU A 81 -6.59 -20.12 26.54
CA GLU A 81 -5.38 -20.21 27.36
C GLU A 81 -5.66 -19.78 28.79
N PRO A 82 -6.11 -20.72 29.64
CA PRO A 82 -6.41 -20.43 31.04
C PRO A 82 -5.15 -20.17 31.86
N ASP A 83 -4.65 -18.94 31.78
CA ASP A 83 -3.45 -18.55 32.51
C ASP A 83 -3.13 -17.08 32.30
N SER A 84 -3.15 -16.66 31.05
CA SER A 84 -2.87 -15.27 30.70
C SER A 84 -1.45 -14.88 31.12
N GLN A 85 -0.85 -13.97 30.36
CA GLN A 85 0.50 -13.50 30.64
C GLN A 85 1.51 -14.65 30.54
N ILE A 86 2.47 -14.51 29.63
CA ILE A 86 3.49 -15.52 29.43
C ILE A 86 4.60 -15.42 30.47
N PRO A 87 5.14 -14.19 30.71
CA PRO A 87 6.21 -13.97 31.67
C PRO A 87 5.68 -13.84 33.10
N PRO A 88 6.58 -13.94 34.10
CA PRO A 88 6.21 -13.81 35.51
C PRO A 88 5.84 -12.39 35.90
N GLY A 89 4.56 -12.16 36.17
CA GLY A 89 4.11 -10.84 36.55
C GLY A 89 3.44 -10.81 37.91
N PHE A 90 2.68 -9.76 38.18
CA PHE A 90 1.98 -9.62 39.45
C PHE A 90 0.61 -10.28 39.39
N ARG A 91 -0.13 -10.01 38.31
CA ARG A 91 -1.46 -10.57 38.13
C ARG A 91 -2.40 -10.12 39.25
N GLY A 92 -2.98 -8.95 39.10
CA GLY A 92 -3.88 -8.43 40.11
C GLY A 92 -4.32 -7.01 39.82
N MET A 1 14.42 11.29 -7.98
CA MET A 1 14.25 9.88 -8.42
C MET A 1 15.43 9.02 -7.96
N PHE A 2 15.13 7.81 -7.50
CA PHE A 2 16.17 6.89 -7.04
C PHE A 2 15.66 5.45 -7.03
N ALA A 3 16.32 4.59 -7.79
CA ALA A 3 15.94 3.18 -7.86
C ALA A 3 16.49 2.41 -6.67
N MET A 4 16.19 1.11 -6.63
CA MET A 4 16.65 0.25 -5.55
C MET A 4 16.32 -1.21 -5.84
N TYR A 5 16.42 -2.05 -4.81
CA TYR A 5 16.12 -3.47 -4.95
C TYR A 5 14.90 -3.84 -4.12
N PRO A 6 14.13 -4.85 -4.57
CA PRO A 6 12.92 -5.30 -3.87
C PRO A 6 13.23 -6.31 -2.77
N ASP A 7 14.37 -6.14 -2.10
CA ASP A 7 14.77 -7.05 -1.03
C ASP A 7 14.76 -6.35 0.33
N TRP A 8 14.22 -5.14 0.38
CA TRP A 8 14.16 -4.38 1.62
C TRP A 8 13.14 -4.98 2.58
N GLN A 9 13.48 -5.02 3.86
CA GLN A 9 12.59 -5.57 4.87
C GLN A 9 12.00 -4.46 5.74
N PRO A 10 10.74 -4.63 6.19
CA PRO A 10 10.06 -3.63 7.02
C PRO A 10 10.88 -3.27 8.27
N ASP A 11 10.82 -2.01 8.65
CA ASP A 11 11.55 -1.52 9.82
C ASP A 11 10.84 -0.33 10.46
N ALA A 12 11.46 0.24 11.49
CA ALA A 12 10.90 1.39 12.19
C ALA A 12 10.70 2.56 11.24
N ASP A 13 11.57 2.65 10.24
CA ASP A 13 11.50 3.74 9.26
C ASP A 13 10.15 3.73 8.53
N PHE A 14 9.59 2.53 8.35
CA PHE A 14 8.30 2.40 7.67
C PHE A 14 7.21 3.14 8.43
N ILE A 15 7.09 2.86 9.72
CA ILE A 15 6.08 3.49 10.55
C ILE A 15 6.45 4.94 10.86
N ARG A 16 7.76 5.22 10.91
CA ARG A 16 8.24 6.56 11.18
C ARG A 16 7.85 7.51 10.06
N LEU A 17 8.16 7.14 8.82
CA LEU A 17 7.84 7.96 7.67
C LEU A 17 6.32 8.06 7.47
N ALA A 18 5.66 6.92 7.56
CA ALA A 18 4.20 6.88 7.39
C ALA A 18 3.50 7.67 8.48
N ALA A 19 4.10 7.71 9.66
CA ALA A 19 3.53 8.44 10.79
C ALA A 19 3.79 9.94 10.65
N LEU A 20 4.94 10.28 10.07
CA LEU A 20 5.31 11.68 9.88
C LEU A 20 4.62 12.26 8.65
N TRP A 21 4.38 11.41 7.66
CA TRP A 21 3.73 11.84 6.43
C TRP A 21 2.23 12.06 6.64
N GLY A 22 1.71 11.58 7.76
CA GLY A 22 0.31 11.74 8.05
C GLY A 22 -0.51 10.54 7.66
N VAL A 23 0.06 9.35 7.81
CA VAL A 23 -0.62 8.10 7.47
C VAL A 23 -0.91 7.28 8.71
N ALA A 24 -2.19 7.18 9.05
CA ALA A 24 -2.61 6.42 10.22
C ALA A 24 -3.56 5.28 9.83
N LEU A 25 -3.26 4.08 10.30
CA LEU A 25 -4.08 2.92 10.00
C LEU A 25 -4.98 2.56 11.18
N ARG A 26 -6.04 1.82 10.92
CA ARG A 26 -6.97 1.40 11.96
C ARG A 26 -6.72 -0.05 12.36
N GLU A 27 -6.46 -0.90 11.37
CA GLU A 27 -6.21 -2.30 11.63
C GLU A 27 -4.86 -2.73 11.05
N PRO A 28 -4.30 -3.85 11.54
CA PRO A 28 -3.01 -4.36 11.06
C PRO A 28 -3.08 -4.89 9.63
N VAL A 29 -2.22 -4.36 8.78
CA VAL A 29 -2.18 -4.79 7.38
C VAL A 29 -1.52 -6.15 7.23
N THR A 30 -1.81 -6.82 6.13
CA THR A 30 -1.25 -8.16 5.87
C THR A 30 -0.11 -8.08 4.85
N THR A 31 0.59 -9.18 4.69
CA THR A 31 1.71 -9.24 3.75
C THR A 31 1.23 -9.00 2.32
N GLU A 32 -0.05 -9.25 2.08
CA GLU A 32 -0.64 -9.06 0.75
C GLU A 32 -0.36 -7.65 0.23
N GLU A 33 -0.53 -6.66 1.11
CA GLU A 33 -0.30 -5.27 0.74
C GLU A 33 1.17 -5.02 0.41
N LEU A 34 2.04 -5.47 1.30
CA LEU A 34 3.48 -5.30 1.12
C LEU A 34 3.95 -5.99 -0.16
N ALA A 35 3.57 -7.24 -0.33
CA ALA A 35 3.95 -8.01 -1.51
C ALA A 35 3.45 -7.35 -2.78
N SER A 36 2.29 -6.69 -2.69
CA SER A 36 1.71 -6.01 -3.83
C SER A 36 2.56 -4.82 -4.26
N PHE A 37 3.06 -4.07 -3.28
CA PHE A 37 3.89 -2.91 -3.55
C PHE A 37 5.22 -3.31 -4.16
N ILE A 38 5.87 -4.30 -3.55
CA ILE A 38 7.16 -4.78 -4.03
C ILE A 38 7.04 -5.31 -5.46
N ALA A 39 5.99 -6.08 -5.71
CA ALA A 39 5.77 -6.65 -7.04
C ALA A 39 5.65 -5.56 -8.09
N TYR A 40 4.87 -4.52 -7.78
CA TYR A 40 4.66 -3.41 -8.70
C TYR A 40 5.95 -2.62 -8.89
N TRP A 41 6.72 -2.50 -7.81
CA TRP A 41 7.98 -1.77 -7.85
C TRP A 41 8.98 -2.46 -8.76
N GLN A 42 9.20 -3.75 -8.53
CA GLN A 42 10.14 -4.53 -9.33
C GLN A 42 9.59 -4.76 -10.73
N ALA A 43 8.27 -4.84 -10.83
CA ALA A 43 7.61 -5.07 -12.11
C ALA A 43 7.65 -3.81 -12.98
N GLU A 44 7.43 -2.66 -12.35
CA GLU A 44 7.43 -1.38 -13.06
C GLU A 44 8.79 -1.14 -13.73
N GLY A 45 9.85 -1.50 -13.03
CA GLY A 45 11.19 -1.31 -13.57
C GLY A 45 11.49 0.15 -13.88
N LYS A 46 11.00 1.04 -13.03
CA LYS A 46 11.22 2.48 -13.22
C LYS A 46 11.86 3.09 -11.97
N VAL A 47 11.83 4.42 -11.89
CA VAL A 47 12.41 5.14 -10.77
C VAL A 47 11.45 6.18 -10.23
N PHE A 48 11.41 6.33 -8.90
CA PHE A 48 10.54 7.30 -8.26
C PHE A 48 11.30 8.19 -7.30
N HIS A 49 10.76 9.37 -7.04
CA HIS A 49 11.40 10.32 -6.12
C HIS A 49 10.99 10.06 -4.68
N HIS A 50 11.64 10.75 -3.75
CA HIS A 50 11.33 10.59 -2.33
C HIS A 50 9.94 11.11 -2.02
N VAL A 51 9.61 12.28 -2.56
CA VAL A 51 8.31 12.90 -2.33
C VAL A 51 7.20 12.10 -3.02
N GLN A 52 7.54 11.50 -4.15
CA GLN A 52 6.59 10.71 -4.92
C GLN A 52 6.27 9.40 -4.20
N TRP A 53 7.30 8.81 -3.59
CA TRP A 53 7.14 7.55 -2.87
C TRP A 53 6.26 7.75 -1.64
N GLN A 54 6.50 8.83 -0.91
CA GLN A 54 5.73 9.12 0.29
C GLN A 54 4.31 9.56 -0.07
N GLN A 55 4.19 10.40 -1.09
CA GLN A 55 2.89 10.89 -1.53
C GLN A 55 2.00 9.75 -2.03
N LYS A 56 2.55 8.93 -2.91
CA LYS A 56 1.81 7.81 -3.47
C LYS A 56 1.34 6.86 -2.38
N LEU A 57 2.27 6.39 -1.56
CA LEU A 57 1.96 5.47 -0.47
C LEU A 57 0.92 6.06 0.47
N ALA A 58 1.10 7.34 0.82
CA ALA A 58 0.18 8.02 1.73
C ALA A 58 -1.20 8.19 1.10
N ARG A 59 -1.25 8.90 -0.03
CA ARG A 59 -2.50 9.14 -0.72
C ARG A 59 -3.18 7.83 -1.11
N SER A 60 -2.38 6.80 -1.36
CA SER A 60 -2.90 5.49 -1.75
C SER A 60 -3.59 4.82 -0.56
N LEU A 61 -2.88 4.71 0.56
CA LEU A 61 -3.42 4.09 1.75
C LEU A 61 -4.66 4.81 2.23
N GLN A 62 -4.73 6.11 1.97
CA GLN A 62 -5.87 6.93 2.37
C GLN A 62 -7.11 6.56 1.57
N ILE A 63 -6.99 6.59 0.25
CA ILE A 63 -8.10 6.26 -0.64
C ILE A 63 -8.42 4.78 -0.58
N GLY A 64 -7.46 3.98 -0.13
CA GLY A 64 -7.67 2.54 -0.05
C GLY A 64 -8.57 2.16 1.12
N ARG A 65 -8.28 2.72 2.29
CA ARG A 65 -9.07 2.44 3.49
C ARG A 65 -10.46 3.06 3.40
N ALA A 66 -10.56 4.15 2.64
CA ALA A 66 -11.83 4.85 2.48
C ALA A 66 -12.91 3.91 1.95
N SER A 67 -12.50 2.91 1.19
CA SER A 67 -13.44 1.94 0.62
C SER A 67 -13.40 0.64 1.41
N ASN A 68 -12.21 0.21 1.78
CA ASN A 68 -12.04 -1.03 2.54
C ASN A 68 -12.59 -2.23 1.77
N GLY A 69 -12.50 -2.16 0.45
CA GLY A 69 -13.00 -3.25 -0.38
C GLY A 69 -14.33 -2.91 -1.04
N GLY A 70 -14.74 -3.75 -1.98
CA GLY A 70 -16.00 -3.52 -2.67
C GLY A 70 -16.39 -4.69 -3.57
N LEU A 71 -15.80 -4.73 -4.76
CA LEU A 71 -16.09 -5.79 -5.72
C LEU A 71 -15.51 -7.12 -5.24
N PRO A 72 -14.17 -7.21 -5.07
CA PRO A 72 -13.51 -8.43 -4.63
C PRO A 72 -13.82 -8.76 -3.18
N LYS A 73 -13.73 -10.04 -2.84
CA LYS A 73 -14.01 -10.49 -1.48
C LYS A 73 -12.74 -11.05 -0.82
N ARG A 74 -12.88 -11.53 0.42
CA ARG A 74 -11.75 -12.07 1.16
C ARG A 74 -11.22 -13.34 0.48
N ASP A 75 -10.04 -13.23 -0.11
CA ASP A 75 -9.42 -14.35 -0.80
C ASP A 75 -7.97 -14.52 -0.37
N VAL A 76 -7.68 -15.63 0.30
CA VAL A 76 -6.33 -15.91 0.78
C VAL A 76 -5.63 -16.91 -0.14
N ASN A 77 -4.51 -16.49 -0.71
CA ASN A 77 -3.74 -17.35 -1.61
C ASN A 77 -3.13 -18.53 -0.85
N THR A 78 -3.42 -19.74 -1.30
CA THR A 78 -2.91 -20.95 -0.66
C THR A 78 -3.22 -20.96 0.83
N VAL A 79 -4.41 -21.44 1.18
CA VAL A 79 -4.83 -21.51 2.57
C VAL A 79 -5.49 -22.84 2.88
N SER A 80 -5.23 -23.37 4.08
CA SER A 80 -5.81 -24.64 4.49
C SER A 80 -6.19 -24.60 5.97
N GLU A 81 -7.35 -25.17 6.29
CA GLU A 81 -7.82 -25.20 7.67
C GLU A 81 -6.93 -26.08 8.54
N PRO A 82 -6.68 -27.33 8.12
CA PRO A 82 -5.84 -28.27 8.87
C PRO A 82 -4.40 -27.78 8.97
N ASP A 83 -4.03 -27.28 10.16
CA ASP A 83 -2.68 -26.78 10.38
C ASP A 83 -2.36 -26.72 11.87
N SER A 84 -1.09 -26.88 12.22
CA SER A 84 -0.66 -26.83 13.61
C SER A 84 -0.85 -25.43 14.19
N GLN A 85 -0.78 -25.34 15.51
CA GLN A 85 -0.95 -24.06 16.19
C GLN A 85 0.19 -23.82 17.17
N ILE A 86 1.37 -23.49 16.64
CA ILE A 86 2.54 -23.23 17.47
C ILE A 86 2.55 -21.79 17.99
N PRO A 87 2.29 -20.80 17.11
CA PRO A 87 2.27 -19.39 17.51
C PRO A 87 1.27 -19.11 18.63
N PRO A 88 1.64 -18.25 19.60
CA PRO A 88 0.76 -17.90 20.71
C PRO A 88 -0.35 -16.95 20.31
N GLY A 89 -1.60 -17.42 20.37
CA GLY A 89 -2.73 -16.59 20.01
C GLY A 89 -4.04 -17.34 20.10
N PHE A 90 -5.08 -16.78 19.49
CA PHE A 90 -6.41 -17.39 19.50
C PHE A 90 -7.15 -17.11 18.20
N ARG A 91 -7.27 -15.84 17.85
CA ARG A 91 -7.96 -15.44 16.63
C ARG A 91 -7.01 -15.46 15.44
N GLY A 92 -5.74 -15.12 15.69
CA GLY A 92 -4.76 -15.10 14.63
C GLY A 92 -4.66 -13.76 13.94
N MET A 1 16.16 11.41 -9.23
CA MET A 1 15.48 10.12 -8.97
C MET A 1 16.46 9.08 -8.41
N PHE A 2 15.92 8.08 -7.73
CA PHE A 2 16.74 7.02 -7.15
C PHE A 2 16.00 5.69 -7.16
N ALA A 3 16.48 4.77 -7.99
CA ALA A 3 15.86 3.45 -8.10
C ALA A 3 16.32 2.55 -6.97
N MET A 4 15.42 2.33 -6.00
CA MET A 4 15.73 1.48 -4.86
C MET A 4 15.66 0.00 -5.24
N TYR A 5 15.72 -0.86 -4.24
CA TYR A 5 15.66 -2.31 -4.47
C TYR A 5 14.40 -2.89 -3.85
N PRO A 6 13.77 -3.87 -4.52
CA PRO A 6 12.55 -4.51 -4.02
C PRO A 6 12.83 -5.65 -3.04
N ASP A 7 13.89 -5.52 -2.26
CA ASP A 7 14.26 -6.54 -1.28
C ASP A 7 14.09 -6.05 0.15
N TRP A 8 13.82 -4.75 0.31
CA TRP A 8 13.65 -4.15 1.62
C TRP A 8 12.60 -4.90 2.43
N GLN A 9 12.87 -5.07 3.72
CA GLN A 9 11.95 -5.77 4.61
C GLN A 9 11.19 -4.77 5.49
N PRO A 10 9.99 -5.16 5.96
CA PRO A 10 9.16 -4.31 6.82
C PRO A 10 9.81 -4.04 8.17
N ASP A 11 9.68 -2.82 8.66
CA ASP A 11 10.25 -2.43 9.95
C ASP A 11 9.52 -1.23 10.53
N ALA A 12 9.95 -0.80 11.71
CA ALA A 12 9.34 0.35 12.38
C ALA A 12 9.52 1.62 11.56
N ASP A 13 10.60 1.69 10.80
CA ASP A 13 10.89 2.85 9.97
C ASP A 13 9.76 3.10 8.97
N PHE A 14 9.11 2.02 8.55
CA PHE A 14 8.01 2.13 7.59
C PHE A 14 6.84 2.89 8.20
N ILE A 15 6.51 2.57 9.45
CA ILE A 15 5.41 3.22 10.15
C ILE A 15 5.78 4.64 10.56
N ARG A 16 7.05 4.83 10.90
CA ARG A 16 7.54 6.13 11.32
C ARG A 16 7.36 7.17 10.21
N LEU A 17 7.91 6.86 9.04
CA LEU A 17 7.82 7.75 7.89
C LEU A 17 6.37 7.91 7.45
N ALA A 18 5.65 6.80 7.38
CA ALA A 18 4.24 6.82 6.97
C ALA A 18 3.40 7.66 7.93
N ALA A 19 3.66 7.50 9.23
CA ALA A 19 2.92 8.24 10.24
C ALA A 19 3.15 9.74 10.10
N LEU A 20 4.38 10.12 9.77
CA LEU A 20 4.73 11.52 9.61
C LEU A 20 4.33 12.02 8.23
N TRP A 21 4.36 11.12 7.24
CA TRP A 21 4.00 11.47 5.87
C TRP A 21 2.50 11.70 5.74
N GLY A 22 1.74 11.31 6.76
CA GLY A 22 0.30 11.49 6.73
C GLY A 22 -0.44 10.18 6.57
N VAL A 23 -0.01 9.16 7.30
CA VAL A 23 -0.64 7.85 7.23
C VAL A 23 -0.99 7.33 8.63
N ALA A 24 -2.28 7.12 8.86
CA ALA A 24 -2.74 6.63 10.15
C ALA A 24 -3.43 5.28 10.01
N LEU A 25 -2.68 4.21 10.24
CA LEU A 25 -3.21 2.86 10.14
C LEU A 25 -3.69 2.36 11.50
N ARG A 26 -4.93 1.88 11.55
CA ARG A 26 -5.50 1.36 12.79
C ARG A 26 -4.81 0.07 13.22
N GLU A 27 -4.87 -0.94 12.37
CA GLU A 27 -4.25 -2.23 12.67
C GLU A 27 -2.82 -2.27 12.14
N PRO A 28 -2.00 -3.20 12.67
CA PRO A 28 -0.59 -3.34 12.24
C PRO A 28 -0.46 -3.47 10.73
N VAL A 29 0.79 -3.46 10.25
CA VAL A 29 1.06 -3.58 8.82
C VAL A 29 0.90 -5.02 8.36
N THR A 30 0.04 -5.23 7.36
CA THR A 30 -0.20 -6.56 6.82
C THR A 30 0.71 -6.83 5.62
N THR A 31 0.89 -8.10 5.29
CA THR A 31 1.72 -8.50 4.16
C THR A 31 1.05 -8.15 2.84
N GLU A 32 -0.28 -8.16 2.83
CA GLU A 32 -1.05 -7.85 1.63
C GLU A 32 -0.68 -6.48 1.09
N GLU A 33 -0.64 -5.48 1.97
CA GLU A 33 -0.30 -4.12 1.57
C GLU A 33 1.15 -4.04 1.12
N LEU A 34 2.04 -4.67 1.87
CA LEU A 34 3.46 -4.66 1.55
C LEU A 34 3.72 -5.34 0.21
N ALA A 35 3.20 -6.55 0.06
CA ALA A 35 3.37 -7.31 -1.18
C ALA A 35 2.81 -6.54 -2.38
N SER A 36 1.74 -5.78 -2.14
CA SER A 36 1.12 -5.01 -3.21
C SER A 36 2.07 -3.92 -3.72
N PHE A 37 2.67 -3.19 -2.78
CA PHE A 37 3.60 -2.11 -3.13
C PHE A 37 4.82 -2.67 -3.87
N ILE A 38 5.41 -3.73 -3.34
CA ILE A 38 6.57 -4.36 -3.95
C ILE A 38 6.23 -4.94 -5.31
N ALA A 39 5.00 -5.41 -5.46
CA ALA A 39 4.54 -6.00 -6.71
C ALA A 39 4.50 -4.95 -7.82
N TYR A 40 4.02 -3.76 -7.47
CA TYR A 40 3.92 -2.67 -8.44
C TYR A 40 5.28 -2.03 -8.69
N TRP A 41 6.10 -1.96 -7.63
CA TRP A 41 7.43 -1.37 -7.72
C TRP A 41 8.32 -2.22 -8.62
N GLN A 42 8.19 -3.54 -8.51
CA GLN A 42 8.99 -4.46 -9.30
C GLN A 42 8.51 -4.48 -10.76
N ALA A 43 7.20 -4.52 -10.94
CA ALA A 43 6.61 -4.54 -12.27
C ALA A 43 6.81 -3.20 -12.99
N GLU A 44 6.85 -2.13 -12.20
CA GLU A 44 7.04 -0.79 -12.77
C GLU A 44 8.40 -0.67 -13.42
N GLY A 45 9.44 -1.07 -12.71
CA GLY A 45 10.79 -0.99 -13.24
C GLY A 45 11.18 0.42 -13.63
N LYS A 46 10.69 1.40 -12.88
CA LYS A 46 10.99 2.80 -13.14
C LYS A 46 11.79 3.41 -11.99
N VAL A 47 11.84 4.73 -11.96
CA VAL A 47 12.57 5.44 -10.91
C VAL A 47 11.79 6.67 -10.43
N PHE A 48 11.86 6.92 -9.13
CA PHE A 48 11.15 8.07 -8.55
C PHE A 48 12.00 8.75 -7.49
N HIS A 49 11.55 9.90 -7.02
CA HIS A 49 12.27 10.66 -6.00
C HIS A 49 11.72 10.34 -4.61
N HIS A 50 12.13 11.12 -3.62
CA HIS A 50 11.67 10.92 -2.25
C HIS A 50 10.22 11.31 -2.10
N VAL A 51 9.86 12.47 -2.66
CA VAL A 51 8.49 12.96 -2.59
C VAL A 51 7.53 12.03 -3.34
N GLN A 52 7.96 11.57 -4.51
CA GLN A 52 7.14 10.66 -5.32
C GLN A 52 6.87 9.37 -4.56
N TRP A 53 7.87 8.89 -3.83
CA TRP A 53 7.75 7.66 -3.05
C TRP A 53 6.76 7.86 -1.90
N GLN A 54 6.77 9.07 -1.33
CA GLN A 54 5.90 9.40 -0.22
C GLN A 54 4.43 9.36 -0.65
N GLN A 55 4.09 10.16 -1.65
CA GLN A 55 2.73 10.22 -2.16
C GLN A 55 2.28 8.86 -2.68
N LYS A 56 3.21 8.12 -3.29
CA LYS A 56 2.92 6.81 -3.83
C LYS A 56 2.54 5.83 -2.72
N LEU A 57 3.40 5.71 -1.72
CA LEU A 57 3.15 4.81 -0.60
C LEU A 57 1.94 5.26 0.20
N ALA A 58 1.84 6.56 0.43
CA ALA A 58 0.74 7.12 1.20
C ALA A 58 -0.60 6.79 0.55
N ARG A 59 -0.78 7.24 -0.70
CA ARG A 59 -2.02 6.98 -1.42
C ARG A 59 -2.28 5.48 -1.56
N SER A 60 -1.21 4.70 -1.61
CA SER A 60 -1.32 3.25 -1.73
C SER A 60 -1.86 2.63 -0.44
N LEU A 61 -1.45 3.19 0.69
CA LEU A 61 -1.90 2.69 1.99
C LEU A 61 -3.29 3.21 2.32
N GLN A 62 -3.58 4.44 1.91
CA GLN A 62 -4.88 5.05 2.17
C GLN A 62 -5.96 4.44 1.27
N ILE A 63 -5.67 4.37 -0.02
CA ILE A 63 -6.61 3.80 -0.99
C ILE A 63 -6.54 2.28 -1.00
N GLY A 64 -5.42 1.74 -0.53
CA GLY A 64 -5.25 0.30 -0.51
C GLY A 64 -5.97 -0.36 0.66
N ARG A 65 -5.89 0.27 1.83
CA ARG A 65 -6.53 -0.25 3.03
C ARG A 65 -8.03 -0.03 2.98
N ALA A 66 -8.45 1.06 2.33
CA ALA A 66 -9.87 1.38 2.20
C ALA A 66 -10.55 0.48 1.19
N SER A 67 -9.80 0.05 0.18
CA SER A 67 -10.34 -0.83 -0.85
C SER A 67 -10.15 -2.29 -0.49
N ASN A 68 -9.06 -2.59 0.19
CA ASN A 68 -8.76 -3.96 0.60
C ASN A 68 -8.72 -4.07 2.12
N GLY A 69 -9.74 -3.53 2.78
CA GLY A 69 -9.80 -3.59 4.22
C GLY A 69 -11.22 -3.72 4.74
N GLY A 70 -12.09 -4.32 3.93
CA GLY A 70 -13.47 -4.50 4.33
C GLY A 70 -13.80 -5.93 4.67
N LEU A 71 -13.06 -6.87 4.08
CA LEU A 71 -13.29 -8.29 4.33
C LEU A 71 -12.29 -8.82 5.36
N PRO A 72 -12.77 -9.12 6.59
CA PRO A 72 -11.91 -9.63 7.66
C PRO A 72 -11.06 -10.82 7.21
N LYS A 73 -10.16 -11.26 8.08
CA LYS A 73 -9.29 -12.38 7.77
C LYS A 73 -10.02 -13.70 7.97
N ARG A 74 -10.23 -14.43 6.88
CA ARG A 74 -10.91 -15.72 6.93
C ARG A 74 -9.91 -16.87 7.05
N ASP A 75 -10.40 -18.02 7.48
CA ASP A 75 -9.55 -19.20 7.64
C ASP A 75 -10.12 -20.39 6.89
N VAL A 76 -9.23 -21.30 6.47
CA VAL A 76 -9.64 -22.49 5.74
C VAL A 76 -8.84 -23.71 6.17
N ASN A 77 -9.50 -24.85 6.27
CA ASN A 77 -8.84 -26.09 6.67
C ASN A 77 -8.25 -25.96 8.07
N THR A 78 -7.94 -27.10 8.68
CA THR A 78 -7.36 -27.11 10.03
C THR A 78 -5.83 -27.18 9.97
N VAL A 79 -5.19 -26.05 10.24
CA VAL A 79 -3.74 -25.98 10.21
C VAL A 79 -3.15 -26.10 11.62
N SER A 80 -3.00 -27.34 12.08
CA SER A 80 -2.45 -27.59 13.40
C SER A 80 -1.22 -28.50 13.32
N GLU A 81 -0.43 -28.32 12.27
CA GLU A 81 0.77 -29.10 12.08
C GLU A 81 1.93 -28.24 11.58
N PRO A 82 3.18 -28.60 11.93
CA PRO A 82 4.36 -27.84 11.51
C PRO A 82 4.64 -27.97 10.02
N ASP A 83 3.88 -27.22 9.21
CA ASP A 83 4.04 -27.25 7.76
C ASP A 83 4.63 -25.94 7.25
N SER A 84 4.30 -24.85 7.94
CA SER A 84 4.81 -23.53 7.56
C SER A 84 6.07 -23.18 8.34
N GLN A 85 5.88 -22.73 9.58
CA GLN A 85 7.00 -22.36 10.44
C GLN A 85 6.51 -21.92 11.81
N ILE A 86 6.86 -22.68 12.84
CA ILE A 86 6.45 -22.37 14.21
C ILE A 86 4.96 -22.05 14.29
N PRO A 87 4.11 -23.08 14.42
CA PRO A 87 2.66 -22.90 14.51
C PRO A 87 2.27 -21.92 15.61
N PRO A 88 1.15 -21.18 15.40
CA PRO A 88 0.68 -20.20 16.39
C PRO A 88 0.51 -20.81 17.78
N GLY A 89 -0.35 -21.81 17.88
CA GLY A 89 -0.59 -22.47 19.16
C GLY A 89 0.68 -23.06 19.75
N PHE A 90 1.23 -22.39 20.76
CA PHE A 90 2.44 -22.85 21.42
C PHE A 90 2.12 -23.88 22.50
N ARG A 91 2.50 -25.12 22.26
CA ARG A 91 2.25 -26.20 23.22
C ARG A 91 3.26 -26.16 24.36
N GLY A 92 4.54 -26.11 24.00
CA GLY A 92 5.59 -26.07 25.01
C GLY A 92 6.45 -24.83 24.89
N MET A 1 15.66 10.59 -9.62
CA MET A 1 14.87 9.70 -8.73
C MET A 1 15.77 8.76 -7.94
N PHE A 2 15.16 7.84 -7.19
CA PHE A 2 15.91 6.88 -6.40
C PHE A 2 15.26 5.50 -6.46
N ALA A 3 15.94 4.56 -7.11
CA ALA A 3 15.44 3.21 -7.25
C ALA A 3 16.21 2.24 -6.36
N MET A 4 15.82 0.97 -6.39
CA MET A 4 16.48 -0.05 -5.58
C MET A 4 15.94 -1.44 -5.92
N TYR A 5 16.36 -2.43 -5.15
CA TYR A 5 15.91 -3.80 -5.36
C TYR A 5 14.70 -4.13 -4.48
N PRO A 6 13.96 -5.21 -4.80
CA PRO A 6 12.79 -5.62 -4.04
C PRO A 6 13.13 -6.52 -2.87
N ASP A 7 14.22 -6.20 -2.18
CA ASP A 7 14.67 -6.98 -1.03
C ASP A 7 14.50 -6.21 0.27
N TRP A 8 14.18 -4.93 0.18
CA TRP A 8 13.98 -4.10 1.37
C TRP A 8 12.85 -4.63 2.23
N GLN A 9 12.99 -4.49 3.54
CA GLN A 9 11.98 -4.95 4.48
C GLN A 9 11.44 -3.79 5.32
N PRO A 10 10.21 -3.91 5.82
CA PRO A 10 9.57 -2.88 6.64
C PRO A 10 10.23 -2.75 8.01
N ASP A 11 10.28 -1.52 8.53
CA ASP A 11 10.89 -1.27 9.83
C ASP A 11 10.15 -0.15 10.56
N ALA A 12 10.72 0.30 11.67
CA ALA A 12 10.12 1.37 12.46
C ALA A 12 9.98 2.65 11.64
N ASP A 13 10.92 2.87 10.73
CA ASP A 13 10.90 4.05 9.89
C ASP A 13 9.64 4.08 9.02
N PHE A 14 9.14 2.90 8.67
CA PHE A 14 7.94 2.80 7.86
C PHE A 14 6.74 3.46 8.56
N ILE A 15 6.53 3.09 9.82
CA ILE A 15 5.43 3.64 10.60
C ILE A 15 5.73 5.06 11.05
N ARG A 16 7.00 5.31 11.38
CA ARG A 16 7.42 6.64 11.83
C ARG A 16 7.25 7.67 10.72
N LEU A 17 7.69 7.32 9.52
CA LEU A 17 7.58 8.22 8.38
C LEU A 17 6.12 8.40 7.96
N ALA A 18 5.40 7.29 7.92
CA ALA A 18 3.99 7.31 7.52
C ALA A 18 3.17 8.19 8.47
N ALA A 19 3.54 8.19 9.74
CA ALA A 19 2.85 8.98 10.75
C ALA A 19 3.04 10.48 10.50
N LEU A 20 4.24 10.85 10.09
CA LEU A 20 4.56 12.24 9.80
C LEU A 20 4.08 12.63 8.41
N TRP A 21 4.05 11.67 7.50
CA TRP A 21 3.62 11.91 6.13
C TRP A 21 2.10 12.10 6.06
N GLY A 22 1.41 11.75 7.14
CA GLY A 22 -0.04 11.89 7.17
C GLY A 22 -0.76 10.57 7.08
N VAL A 23 -0.33 9.61 7.88
CA VAL A 23 -0.93 8.27 7.89
C VAL A 23 -1.04 7.72 9.30
N ALA A 24 -2.24 7.33 9.70
CA ALA A 24 -2.47 6.78 11.03
C ALA A 24 -2.81 5.30 10.97
N LEU A 25 -1.84 4.46 11.32
CA LEU A 25 -2.04 3.01 11.29
C LEU A 25 -1.87 2.42 12.68
N ARG A 26 -2.93 1.81 13.20
CA ARG A 26 -2.89 1.20 14.53
C ARG A 26 -2.11 -0.11 14.50
N GLU A 27 -2.18 -0.82 13.39
CA GLU A 27 -1.48 -2.10 13.24
C GLU A 27 -0.43 -2.00 12.14
N PRO A 28 0.52 -2.95 12.11
CA PRO A 28 1.59 -2.97 11.10
C PRO A 28 1.05 -3.20 9.69
N VAL A 29 1.93 -3.11 8.71
CA VAL A 29 1.55 -3.31 7.32
C VAL A 29 1.12 -4.76 7.06
N THR A 30 0.28 -4.95 6.04
CA THR A 30 -0.20 -6.28 5.69
C THR A 30 0.62 -6.88 4.55
N THR A 31 0.55 -8.19 4.40
CA THR A 31 1.28 -8.88 3.36
C THR A 31 0.77 -8.49 1.97
N GLU A 32 -0.55 -8.40 1.84
CA GLU A 32 -1.18 -8.03 0.58
C GLU A 32 -0.71 -6.65 0.13
N GLU A 33 -0.59 -5.73 1.08
CA GLU A 33 -0.15 -4.37 0.77
C GLU A 33 1.29 -4.37 0.29
N LEU A 34 2.16 -5.06 1.02
CA LEU A 34 3.58 -5.14 0.66
C LEU A 34 3.77 -5.91 -0.64
N ALA A 35 3.02 -6.99 -0.80
CA ALA A 35 3.10 -7.81 -2.00
C ALA A 35 2.76 -7.00 -3.25
N SER A 36 1.79 -6.10 -3.11
CA SER A 36 1.37 -5.27 -4.22
C SER A 36 2.39 -4.18 -4.51
N PHE A 37 3.03 -3.68 -3.45
CA PHE A 37 4.04 -2.64 -3.58
C PHE A 37 5.26 -3.15 -4.34
N ILE A 38 5.88 -4.20 -3.79
CA ILE A 38 7.06 -4.79 -4.40
C ILE A 38 6.75 -5.30 -5.80
N ALA A 39 5.59 -5.94 -5.95
CA ALA A 39 5.17 -6.47 -7.24
C ALA A 39 5.10 -5.38 -8.29
N TYR A 40 4.27 -4.37 -8.03
CA TYR A 40 4.12 -3.25 -8.97
C TYR A 40 5.43 -2.47 -9.10
N TRP A 41 6.20 -2.44 -8.02
CA TRP A 41 7.47 -1.73 -8.01
C TRP A 41 8.48 -2.41 -8.95
N GLN A 42 8.50 -3.74 -8.93
CA GLN A 42 9.42 -4.49 -9.77
C GLN A 42 8.91 -4.53 -11.21
N ALA A 43 7.61 -4.75 -11.38
CA ALA A 43 7.01 -4.80 -12.70
C ALA A 43 7.07 -3.44 -13.39
N GLU A 44 7.02 -2.38 -12.60
CA GLU A 44 7.08 -1.02 -13.13
C GLU A 44 8.37 -0.79 -13.90
N GLY A 45 9.50 -1.14 -13.29
CA GLY A 45 10.78 -0.97 -13.95
C GLY A 45 11.15 0.50 -14.13
N LYS A 46 10.80 1.31 -13.14
CA LYS A 46 11.09 2.74 -13.19
C LYS A 46 11.79 3.20 -11.91
N VAL A 47 11.85 4.51 -11.72
CA VAL A 47 12.49 5.07 -10.53
C VAL A 47 11.59 6.11 -9.86
N PHE A 48 11.60 6.13 -8.54
CA PHE A 48 10.78 7.08 -7.78
C PHE A 48 11.64 7.91 -6.83
N HIS A 49 11.23 9.15 -6.60
CA HIS A 49 11.96 10.04 -5.70
C HIS A 49 11.47 9.87 -4.26
N HIS A 50 11.98 10.73 -3.37
CA HIS A 50 11.59 10.68 -1.96
C HIS A 50 10.12 11.07 -1.78
N VAL A 51 9.71 12.12 -2.47
CA VAL A 51 8.33 12.60 -2.40
C VAL A 51 7.37 11.60 -3.03
N GLN A 52 7.77 11.03 -4.15
CA GLN A 52 6.94 10.05 -4.85
C GLN A 52 6.77 8.79 -4.02
N TRP A 53 7.83 8.40 -3.31
CA TRP A 53 7.80 7.21 -2.47
C TRP A 53 6.82 7.38 -1.31
N GLN A 54 6.90 8.54 -0.67
CA GLN A 54 6.02 8.83 0.46
C GLN A 54 4.59 9.10 0.00
N GLN A 55 4.46 9.83 -1.10
CA GLN A 55 3.15 10.16 -1.65
C GLN A 55 2.43 8.91 -2.13
N LYS A 56 3.12 8.10 -2.93
CA LYS A 56 2.55 6.87 -3.46
C LYS A 56 2.11 5.93 -2.33
N LEU A 57 3.04 5.65 -1.42
CA LEU A 57 2.76 4.76 -0.30
C LEU A 57 1.62 5.32 0.55
N ALA A 58 1.69 6.60 0.88
CA ALA A 58 0.68 7.24 1.69
C ALA A 58 -0.69 7.19 1.01
N ARG A 59 -0.70 7.46 -0.29
CA ARG A 59 -1.94 7.44 -1.06
C ARG A 59 -2.46 6.01 -1.22
N SER A 60 -1.54 5.05 -1.22
CA SER A 60 -1.90 3.65 -1.37
C SER A 60 -2.57 3.12 -0.10
N LEU A 61 -2.01 3.46 1.05
CA LEU A 61 -2.55 3.02 2.32
C LEU A 61 -3.85 3.75 2.63
N GLN A 62 -3.92 5.02 2.26
CA GLN A 62 -5.11 5.83 2.50
C GLN A 62 -6.31 5.28 1.74
N ILE A 63 -6.17 5.15 0.43
CA ILE A 63 -7.24 4.63 -0.42
C ILE A 63 -7.34 3.10 -0.32
N GLY A 64 -6.26 2.47 0.14
CA GLY A 64 -6.26 1.03 0.28
C GLY A 64 -7.07 0.55 1.45
N ARG A 65 -7.10 1.35 2.52
CA ARG A 65 -7.85 1.01 3.72
C ARG A 65 -9.33 1.34 3.57
N ALA A 66 -9.62 2.34 2.73
CA ALA A 66 -10.99 2.76 2.50
C ALA A 66 -11.74 1.77 1.62
N SER A 67 -11.22 1.56 0.41
CA SER A 67 -11.84 0.63 -0.53
C SER A 67 -11.10 -0.70 -0.58
N ASN A 68 -9.77 -0.63 -0.58
CA ASN A 68 -8.94 -1.83 -0.63
C ASN A 68 -9.16 -2.58 -1.93
N GLY A 69 -8.73 -1.98 -3.04
CA GLY A 69 -8.89 -2.60 -4.33
C GLY A 69 -9.50 -1.67 -5.36
N GLY A 70 -10.82 -1.73 -5.50
CA GLY A 70 -11.52 -0.89 -6.45
C GLY A 70 -12.93 -1.36 -6.72
N LEU A 71 -13.85 -1.08 -5.80
CA LEU A 71 -15.23 -1.48 -5.96
C LEU A 71 -16.05 -0.39 -6.67
N PRO A 72 -16.99 -0.79 -7.54
CA PRO A 72 -17.83 0.17 -8.28
C PRO A 72 -18.53 1.15 -7.35
N LYS A 73 -17.91 2.30 -7.13
CA LYS A 73 -18.48 3.33 -6.26
C LYS A 73 -19.78 3.88 -6.86
N ARG A 74 -19.85 3.90 -8.19
CA ARG A 74 -21.03 4.40 -8.88
C ARG A 74 -20.97 4.08 -10.36
N ASP A 75 -21.28 2.83 -10.72
CA ASP A 75 -21.25 2.40 -12.10
C ASP A 75 -22.62 2.59 -12.75
N VAL A 76 -22.74 3.60 -13.61
CA VAL A 76 -23.99 3.89 -14.29
C VAL A 76 -23.77 4.89 -15.42
N ASN A 77 -22.99 5.93 -15.15
CA ASN A 77 -22.71 6.96 -16.14
C ASN A 77 -21.54 7.83 -15.71
N THR A 78 -20.93 8.52 -16.67
CA THR A 78 -19.80 9.40 -16.39
C THR A 78 -18.73 8.68 -15.57
N VAL A 79 -18.38 7.47 -16.00
CA VAL A 79 -17.37 6.68 -15.30
C VAL A 79 -16.45 5.96 -16.29
N SER A 80 -15.15 6.14 -16.10
CA SER A 80 -14.16 5.52 -16.98
C SER A 80 -12.88 5.20 -16.23
N GLU A 81 -12.98 5.09 -14.90
CA GLU A 81 -11.82 4.80 -14.07
C GLU A 81 -10.77 5.91 -14.16
N PRO A 82 -10.26 6.37 -13.01
CA PRO A 82 -9.25 7.44 -12.97
C PRO A 82 -7.85 6.93 -13.31
N ASP A 83 -7.72 6.35 -14.50
CA ASP A 83 -6.43 5.82 -14.94
C ASP A 83 -5.95 6.54 -16.20
N SER A 84 -6.87 6.83 -17.10
CA SER A 84 -6.55 7.52 -18.34
C SER A 84 -7.66 8.48 -18.74
N GLN A 85 -7.30 9.74 -18.94
CA GLN A 85 -8.26 10.77 -19.33
C GLN A 85 -7.75 11.58 -20.51
N ILE A 86 -8.64 12.37 -21.12
CA ILE A 86 -8.27 13.19 -22.26
C ILE A 86 -8.00 14.64 -21.83
N PRO A 87 -6.73 15.09 -21.91
CA PRO A 87 -6.36 16.45 -21.52
C PRO A 87 -7.29 17.51 -22.12
N PRO A 88 -8.19 18.08 -21.30
CA PRO A 88 -9.14 19.10 -21.76
C PRO A 88 -8.46 20.44 -22.04
N GLY A 89 -7.59 20.85 -21.13
CA GLY A 89 -6.88 22.11 -21.29
C GLY A 89 -7.70 23.30 -20.87
N PHE A 90 -7.64 23.64 -19.59
CA PHE A 90 -8.40 24.77 -19.06
C PHE A 90 -7.82 26.09 -19.57
N ARG A 91 -8.53 27.18 -19.28
CA ARG A 91 -8.10 28.51 -19.71
C ARG A 91 -8.23 29.52 -18.58
N GLY A 92 -7.10 29.87 -17.96
CA GLY A 92 -7.12 30.82 -16.87
C GLY A 92 -6.89 32.25 -17.34
N MET A 1 15.47 11.10 -7.92
CA MET A 1 14.87 9.74 -7.93
C MET A 1 15.88 8.68 -7.49
N PHE A 2 15.39 7.55 -7.00
CA PHE A 2 16.26 6.47 -6.55
C PHE A 2 15.48 5.16 -6.40
N ALA A 3 15.93 4.14 -7.10
CA ALA A 3 15.27 2.83 -7.04
C ALA A 3 16.09 1.84 -6.22
N MET A 4 15.59 0.62 -6.10
CA MET A 4 16.27 -0.42 -5.34
C MET A 4 15.75 -1.80 -5.72
N TYR A 5 16.10 -2.80 -4.91
CA TYR A 5 15.65 -4.17 -5.15
C TYR A 5 14.47 -4.52 -4.25
N PRO A 6 13.67 -5.53 -4.63
CA PRO A 6 12.50 -5.94 -3.85
C PRO A 6 12.86 -6.90 -2.71
N ASP A 7 14.02 -6.68 -2.09
CA ASP A 7 14.47 -7.52 -0.99
C ASP A 7 14.51 -6.73 0.32
N TRP A 8 14.33 -5.41 0.24
CA TRP A 8 14.36 -4.56 1.43
C TRP A 8 13.37 -5.04 2.48
N GLN A 9 13.62 -4.65 3.74
CA GLN A 9 12.75 -5.04 4.84
C GLN A 9 12.35 -3.81 5.66
N PRO A 10 11.07 -3.75 6.09
CA PRO A 10 10.57 -2.61 6.88
C PRO A 10 11.44 -2.32 8.10
N ASP A 11 11.14 -1.22 8.77
CA ASP A 11 11.90 -0.82 9.96
C ASP A 11 11.20 0.31 10.69
N ALA A 12 11.88 0.87 11.69
CA ALA A 12 11.32 1.97 12.48
C ALA A 12 11.04 3.18 11.61
N ASP A 13 11.83 3.36 10.55
CA ASP A 13 11.67 4.48 9.64
C ASP A 13 10.33 4.39 8.91
N PHE A 14 9.89 3.17 8.63
CA PHE A 14 8.62 2.95 7.94
C PHE A 14 7.46 3.54 8.73
N ILE A 15 7.35 3.13 9.99
CA ILE A 15 6.28 3.60 10.86
C ILE A 15 6.41 5.11 11.11
N ARG A 16 7.64 5.56 11.34
CA ARG A 16 7.90 6.96 11.59
C ARG A 16 7.47 7.82 10.41
N LEU A 17 7.90 7.41 9.22
CA LEU A 17 7.57 8.15 7.99
C LEU A 17 6.08 8.02 7.67
N ALA A 18 5.53 6.84 7.91
CA ALA A 18 4.12 6.58 7.65
C ALA A 18 3.23 7.50 8.49
N ALA A 19 3.64 7.72 9.74
CA ALA A 19 2.87 8.58 10.63
C ALA A 19 3.14 10.05 10.35
N LEU A 20 4.33 10.36 9.86
CA LEU A 20 4.70 11.73 9.54
C LEU A 20 4.17 12.13 8.17
N TRP A 21 4.07 11.15 7.28
CA TRP A 21 3.57 11.39 5.93
C TRP A 21 2.06 11.65 5.93
N GLY A 22 1.41 11.33 7.04
CA GLY A 22 -0.03 11.53 7.14
C GLY A 22 -0.81 10.25 6.97
N VAL A 23 -0.35 9.18 7.62
CA VAL A 23 -1.00 7.89 7.54
C VAL A 23 -0.98 7.17 8.88
N ALA A 24 -2.16 6.92 9.43
CA ALA A 24 -2.28 6.24 10.72
C ALA A 24 -2.63 4.77 10.54
N LEU A 25 -1.80 3.90 11.10
CA LEU A 25 -2.02 2.46 11.00
C LEU A 25 -2.23 1.84 12.38
N ARG A 26 -3.45 1.40 12.65
CA ARG A 26 -3.78 0.80 13.93
C ARG A 26 -3.70 -0.72 13.85
N GLU A 27 -4.09 -1.27 12.71
CA GLU A 27 -4.06 -2.71 12.49
C GLU A 27 -2.70 -3.16 11.95
N PRO A 28 -2.33 -4.41 12.19
CA PRO A 28 -1.05 -4.96 11.73
C PRO A 28 -1.01 -5.13 10.21
N VAL A 29 0.10 -4.71 9.60
CA VAL A 29 0.26 -4.81 8.15
C VAL A 29 0.16 -6.27 7.69
N THR A 30 -0.41 -6.46 6.51
CA THR A 30 -0.58 -7.80 5.95
C THR A 30 0.45 -8.06 4.86
N THR A 31 0.82 -9.33 4.69
CA THR A 31 1.80 -9.71 3.68
C THR A 31 1.27 -9.43 2.28
N GLU A 32 -0.04 -9.55 2.12
CA GLU A 32 -0.68 -9.31 0.83
C GLU A 32 -0.53 -7.85 0.40
N GLU A 33 -0.60 -6.96 1.38
CA GLU A 33 -0.47 -5.52 1.10
C GLU A 33 0.96 -5.17 0.73
N LEU A 34 1.91 -5.60 1.55
CA LEU A 34 3.32 -5.33 1.30
C LEU A 34 3.78 -5.99 0.00
N ALA A 35 3.43 -7.26 -0.17
CA ALA A 35 3.81 -8.00 -1.37
C ALA A 35 3.25 -7.33 -2.62
N SER A 36 2.01 -6.84 -2.53
CA SER A 36 1.36 -6.18 -3.65
C SER A 36 2.13 -4.93 -4.07
N PHE A 37 2.55 -4.15 -3.08
CA PHE A 37 3.30 -2.92 -3.34
C PHE A 37 4.61 -3.22 -4.07
N ILE A 38 5.35 -4.20 -3.56
CA ILE A 38 6.62 -4.59 -4.17
C ILE A 38 6.40 -5.11 -5.59
N ALA A 39 5.27 -5.76 -5.81
CA ALA A 39 4.95 -6.30 -7.12
C ALA A 39 4.84 -5.20 -8.17
N TYR A 40 4.06 -4.17 -7.86
CA TYR A 40 3.88 -3.05 -8.76
C TYR A 40 5.18 -2.25 -8.91
N TRP A 41 5.96 -2.22 -7.83
CA TRP A 41 7.24 -1.51 -7.83
C TRP A 41 8.24 -2.18 -8.76
N GLN A 42 8.26 -3.51 -8.74
CA GLN A 42 9.16 -4.27 -9.58
C GLN A 42 8.67 -4.31 -11.02
N ALA A 43 7.35 -4.37 -11.19
CA ALA A 43 6.75 -4.41 -12.51
C ALA A 43 6.76 -3.04 -13.17
N GLU A 44 6.75 -1.99 -12.35
CA GLU A 44 6.76 -0.62 -12.86
C GLU A 44 8.01 -0.37 -13.70
N GLY A 45 9.15 -0.85 -13.21
CA GLY A 45 10.40 -0.67 -13.93
C GLY A 45 10.75 0.79 -14.10
N LYS A 46 10.61 1.57 -13.02
CA LYS A 46 10.92 2.99 -13.05
C LYS A 46 11.56 3.42 -11.74
N VAL A 47 11.80 4.72 -11.61
CA VAL A 47 12.41 5.27 -10.40
C VAL A 47 11.61 6.46 -9.88
N PHE A 48 11.50 6.56 -8.56
CA PHE A 48 10.77 7.65 -7.94
C PHE A 48 11.63 8.38 -6.91
N HIS A 49 11.20 9.57 -6.52
CA HIS A 49 11.93 10.38 -5.54
C HIS A 49 11.43 10.09 -4.13
N HIS A 50 12.09 10.67 -3.14
CA HIS A 50 11.71 10.48 -1.75
C HIS A 50 10.33 11.09 -1.48
N VAL A 51 10.14 12.32 -1.92
CA VAL A 51 8.86 13.01 -1.73
C VAL A 51 7.75 12.33 -2.52
N GLN A 52 8.10 11.81 -3.69
CA GLN A 52 7.13 11.13 -4.54
C GLN A 52 6.77 9.76 -3.97
N TRP A 53 7.74 9.11 -3.34
CA TRP A 53 7.53 7.79 -2.76
C TRP A 53 6.61 7.88 -1.54
N GLN A 54 6.74 8.97 -0.78
CA GLN A 54 5.93 9.17 0.41
C GLN A 54 4.49 9.55 0.05
N GLN A 55 4.35 10.42 -0.94
CA GLN A 55 3.03 10.85 -1.38
C GLN A 55 2.33 9.78 -2.20
N LYS A 56 3.12 8.93 -2.87
CA LYS A 56 2.56 7.86 -3.69
C LYS A 56 2.05 6.72 -2.82
N LEU A 57 2.82 6.40 -1.77
CA LEU A 57 2.44 5.32 -0.85
C LEU A 57 1.23 5.72 -0.02
N ALA A 58 1.23 6.95 0.49
CA ALA A 58 0.12 7.44 1.31
C ALA A 58 -1.16 7.50 0.50
N ARG A 59 -1.12 8.24 -0.61
CA ARG A 59 -2.29 8.38 -1.47
C ARG A 59 -2.75 7.03 -2.00
N SER A 60 -1.80 6.13 -2.18
CA SER A 60 -2.11 4.79 -2.69
C SER A 60 -2.93 3.99 -1.66
N LEU A 61 -2.51 4.07 -0.40
CA LEU A 61 -3.21 3.36 0.67
C LEU A 61 -4.53 4.04 1.01
N GLN A 62 -4.54 5.37 0.93
CA GLN A 62 -5.74 6.14 1.23
C GLN A 62 -6.83 5.88 0.20
N ILE A 63 -6.50 6.01 -1.08
CA ILE A 63 -7.45 5.78 -2.15
C ILE A 63 -7.61 4.29 -2.45
N GLY A 64 -6.64 3.49 -2.01
CA GLY A 64 -6.71 2.06 -2.24
C GLY A 64 -7.68 1.37 -1.31
N ARG A 65 -7.67 1.77 -0.04
CA ARG A 65 -8.55 1.19 0.96
C ARG A 65 -9.97 1.71 0.79
N ALA A 66 -10.10 2.96 0.34
CA ALA A 66 -11.40 3.57 0.14
C ALA A 66 -12.20 2.84 -0.93
N SER A 67 -11.54 2.53 -2.04
CA SER A 67 -12.19 1.82 -3.14
C SER A 67 -12.28 0.33 -2.85
N ASN A 68 -11.30 -0.19 -2.13
CA ASN A 68 -11.27 -1.60 -1.77
C ASN A 68 -12.25 -1.91 -0.64
N GLY A 69 -11.99 -1.33 0.52
CA GLY A 69 -12.86 -1.55 1.67
C GLY A 69 -12.47 -2.79 2.46
N GLY A 70 -11.18 -2.98 2.67
CA GLY A 70 -10.71 -4.13 3.40
C GLY A 70 -10.60 -5.38 2.53
N LEU A 71 -9.44 -6.03 2.59
CA LEU A 71 -9.22 -7.23 1.80
C LEU A 71 -8.90 -8.43 2.69
N PRO A 72 -9.95 -9.15 3.13
CA PRO A 72 -9.77 -10.32 4.01
C PRO A 72 -9.12 -11.49 3.28
N LYS A 73 -8.35 -12.29 4.03
CA LYS A 73 -7.67 -13.44 3.46
C LYS A 73 -8.40 -14.73 3.81
N ARG A 74 -8.57 -15.59 2.82
CA ARG A 74 -9.25 -16.87 3.02
C ARG A 74 -8.50 -18.00 2.33
N ASP A 75 -7.35 -18.36 2.89
CA ASP A 75 -6.52 -19.42 2.33
C ASP A 75 -6.40 -20.58 3.32
N VAL A 76 -7.35 -21.51 3.25
CA VAL A 76 -7.34 -22.67 4.13
C VAL A 76 -7.93 -23.89 3.43
N ASN A 77 -7.18 -24.99 3.42
CA ASN A 77 -7.62 -26.22 2.79
C ASN A 77 -7.81 -26.04 1.29
N THR A 78 -7.37 -27.02 0.52
CA THR A 78 -7.50 -26.97 -0.94
C THR A 78 -6.73 -25.78 -1.50
N VAL A 79 -5.57 -25.50 -0.90
CA VAL A 79 -4.74 -24.38 -1.34
C VAL A 79 -3.81 -24.80 -2.47
N SER A 80 -3.32 -26.04 -2.40
CA SER A 80 -2.42 -26.57 -3.42
C SER A 80 -1.14 -25.74 -3.50
N GLU A 81 -0.08 -26.32 -4.04
CA GLU A 81 1.19 -25.63 -4.18
C GLU A 81 1.30 -24.95 -5.54
N PRO A 82 1.97 -23.79 -5.60
CA PRO A 82 2.15 -23.04 -6.86
C PRO A 82 3.15 -23.71 -7.79
N ASP A 83 3.05 -23.39 -9.07
CA ASP A 83 3.94 -23.96 -10.07
C ASP A 83 3.77 -25.48 -10.17
N SER A 84 3.59 -25.97 -11.39
CA SER A 84 3.41 -27.39 -11.62
C SER A 84 4.63 -27.99 -12.32
N GLN A 85 5.31 -27.18 -13.11
CA GLN A 85 6.49 -27.63 -13.84
C GLN A 85 7.69 -27.77 -12.90
N ILE A 86 7.66 -28.78 -12.04
CA ILE A 86 8.74 -29.01 -11.09
C ILE A 86 9.91 -29.76 -11.75
N PRO A 87 9.62 -30.85 -12.49
CA PRO A 87 10.67 -31.63 -13.15
C PRO A 87 11.09 -31.02 -14.48
N PRO A 88 12.20 -31.51 -15.06
CA PRO A 88 12.71 -31.02 -16.34
C PRO A 88 11.83 -31.42 -17.52
N GLY A 89 11.05 -32.49 -17.33
CA GLY A 89 10.18 -32.95 -18.39
C GLY A 89 8.72 -32.67 -18.10
N PHE A 90 7.84 -33.58 -18.54
CA PHE A 90 6.41 -33.42 -18.33
C PHE A 90 6.00 -33.95 -16.94
N ARG A 91 4.70 -33.95 -16.68
CA ARG A 91 4.18 -34.42 -15.40
C ARG A 91 2.66 -34.49 -15.43
N GLY A 92 2.11 -35.46 -14.71
CA GLY A 92 0.66 -35.63 -14.66
C GLY A 92 0.19 -36.26 -13.38
N MET A 1 15.51 11.55 -10.42
CA MET A 1 14.78 10.50 -9.66
C MET A 1 15.75 9.62 -8.86
N PHE A 2 15.21 8.59 -8.22
CA PHE A 2 16.03 7.68 -7.43
C PHE A 2 15.45 6.27 -7.44
N ALA A 3 16.12 5.36 -8.14
CA ALA A 3 15.66 3.98 -8.24
C ALA A 3 16.23 3.14 -7.10
N MET A 4 15.39 2.83 -6.13
CA MET A 4 15.81 2.03 -4.99
C MET A 4 15.76 0.54 -5.33
N TYR A 5 15.87 -0.30 -4.30
CA TYR A 5 15.84 -1.74 -4.48
C TYR A 5 14.64 -2.36 -3.77
N PRO A 6 14.02 -3.39 -4.37
CA PRO A 6 12.85 -4.05 -3.78
C PRO A 6 13.23 -5.13 -2.77
N ASP A 7 14.33 -4.93 -2.06
CA ASP A 7 14.79 -5.89 -1.07
C ASP A 7 14.72 -5.32 0.34
N TRP A 8 13.92 -4.27 0.51
CA TRP A 8 13.76 -3.63 1.81
C TRP A 8 12.86 -4.45 2.72
N GLN A 9 13.20 -4.48 4.00
CA GLN A 9 12.41 -5.23 4.99
C GLN A 9 11.70 -4.29 5.94
N PRO A 10 10.63 -4.76 6.60
CA PRO A 10 9.85 -3.96 7.54
C PRO A 10 10.66 -3.59 8.79
N ASP A 11 10.47 -2.37 9.27
CA ASP A 11 11.17 -1.91 10.45
C ASP A 11 10.50 -0.67 11.05
N ALA A 12 11.12 -0.09 12.07
CA ALA A 12 10.58 1.10 12.72
C ALA A 12 10.48 2.26 11.75
N ASP A 13 11.42 2.31 10.80
CA ASP A 13 11.44 3.38 9.81
C ASP A 13 10.15 3.40 9.01
N PHE A 14 9.60 2.23 8.72
CA PHE A 14 8.37 2.12 7.97
C PHE A 14 7.22 2.79 8.70
N ILE A 15 7.08 2.48 9.99
CA ILE A 15 6.03 3.07 10.81
C ILE A 15 6.33 4.52 11.14
N ARG A 16 7.61 4.85 11.24
CA ARG A 16 8.03 6.21 11.56
C ARG A 16 7.68 7.17 10.41
N LEU A 17 8.11 6.80 9.21
CA LEU A 17 7.84 7.63 8.03
C LEU A 17 6.34 7.67 7.72
N ALA A 18 5.68 6.54 7.91
CA ALA A 18 4.25 6.44 7.66
C ALA A 18 3.46 7.37 8.59
N ALA A 19 3.84 7.39 9.86
CA ALA A 19 3.16 8.23 10.85
C ALA A 19 3.58 9.68 10.70
N LEU A 20 4.81 9.90 10.25
CA LEU A 20 5.33 11.25 10.06
C LEU A 20 4.85 11.84 8.73
N TRP A 21 4.67 10.97 7.74
CA TRP A 21 4.22 11.41 6.42
C TRP A 21 2.73 11.77 6.44
N GLY A 22 2.04 11.41 7.51
CA GLY A 22 0.62 11.71 7.62
C GLY A 22 -0.26 10.50 7.40
N VAL A 23 0.27 9.32 7.72
CA VAL A 23 -0.48 8.08 7.56
C VAL A 23 -0.63 7.35 8.90
N ALA A 24 -1.86 7.31 9.40
CA ALA A 24 -2.14 6.65 10.68
C ALA A 24 -3.10 5.49 10.48
N LEU A 25 -2.54 4.28 10.41
CA LEU A 25 -3.34 3.07 10.23
C LEU A 25 -3.67 2.43 11.56
N ARG A 26 -4.97 2.30 11.86
CA ARG A 26 -5.41 1.71 13.11
C ARG A 26 -5.26 0.19 13.08
N GLU A 27 -5.56 -0.40 11.93
CA GLU A 27 -5.46 -1.85 11.77
C GLU A 27 -4.12 -2.23 11.11
N PRO A 28 -3.50 -3.32 11.57
CA PRO A 28 -2.21 -3.79 11.02
C PRO A 28 -2.28 -3.98 9.50
N VAL A 29 -1.17 -3.67 8.84
CA VAL A 29 -1.10 -3.79 7.38
C VAL A 29 -1.02 -5.27 6.98
N THR A 30 -1.81 -5.63 5.96
CA THR A 30 -1.83 -7.00 5.47
C THR A 30 -0.64 -7.28 4.55
N THR A 31 -0.20 -8.52 4.52
CA THR A 31 0.94 -8.92 3.69
C THR A 31 0.60 -8.73 2.20
N GLU A 32 -0.68 -8.88 1.86
CA GLU A 32 -1.11 -8.73 0.48
C GLU A 32 -0.75 -7.36 -0.06
N GLU A 33 -0.87 -6.34 0.78
CA GLU A 33 -0.55 -4.96 0.39
C GLU A 33 0.94 -4.81 0.13
N LEU A 34 1.76 -5.39 1.02
CA LEU A 34 3.21 -5.32 0.90
C LEU A 34 3.69 -6.09 -0.33
N ALA A 35 3.20 -7.31 -0.48
CA ALA A 35 3.58 -8.16 -1.61
C ALA A 35 3.14 -7.53 -2.93
N SER A 36 1.94 -6.96 -2.94
CA SER A 36 1.40 -6.32 -4.14
C SER A 36 2.23 -5.11 -4.53
N PHE A 37 2.63 -4.32 -3.53
CA PHE A 37 3.42 -3.13 -3.76
C PHE A 37 4.75 -3.48 -4.40
N ILE A 38 5.47 -4.42 -3.79
CA ILE A 38 6.77 -4.84 -4.30
C ILE A 38 6.62 -5.57 -5.62
N ALA A 39 5.51 -6.27 -5.78
CA ALA A 39 5.24 -7.02 -7.01
C ALA A 39 5.21 -6.09 -8.22
N TYR A 40 4.48 -4.99 -8.09
CA TYR A 40 4.36 -4.02 -9.17
C TYR A 40 5.63 -3.18 -9.30
N TRP A 41 6.30 -2.96 -8.16
CA TRP A 41 7.53 -2.17 -8.14
C TRP A 41 8.67 -2.93 -8.81
N GLN A 42 8.75 -4.23 -8.54
CA GLN A 42 9.80 -5.07 -9.12
C GLN A 42 9.49 -5.40 -10.57
N ALA A 43 8.20 -5.50 -10.89
CA ALA A 43 7.78 -5.82 -12.25
C ALA A 43 7.96 -4.62 -13.18
N GLU A 44 7.70 -3.43 -12.66
CA GLU A 44 7.83 -2.20 -13.45
C GLU A 44 9.30 -1.87 -13.67
N GLY A 45 10.09 -1.93 -12.60
CA GLY A 45 11.50 -1.61 -12.70
C GLY A 45 11.75 -0.17 -13.12
N LYS A 46 10.82 0.71 -12.75
CA LYS A 46 10.94 2.12 -13.09
C LYS A 46 11.73 2.86 -12.01
N VAL A 47 11.56 4.18 -11.96
CA VAL A 47 12.26 5.00 -10.97
C VAL A 47 11.35 6.09 -10.42
N PHE A 48 11.48 6.36 -9.12
CA PHE A 48 10.66 7.38 -8.47
C PHE A 48 11.52 8.30 -7.61
N HIS A 49 10.92 9.37 -7.11
CA HIS A 49 11.63 10.32 -6.27
C HIS A 49 11.26 10.13 -4.80
N HIS A 50 11.90 10.88 -3.92
CA HIS A 50 11.63 10.80 -2.49
C HIS A 50 10.22 11.25 -2.17
N VAL A 51 9.86 12.44 -2.66
CA VAL A 51 8.53 12.98 -2.43
C VAL A 51 7.47 12.14 -3.13
N GLN A 52 7.83 11.57 -4.26
CA GLN A 52 6.92 10.72 -5.03
C GLN A 52 6.51 9.51 -4.21
N TRP A 53 7.51 8.74 -3.78
CA TRP A 53 7.27 7.55 -2.98
C TRP A 53 6.51 7.88 -1.70
N GLN A 54 6.78 9.08 -1.17
CA GLN A 54 6.12 9.53 0.05
C GLN A 54 4.63 9.74 -0.17
N GLN A 55 4.29 10.51 -1.20
CA GLN A 55 2.89 10.79 -1.52
C GLN A 55 2.17 9.55 -2.05
N LYS A 56 2.85 8.79 -2.90
CA LYS A 56 2.28 7.58 -3.47
C LYS A 56 1.82 6.61 -2.38
N LEU A 57 2.73 6.27 -1.49
CA LEU A 57 2.41 5.35 -0.40
C LEU A 57 1.32 5.92 0.50
N ALA A 58 1.43 7.21 0.82
CA ALA A 58 0.46 7.87 1.67
C ALA A 58 -0.93 7.87 1.04
N ARG A 59 -0.98 8.13 -0.27
CA ARG A 59 -2.24 8.16 -1.00
C ARG A 59 -2.78 6.75 -1.24
N SER A 60 -1.88 5.78 -1.28
CA SER A 60 -2.27 4.39 -1.50
C SER A 60 -2.98 3.81 -0.28
N LEU A 61 -2.47 4.13 0.90
CA LEU A 61 -3.06 3.64 2.14
C LEU A 61 -4.34 4.41 2.48
N GLN A 62 -4.31 5.71 2.25
CA GLN A 62 -5.47 6.56 2.54
C GLN A 62 -6.61 6.27 1.57
N ILE A 63 -6.33 6.39 0.28
CA ILE A 63 -7.34 6.13 -0.75
C ILE A 63 -7.61 4.64 -0.90
N GLY A 64 -6.66 3.82 -0.45
CA GLY A 64 -6.83 2.38 -0.55
C GLY A 64 -7.82 1.84 0.46
N ARG A 65 -7.74 2.33 1.68
CA ARG A 65 -8.64 1.89 2.74
C ARG A 65 -9.99 2.59 2.65
N ALA A 66 -9.98 3.83 2.16
CA ALA A 66 -11.20 4.61 2.01
C ALA A 66 -12.09 4.03 0.92
N SER A 67 -11.51 3.86 -0.28
CA SER A 67 -12.26 3.31 -1.41
C SER A 67 -12.33 1.79 -1.34
N ASN A 68 -11.27 1.19 -0.81
CA ASN A 68 -11.21 -0.27 -0.69
C ASN A 68 -11.31 -0.93 -2.06
N GLY A 69 -10.80 -0.26 -3.08
CA GLY A 69 -10.84 -0.80 -4.43
C GLY A 69 -11.49 0.14 -5.42
N GLY A 70 -12.82 0.23 -5.37
CA GLY A 70 -13.54 1.10 -6.27
C GLY A 70 -14.88 0.52 -6.68
N LEU A 71 -15.95 1.05 -6.12
CA LEU A 71 -17.30 0.59 -6.44
C LEU A 71 -17.84 1.29 -7.69
N PRO A 72 -18.86 0.69 -8.33
CA PRO A 72 -19.47 1.26 -9.54
C PRO A 72 -20.24 2.55 -9.25
N LYS A 73 -19.91 3.62 -9.96
CA LYS A 73 -20.57 4.90 -9.79
C LYS A 73 -22.00 4.85 -10.30
N ARG A 74 -22.15 4.79 -11.61
CA ARG A 74 -23.46 4.74 -12.24
C ARG A 74 -23.58 3.53 -13.17
N ASP A 75 -23.06 2.40 -12.73
CA ASP A 75 -23.10 1.18 -13.52
C ASP A 75 -23.56 -0.01 -12.67
N VAL A 76 -24.68 -0.60 -13.06
CA VAL A 76 -25.23 -1.74 -12.34
C VAL A 76 -25.46 -2.93 -13.28
N ASN A 77 -26.43 -2.78 -14.18
CA ASN A 77 -26.74 -3.84 -15.12
C ASN A 77 -27.86 -3.41 -16.08
N THR A 78 -27.63 -2.30 -16.79
CA THR A 78 -28.61 -1.78 -17.73
C THR A 78 -29.91 -1.43 -17.01
N VAL A 79 -30.11 -0.15 -16.74
CA VAL A 79 -31.33 0.30 -16.06
C VAL A 79 -31.67 1.74 -16.47
N SER A 80 -30.66 2.61 -16.47
CA SER A 80 -30.86 4.01 -16.83
C SER A 80 -31.98 4.64 -16.02
N GLU A 81 -31.97 4.40 -14.71
CA GLU A 81 -32.99 4.94 -13.81
C GLU A 81 -32.57 4.77 -12.35
N PRO A 82 -32.84 5.79 -11.52
CA PRO A 82 -32.48 5.75 -10.10
C PRO A 82 -33.44 4.88 -9.29
N ASP A 83 -32.89 4.18 -8.30
CA ASP A 83 -33.69 3.30 -7.45
C ASP A 83 -34.27 4.07 -6.27
N SER A 84 -35.36 4.80 -6.51
CA SER A 84 -36.01 5.58 -5.48
C SER A 84 -37.38 4.99 -5.13
N GLN A 85 -38.04 4.42 -6.13
CA GLN A 85 -39.36 3.83 -5.94
C GLN A 85 -39.24 2.34 -5.60
N ILE A 86 -40.29 1.78 -5.00
CA ILE A 86 -40.29 0.37 -4.64
C ILE A 86 -41.16 -0.43 -5.60
N PRO A 87 -40.55 -1.29 -6.44
CA PRO A 87 -41.29 -2.10 -7.41
C PRO A 87 -42.15 -3.18 -6.72
N PRO A 88 -43.24 -3.60 -7.37
CA PRO A 88 -44.14 -4.61 -6.82
C PRO A 88 -43.49 -6.00 -6.76
N GLY A 89 -42.86 -6.40 -7.86
CA GLY A 89 -42.21 -7.69 -7.92
C GLY A 89 -43.17 -8.80 -8.30
N PHE A 90 -43.61 -9.57 -7.31
CA PHE A 90 -44.53 -10.67 -7.54
C PHE A 90 -43.90 -11.71 -8.47
N ARG A 91 -42.78 -12.28 -8.04
CA ARG A 91 -42.08 -13.29 -8.83
C ARG A 91 -42.82 -14.61 -8.79
N GLY A 92 -42.67 -15.40 -9.85
CA GLY A 92 -43.33 -16.69 -9.92
C GLY A 92 -44.80 -16.56 -10.26
N MET A 1 16.50 11.35 -9.92
CA MET A 1 15.54 10.42 -9.27
C MET A 1 16.22 9.62 -8.16
N PHE A 2 15.55 8.57 -7.69
CA PHE A 2 16.10 7.72 -6.64
C PHE A 2 15.51 6.32 -6.71
N ALA A 3 16.27 5.40 -7.28
CA ALA A 3 15.83 4.01 -7.41
C ALA A 3 15.96 3.27 -6.08
N MET A 4 15.58 2.00 -6.10
CA MET A 4 15.65 1.17 -4.90
C MET A 4 15.68 -0.32 -5.26
N TYR A 5 15.41 -1.17 -4.28
CA TYR A 5 15.40 -2.61 -4.50
C TYR A 5 14.16 -3.23 -3.87
N PRO A 6 13.73 -4.40 -4.37
CA PRO A 6 12.55 -5.10 -3.86
C PRO A 6 12.85 -5.98 -2.65
N ASP A 7 13.96 -5.70 -1.97
CA ASP A 7 14.34 -6.47 -0.79
C ASP A 7 14.26 -5.64 0.48
N TRP A 8 13.50 -4.55 0.44
CA TRP A 8 13.36 -3.68 1.60
C TRP A 8 12.46 -4.32 2.65
N GLN A 9 13.02 -4.56 3.83
CA GLN A 9 12.27 -5.17 4.92
C GLN A 9 11.72 -4.10 5.86
N PRO A 10 10.64 -4.42 6.58
CA PRO A 10 10.02 -3.47 7.53
C PRO A 10 11.01 -2.91 8.52
N ASP A 11 10.68 -1.75 9.09
CA ASP A 11 11.56 -1.09 10.06
C ASP A 11 10.83 0.04 10.77
N ALA A 12 11.41 0.50 11.88
CA ALA A 12 10.81 1.59 12.65
C ALA A 12 10.65 2.85 11.81
N ASP A 13 11.61 3.08 10.92
CA ASP A 13 11.56 4.25 10.05
C ASP A 13 10.34 4.22 9.13
N PHE A 14 9.95 3.01 8.74
CA PHE A 14 8.80 2.83 7.87
C PHE A 14 7.53 3.38 8.52
N ILE A 15 7.23 2.90 9.72
CA ILE A 15 6.06 3.35 10.44
C ILE A 15 6.18 4.82 10.85
N ARG A 16 7.39 5.23 11.18
CA ARG A 16 7.65 6.61 11.60
C ARG A 16 7.34 7.57 10.45
N LEU A 17 7.94 7.33 9.30
CA LEU A 17 7.73 8.17 8.13
C LEU A 17 6.27 8.16 7.70
N ALA A 18 5.67 6.97 7.71
CA ALA A 18 4.26 6.83 7.32
C ALA A 18 3.35 7.66 8.22
N ALA A 19 3.59 7.59 9.52
CA ALA A 19 2.79 8.34 10.49
C ALA A 19 2.95 9.85 10.26
N LEU A 20 4.14 10.27 9.88
CA LEU A 20 4.42 11.68 9.64
C LEU A 20 3.95 12.09 8.24
N TRP A 21 4.00 11.14 7.31
CA TRP A 21 3.58 11.41 5.94
C TRP A 21 2.06 11.54 5.84
N GLY A 22 1.35 11.14 6.89
CA GLY A 22 -0.09 11.23 6.90
C GLY A 22 -0.76 9.87 6.77
N VAL A 23 -0.30 8.92 7.57
CA VAL A 23 -0.85 7.56 7.54
C VAL A 23 -0.94 6.98 8.95
N ALA A 24 -2.16 6.72 9.41
CA ALA A 24 -2.38 6.16 10.73
C ALA A 24 -2.77 4.69 10.65
N LEU A 25 -1.79 3.81 10.83
CA LEU A 25 -2.04 2.37 10.78
C LEU A 25 -2.42 1.83 12.15
N ARG A 26 -3.62 1.26 12.24
CA ARG A 26 -4.12 0.71 13.49
C ARG A 26 -3.76 -0.79 13.59
N GLU A 27 -4.27 -1.57 12.64
CA GLU A 27 -4.01 -3.01 12.62
C GLU A 27 -2.76 -3.32 11.80
N PRO A 28 -2.23 -4.55 11.93
CA PRO A 28 -1.03 -4.96 11.18
C PRO A 28 -1.27 -4.99 9.68
N VAL A 29 -0.30 -4.49 8.92
CA VAL A 29 -0.41 -4.46 7.46
C VAL A 29 -0.64 -5.86 6.90
N THR A 30 -1.41 -5.94 5.81
CA THR A 30 -1.70 -7.22 5.18
C THR A 30 -0.64 -7.57 4.15
N THR A 31 -0.45 -8.87 3.92
CA THR A 31 0.54 -9.34 2.96
C THR A 31 0.18 -8.89 1.55
N GLU A 32 -1.11 -8.86 1.24
CA GLU A 32 -1.58 -8.44 -0.08
C GLU A 32 -1.14 -7.01 -0.38
N GLU A 33 -1.13 -6.17 0.66
CA GLU A 33 -0.75 -4.77 0.50
C GLU A 33 0.76 -4.65 0.30
N LEU A 34 1.52 -5.40 1.08
CA LEU A 34 2.97 -5.37 1.00
C LEU A 34 3.46 -5.96 -0.34
N ALA A 35 2.95 -7.14 -0.67
CA ALA A 35 3.31 -7.80 -1.91
C ALA A 35 2.83 -7.02 -3.12
N SER A 36 1.68 -6.40 -2.99
CA SER A 36 1.11 -5.60 -4.08
C SER A 36 2.02 -4.45 -4.45
N PHE A 37 2.47 -3.72 -3.43
CA PHE A 37 3.36 -2.58 -3.64
C PHE A 37 4.67 -3.01 -4.27
N ILE A 38 5.24 -4.10 -3.76
CA ILE A 38 6.50 -4.62 -4.27
C ILE A 38 6.32 -5.22 -5.66
N ALA A 39 5.13 -5.74 -5.93
CA ALA A 39 4.82 -6.35 -7.22
C ALA A 39 4.89 -5.32 -8.34
N TYR A 40 4.20 -4.19 -8.14
CA TYR A 40 4.18 -3.13 -9.14
C TYR A 40 5.54 -2.43 -9.21
N TRP A 41 6.22 -2.35 -8.07
CA TRP A 41 7.52 -1.71 -8.00
C TRP A 41 8.56 -2.49 -8.80
N GLN A 42 8.58 -3.81 -8.61
CA GLN A 42 9.52 -4.67 -9.30
C GLN A 42 9.07 -4.90 -10.75
N ALA A 43 7.76 -4.95 -10.96
CA ALA A 43 7.21 -5.17 -12.29
C ALA A 43 7.51 -3.99 -13.20
N GLU A 44 7.54 -2.79 -12.64
CA GLU A 44 7.82 -1.58 -13.39
C GLU A 44 9.30 -1.52 -13.78
N GLY A 45 10.17 -1.81 -12.82
CA GLY A 45 11.59 -1.77 -13.08
C GLY A 45 12.07 -0.41 -13.53
N LYS A 46 11.61 0.64 -12.85
CA LYS A 46 12.00 2.01 -13.20
C LYS A 46 12.54 2.74 -11.98
N VAL A 47 12.63 4.06 -12.08
CA VAL A 47 13.13 4.88 -10.99
C VAL A 47 12.12 5.97 -10.62
N PHE A 48 12.01 6.25 -9.32
CA PHE A 48 11.08 7.27 -8.85
C PHE A 48 11.78 8.24 -7.90
N HIS A 49 11.09 9.32 -7.55
CA HIS A 49 11.65 10.33 -6.66
C HIS A 49 11.19 10.10 -5.23
N HIS A 50 11.89 10.71 -4.28
CA HIS A 50 11.54 10.57 -2.86
C HIS A 50 10.12 11.08 -2.61
N VAL A 51 9.81 12.24 -3.17
CA VAL A 51 8.49 12.83 -3.00
C VAL A 51 7.39 11.92 -3.54
N GLN A 52 7.71 11.20 -4.60
CA GLN A 52 6.75 10.28 -5.22
C GLN A 52 6.45 9.11 -4.28
N TRP A 53 7.49 8.56 -3.67
CA TRP A 53 7.34 7.43 -2.76
C TRP A 53 6.57 7.85 -1.51
N GLN A 54 6.70 9.11 -1.13
CA GLN A 54 6.02 9.64 0.05
C GLN A 54 4.51 9.74 -0.19
N GLN A 55 4.13 10.33 -1.31
CA GLN A 55 2.72 10.50 -1.66
C GLN A 55 2.11 9.17 -2.12
N LYS A 56 2.86 8.42 -2.91
CA LYS A 56 2.40 7.14 -3.43
C LYS A 56 2.04 6.19 -2.29
N LEU A 57 3.00 5.97 -1.39
CA LEU A 57 2.80 5.07 -0.26
C LEU A 57 1.80 5.67 0.74
N ALA A 58 1.81 6.99 0.86
CA ALA A 58 0.90 7.68 1.77
C ALA A 58 -0.54 7.54 1.33
N ARG A 59 -0.84 8.00 0.12
CA ARG A 59 -2.20 7.92 -0.42
C ARG A 59 -2.61 6.46 -0.63
N SER A 60 -1.64 5.59 -0.84
CA SER A 60 -1.90 4.18 -1.06
C SER A 60 -2.30 3.49 0.25
N LEU A 61 -1.68 3.92 1.34
CA LEU A 61 -1.96 3.34 2.65
C LEU A 61 -3.28 3.86 3.22
N GLN A 62 -3.42 5.19 3.24
CA GLN A 62 -4.63 5.82 3.76
C GLN A 62 -5.86 5.38 2.97
N ILE A 63 -5.74 5.37 1.66
CA ILE A 63 -6.84 4.97 0.78
C ILE A 63 -6.94 3.45 0.69
N GLY A 64 -5.83 2.78 0.94
CA GLY A 64 -5.81 1.33 0.87
C GLY A 64 -6.34 0.68 2.14
N ARG A 65 -6.20 1.38 3.27
CA ARG A 65 -6.67 0.87 4.55
C ARG A 65 -8.19 0.86 4.60
N ALA A 66 -8.81 1.88 4.00
CA ALA A 66 -10.26 1.99 3.98
C ALA A 66 -10.86 1.04 2.95
N SER A 67 -10.20 0.90 1.81
CA SER A 67 -10.67 0.03 0.74
C SER A 67 -10.56 -1.43 1.15
N ASN A 68 -9.53 -1.75 1.93
CA ASN A 68 -9.32 -3.12 2.39
C ASN A 68 -9.14 -3.16 3.91
N GLY A 69 -10.18 -3.59 4.62
CA GLY A 69 -10.11 -3.66 6.06
C GLY A 69 -10.69 -4.96 6.60
N GLY A 70 -12.01 -5.05 6.62
CA GLY A 70 -12.66 -6.24 7.11
C GLY A 70 -13.53 -6.91 6.06
N LEU A 71 -14.77 -7.24 6.43
CA LEU A 71 -15.69 -7.89 5.52
C LEU A 71 -17.06 -7.23 5.59
N PRO A 72 -17.71 -7.01 4.43
CA PRO A 72 -19.03 -6.39 4.36
C PRO A 72 -20.15 -7.33 4.80
N LYS A 73 -20.05 -7.82 6.04
CA LYS A 73 -21.05 -8.73 6.60
C LYS A 73 -20.61 -9.23 7.97
N ARG A 74 -20.97 -8.46 9.00
CA ARG A 74 -20.62 -8.82 10.37
C ARG A 74 -21.31 -7.90 11.37
N ASP A 75 -21.36 -6.62 11.03
CA ASP A 75 -21.98 -5.62 11.88
C ASP A 75 -23.25 -5.07 11.23
N VAL A 76 -24.36 -5.76 11.44
CA VAL A 76 -25.64 -5.34 10.88
C VAL A 76 -26.65 -5.02 11.98
N ASN A 77 -26.56 -5.74 13.09
CA ASN A 77 -27.47 -5.54 14.22
C ASN A 77 -27.33 -4.12 14.77
N THR A 78 -28.04 -3.17 14.15
CA THR A 78 -27.99 -1.78 14.59
C THR A 78 -26.57 -1.25 14.58
N VAL A 79 -25.87 -1.44 13.47
CA VAL A 79 -24.50 -0.99 13.33
C VAL A 79 -24.43 0.53 13.19
N SER A 80 -25.41 1.09 12.48
CA SER A 80 -25.47 2.53 12.27
C SER A 80 -26.11 3.23 13.46
N GLU A 81 -25.87 4.53 13.57
CA GLU A 81 -26.40 5.32 14.68
C GLU A 81 -26.28 6.82 14.40
N PRO A 82 -27.28 7.40 13.72
CA PRO A 82 -27.28 8.83 13.39
C PRO A 82 -27.01 9.71 14.61
N ASP A 83 -25.84 10.32 14.66
CA ASP A 83 -25.47 11.18 15.76
C ASP A 83 -24.59 12.35 15.29
N SER A 84 -24.89 12.85 14.09
CA SER A 84 -24.14 13.96 13.52
C SER A 84 -25.05 14.89 12.73
N GLN A 85 -25.14 16.14 13.17
CA GLN A 85 -25.99 17.12 12.51
C GLN A 85 -25.32 17.64 11.24
N ILE A 86 -25.60 16.96 10.12
CA ILE A 86 -25.03 17.35 8.83
C ILE A 86 -26.12 17.85 7.88
N PRO A 87 -26.43 19.15 7.92
CA PRO A 87 -27.45 19.75 7.06
C PRO A 87 -27.23 19.40 5.58
N PRO A 88 -28.32 19.11 4.84
CA PRO A 88 -28.23 18.77 3.41
C PRO A 88 -27.96 19.99 2.54
N GLY A 89 -26.90 19.92 1.75
CA GLY A 89 -26.56 21.03 0.87
C GLY A 89 -25.23 20.84 0.18
N PHE A 90 -25.16 19.82 -0.68
CA PHE A 90 -23.93 19.53 -1.42
C PHE A 90 -24.23 18.81 -2.72
N ARG A 91 -24.06 19.51 -3.84
CA ARG A 91 -24.31 18.93 -5.15
C ARG A 91 -23.34 19.48 -6.18
N GLY A 92 -22.88 18.62 -7.07
CA GLY A 92 -21.95 19.04 -8.11
C GLY A 92 -22.65 19.53 -9.35
N MET A 1 15.63 11.20 -9.09
CA MET A 1 14.92 10.04 -8.48
C MET A 1 15.90 8.95 -8.06
N PHE A 2 15.38 7.84 -7.57
CA PHE A 2 16.21 6.72 -7.13
C PHE A 2 15.40 5.43 -7.09
N ALA A 3 15.85 4.43 -7.85
CA ALA A 3 15.17 3.14 -7.90
C ALA A 3 15.68 2.21 -6.81
N MET A 4 14.85 1.96 -5.80
CA MET A 4 15.23 1.08 -4.70
C MET A 4 15.17 -0.38 -5.13
N TYR A 5 15.37 -1.28 -4.17
CA TYR A 5 15.35 -2.71 -4.45
C TYR A 5 14.13 -3.37 -3.79
N PRO A 6 13.76 -4.58 -4.23
CA PRO A 6 12.61 -5.30 -3.69
C PRO A 6 12.94 -6.10 -2.43
N ASP A 7 13.81 -5.53 -1.59
CA ASP A 7 14.22 -6.19 -0.35
C ASP A 7 13.73 -5.43 0.87
N TRP A 8 13.39 -4.15 0.68
CA TRP A 8 12.91 -3.31 1.77
C TRP A 8 11.78 -4.00 2.54
N GLN A 9 11.88 -3.97 3.86
CA GLN A 9 10.87 -4.58 4.72
C GLN A 9 10.39 -3.59 5.78
N PRO A 10 9.19 -3.81 6.34
CA PRO A 10 8.63 -2.93 7.38
C PRO A 10 9.53 -2.85 8.61
N ASP A 11 9.70 -1.64 9.12
CA ASP A 11 10.52 -1.42 10.30
C ASP A 11 10.18 -0.09 10.98
N ALA A 12 11.03 0.32 11.92
CA ALA A 12 10.80 1.57 12.63
C ALA A 12 10.77 2.76 11.68
N ASP A 13 11.58 2.69 10.62
CA ASP A 13 11.63 3.75 9.63
C ASP A 13 10.29 3.93 8.94
N PHE A 14 9.58 2.83 8.76
CA PHE A 14 8.27 2.86 8.12
C PHE A 14 7.27 3.64 8.96
N ILE A 15 7.20 3.33 10.24
CA ILE A 15 6.28 4.00 11.15
C ILE A 15 6.71 5.45 11.39
N ARG A 16 8.02 5.66 11.47
CA ARG A 16 8.56 7.00 11.70
C ARG A 16 8.21 7.92 10.53
N LEU A 17 8.37 7.43 9.31
CA LEU A 17 8.08 8.21 8.12
C LEU A 17 6.57 8.40 7.96
N ALA A 18 5.82 7.34 8.18
CA ALA A 18 4.36 7.39 8.06
C ALA A 18 3.77 8.42 9.03
N ALA A 19 4.33 8.47 10.24
CA ALA A 19 3.85 9.41 11.25
C ALA A 19 4.12 10.85 10.83
N LEU A 20 5.26 11.08 10.19
CA LEU A 20 5.64 12.42 9.72
C LEU A 20 4.94 12.74 8.40
N TRP A 21 4.72 11.71 7.59
CA TRP A 21 4.07 11.88 6.30
C TRP A 21 2.58 12.15 6.46
N GLY A 22 2.06 11.91 7.66
CA GLY A 22 0.65 12.13 7.92
C GLY A 22 -0.19 10.90 7.65
N VAL A 23 0.37 9.73 7.92
CA VAL A 23 -0.33 8.46 7.72
C VAL A 23 -0.17 7.53 8.91
N ALA A 24 -1.28 7.23 9.56
CA ALA A 24 -1.27 6.35 10.73
C ALA A 24 -2.01 5.05 10.45
N LEU A 25 -1.39 3.93 10.78
CA LEU A 25 -1.99 2.62 10.56
C LEU A 25 -2.90 2.24 11.73
N ARG A 26 -4.13 1.86 11.40
CA ARG A 26 -5.10 1.48 12.43
C ARG A 26 -5.05 -0.03 12.69
N GLU A 27 -4.83 -0.80 11.63
CA GLU A 27 -4.75 -2.25 11.74
C GLU A 27 -3.38 -2.76 11.29
N PRO A 28 -3.05 -4.02 11.61
CA PRO A 28 -1.77 -4.63 11.23
C PRO A 28 -1.60 -4.73 9.72
N VAL A 29 -0.37 -4.58 9.24
CA VAL A 29 -0.07 -4.66 7.82
C VAL A 29 -0.24 -6.07 7.30
N THR A 30 -0.65 -6.19 6.04
CA THR A 30 -0.86 -7.50 5.42
C THR A 30 0.26 -7.80 4.43
N THR A 31 0.55 -9.09 4.24
CA THR A 31 1.60 -9.51 3.32
C THR A 31 1.15 -9.31 1.87
N GLU A 32 -0.13 -9.53 1.62
CA GLU A 32 -0.69 -9.39 0.28
C GLU A 32 -0.49 -7.96 -0.23
N GLU A 33 -0.71 -6.99 0.64
CA GLU A 33 -0.55 -5.59 0.27
C GLU A 33 0.89 -5.27 -0.09
N LEU A 34 1.81 -5.76 0.74
CA LEU A 34 3.23 -5.52 0.52
C LEU A 34 3.71 -6.23 -0.75
N ALA A 35 3.23 -7.46 -0.96
CA ALA A 35 3.59 -8.24 -2.13
C ALA A 35 3.20 -7.52 -3.42
N SER A 36 2.04 -6.88 -3.40
CA SER A 36 1.55 -6.15 -4.57
C SER A 36 2.40 -4.91 -4.84
N PHE A 37 2.74 -4.19 -3.78
CA PHE A 37 3.55 -2.98 -3.90
C PHE A 37 4.92 -3.31 -4.50
N ILE A 38 5.56 -4.33 -3.95
CA ILE A 38 6.88 -4.75 -4.43
C ILE A 38 6.79 -5.36 -5.82
N ALA A 39 5.67 -6.02 -6.10
CA ALA A 39 5.46 -6.65 -7.39
C ALA A 39 5.36 -5.61 -8.50
N TYR A 40 4.42 -4.69 -8.38
CA TYR A 40 4.24 -3.65 -9.37
C TYR A 40 5.48 -2.76 -9.46
N TRP A 41 6.13 -2.54 -8.33
CA TRP A 41 7.33 -1.72 -8.28
C TRP A 41 8.45 -2.37 -9.10
N GLN A 42 8.74 -3.64 -8.82
CA GLN A 42 9.79 -4.36 -9.52
C GLN A 42 9.40 -4.58 -10.99
N ALA A 43 8.12 -4.82 -11.23
CA ALA A 43 7.63 -5.06 -12.58
C ALA A 43 7.68 -3.78 -13.41
N GLU A 44 7.42 -2.65 -12.76
CA GLU A 44 7.44 -1.36 -13.44
C GLU A 44 8.82 -1.05 -14.00
N GLY A 45 9.86 -1.36 -13.22
CA GLY A 45 11.22 -1.12 -13.66
C GLY A 45 11.48 0.35 -13.90
N LYS A 46 10.82 1.22 -13.14
CA LYS A 46 10.99 2.65 -13.28
C LYS A 46 11.71 3.23 -12.06
N VAL A 47 11.63 4.55 -11.90
CA VAL A 47 12.28 5.22 -10.78
C VAL A 47 11.42 6.35 -10.23
N PHE A 48 11.42 6.51 -8.91
CA PHE A 48 10.63 7.56 -8.27
C PHE A 48 11.45 8.31 -7.24
N HIS A 49 11.07 9.56 -6.98
CA HIS A 49 11.77 10.38 -6.01
C HIS A 49 11.37 10.01 -4.59
N HIS A 50 11.94 10.71 -3.61
CA HIS A 50 11.63 10.46 -2.21
C HIS A 50 10.22 10.94 -1.87
N VAL A 51 9.88 12.13 -2.35
CA VAL A 51 8.56 12.70 -2.10
C VAL A 51 7.48 11.90 -2.81
N GLN A 52 7.82 11.34 -3.97
CA GLN A 52 6.88 10.54 -4.74
C GLN A 52 6.60 9.23 -4.03
N TRP A 53 7.64 8.63 -3.48
CA TRP A 53 7.52 7.36 -2.76
C TRP A 53 6.61 7.51 -1.55
N GLN A 54 6.80 8.59 -0.80
CA GLN A 54 6.00 8.86 0.38
C GLN A 54 4.56 9.22 0.01
N GLN A 55 4.41 9.92 -1.12
CA GLN A 55 3.10 10.33 -1.60
C GLN A 55 2.35 9.14 -2.19
N LYS A 56 3.07 8.23 -2.82
CA LYS A 56 2.47 7.06 -3.43
C LYS A 56 1.96 6.10 -2.36
N LEU A 57 2.84 5.72 -1.44
CA LEU A 57 2.48 4.80 -0.36
C LEU A 57 1.36 5.38 0.49
N ALA A 58 1.46 6.66 0.81
CA ALA A 58 0.45 7.34 1.62
C ALA A 58 -0.91 7.29 0.95
N ARG A 59 -0.99 7.85 -0.25
CA ARG A 59 -2.23 7.88 -1.01
C ARG A 59 -2.73 6.46 -1.28
N SER A 60 -1.80 5.53 -1.39
CA SER A 60 -2.14 4.13 -1.66
C SER A 60 -2.94 3.54 -0.50
N LEU A 61 -2.42 3.69 0.71
CA LEU A 61 -3.08 3.17 1.90
C LEU A 61 -4.40 3.90 2.14
N GLN A 62 -4.46 5.16 1.76
CA GLN A 62 -5.67 5.96 1.93
C GLN A 62 -6.81 5.39 1.10
N ILE A 63 -6.53 5.10 -0.17
CA ILE A 63 -7.54 4.56 -1.07
C ILE A 63 -7.79 3.08 -0.79
N GLY A 64 -6.83 2.44 -0.12
CA GLY A 64 -6.98 1.02 0.19
C GLY A 64 -7.97 0.78 1.30
N ARG A 65 -7.91 1.60 2.35
CA ARG A 65 -8.82 1.46 3.47
C ARG A 65 -10.24 1.87 3.09
N ALA A 66 -10.35 2.87 2.22
CA ALA A 66 -11.65 3.34 1.77
C ALA A 66 -12.44 2.23 1.09
N SER A 67 -11.71 1.31 0.44
CA SER A 67 -12.33 0.20 -0.26
C SER A 67 -12.33 -1.07 0.60
N ASN A 68 -11.59 -1.02 1.71
CA ASN A 68 -11.50 -2.18 2.61
C ASN A 68 -10.79 -3.34 1.94
N GLY A 69 -11.52 -4.05 1.07
CA GLY A 69 -10.94 -5.19 0.37
C GLY A 69 -11.97 -6.24 0.05
N GLY A 70 -12.85 -5.95 -0.92
CA GLY A 70 -13.87 -6.90 -1.30
C GLY A 70 -14.08 -6.94 -2.81
N LEU A 71 -14.99 -6.12 -3.30
CA LEU A 71 -15.28 -6.06 -4.73
C LEU A 71 -16.01 -4.76 -5.08
N PRO A 72 -15.29 -3.63 -5.09
CA PRO A 72 -15.88 -2.33 -5.42
C PRO A 72 -16.26 -2.22 -6.89
N LYS A 73 -17.44 -1.68 -7.15
CA LYS A 73 -17.93 -1.52 -8.52
C LYS A 73 -17.37 -0.25 -9.15
N ARG A 74 -16.25 -0.39 -9.86
CA ARG A 74 -15.61 0.74 -10.51
C ARG A 74 -14.90 0.31 -11.79
N ASP A 75 -15.42 -0.74 -12.43
CA ASP A 75 -14.85 -1.24 -13.67
C ASP A 75 -15.73 -0.90 -14.86
N VAL A 76 -15.23 -0.02 -15.72
CA VAL A 76 -15.97 0.39 -16.91
C VAL A 76 -15.28 -0.09 -18.18
N ASN A 77 -14.09 0.45 -18.44
CA ASN A 77 -13.33 0.08 -19.63
C ASN A 77 -11.87 0.53 -19.50
N THR A 78 -11.22 0.08 -18.43
CA THR A 78 -9.82 0.42 -18.19
C THR A 78 -9.64 1.93 -18.08
N VAL A 79 -9.49 2.42 -16.86
CA VAL A 79 -9.31 3.85 -16.63
C VAL A 79 -8.25 4.10 -15.55
N SER A 80 -8.37 3.39 -14.44
CA SER A 80 -7.42 3.54 -13.33
C SER A 80 -7.50 2.35 -12.39
N GLU A 81 -6.45 2.13 -11.62
CA GLU A 81 -6.40 1.03 -10.67
C GLU A 81 -6.53 -0.32 -11.39
N PRO A 82 -5.40 -0.90 -11.81
CA PRO A 82 -5.39 -2.19 -12.52
C PRO A 82 -5.80 -3.35 -11.61
N ASP A 83 -6.35 -4.39 -12.21
CA ASP A 83 -6.78 -5.57 -11.46
C ASP A 83 -7.24 -6.68 -12.40
N SER A 84 -6.44 -7.74 -12.47
CA SER A 84 -6.76 -8.87 -13.34
C SER A 84 -7.85 -9.74 -12.72
N GLN A 85 -7.84 -9.83 -11.39
CA GLN A 85 -8.83 -10.63 -10.67
C GLN A 85 -8.77 -12.09 -11.11
N ILE A 86 -8.06 -12.91 -10.34
CA ILE A 86 -7.93 -14.32 -10.64
C ILE A 86 -9.03 -15.13 -9.95
N PRO A 87 -9.80 -15.93 -10.72
CA PRO A 87 -10.88 -16.74 -10.15
C PRO A 87 -10.40 -17.70 -9.07
N PRO A 88 -9.30 -18.44 -9.32
CA PRO A 88 -8.74 -19.40 -8.35
C PRO A 88 -8.49 -18.75 -7.00
N GLY A 89 -9.51 -18.80 -6.13
CA GLY A 89 -9.38 -18.21 -4.80
C GLY A 89 -10.71 -17.83 -4.21
N PHE A 90 -10.93 -18.22 -2.95
CA PHE A 90 -12.17 -17.92 -2.26
C PHE A 90 -12.13 -18.41 -0.82
N ARG A 91 -10.97 -18.30 -0.19
CA ARG A 91 -10.79 -18.74 1.18
C ARG A 91 -10.02 -17.69 1.99
N GLY A 92 -10.55 -17.36 3.17
CA GLY A 92 -9.90 -16.39 4.02
C GLY A 92 -10.89 -15.50 4.75
N MET A 1 14.36 11.21 -8.11
CA MET A 1 14.31 9.78 -8.54
C MET A 1 15.48 9.00 -7.98
N PHE A 2 15.20 7.78 -7.51
CA PHE A 2 16.23 6.92 -6.94
C PHE A 2 15.86 5.46 -7.07
N ALA A 3 16.49 4.77 -8.02
CA ALA A 3 16.22 3.35 -8.24
C ALA A 3 16.87 2.49 -7.17
N MET A 4 16.06 1.66 -6.51
CA MET A 4 16.55 0.79 -5.46
C MET A 4 16.28 -0.68 -5.80
N TYR A 5 16.38 -1.54 -4.79
CA TYR A 5 16.14 -2.97 -4.98
C TYR A 5 14.85 -3.39 -4.28
N PRO A 6 14.21 -4.47 -4.76
CA PRO A 6 12.96 -4.97 -4.17
C PRO A 6 13.20 -5.89 -2.97
N ASP A 7 14.28 -5.66 -2.25
CA ASP A 7 14.62 -6.47 -1.08
C ASP A 7 14.54 -5.65 0.21
N TRP A 8 13.73 -4.59 0.19
CA TRP A 8 13.59 -3.73 1.37
C TRP A 8 12.60 -4.32 2.36
N GLN A 9 12.94 -4.26 3.64
CA GLN A 9 12.08 -4.77 4.69
C GLN A 9 12.15 -3.87 5.92
N PRO A 10 11.22 -2.89 6.03
CA PRO A 10 11.19 -1.96 7.16
C PRO A 10 10.58 -2.58 8.41
N ASP A 11 10.35 -1.76 9.42
CA ASP A 11 9.78 -2.21 10.68
C ASP A 11 9.39 -1.03 11.56
N ALA A 12 10.39 -0.33 12.08
CA ALA A 12 10.14 0.83 12.92
C ALA A 12 10.01 2.10 12.09
N ASP A 13 10.79 2.17 11.02
CA ASP A 13 10.76 3.34 10.13
C ASP A 13 9.42 3.44 9.41
N PHE A 14 8.76 2.30 9.24
CA PHE A 14 7.46 2.27 8.56
C PHE A 14 6.41 3.05 9.36
N ILE A 15 6.44 2.88 10.68
CA ILE A 15 5.49 3.57 11.54
C ILE A 15 5.87 5.04 11.73
N ARG A 16 7.18 5.29 11.80
CA ARG A 16 7.68 6.65 11.97
C ARG A 16 7.49 7.47 10.70
N LEU A 17 7.73 6.84 9.56
CA LEU A 17 7.58 7.50 8.27
C LEU A 17 6.11 7.81 7.98
N ALA A 18 5.25 6.83 8.23
CA ALA A 18 3.82 6.99 8.00
C ALA A 18 3.24 8.08 8.88
N ALA A 19 3.70 8.14 10.13
CA ALA A 19 3.22 9.15 11.08
C ALA A 19 3.77 10.53 10.72
N LEU A 20 4.99 10.57 10.20
CA LEU A 20 5.63 11.81 9.81
C LEU A 20 5.14 12.27 8.44
N TRP A 21 4.81 11.31 7.58
CA TRP A 21 4.33 11.61 6.24
C TRP A 21 2.90 12.14 6.26
N GLY A 22 2.23 11.99 7.40
CA GLY A 22 0.85 12.45 7.52
C GLY A 22 -0.15 11.32 7.41
N VAL A 23 0.21 10.16 7.94
CA VAL A 23 -0.67 9.00 7.90
C VAL A 23 -0.84 8.39 9.29
N ALA A 24 -2.08 8.23 9.73
CA ALA A 24 -2.37 7.66 11.04
C ALA A 24 -3.12 6.34 10.91
N LEU A 25 -2.38 5.23 10.94
CA LEU A 25 -2.97 3.91 10.82
C LEU A 25 -3.32 3.35 12.19
N ARG A 26 -4.51 2.78 12.32
CA ARG A 26 -4.97 2.21 13.58
C ARG A 26 -4.18 0.94 13.91
N GLU A 27 -3.91 0.14 12.89
CA GLU A 27 -3.16 -1.10 13.07
C GLU A 27 -2.12 -1.27 11.97
N PRO A 28 -1.14 -2.18 12.17
CA PRO A 28 -0.08 -2.44 11.19
C PRO A 28 -0.64 -2.73 9.81
N VAL A 29 0.21 -2.58 8.79
CA VAL A 29 -0.20 -2.83 7.40
C VAL A 29 -0.13 -4.32 7.08
N THR A 30 -1.03 -4.76 6.20
CA THR A 30 -1.08 -6.16 5.80
C THR A 30 0.04 -6.48 4.81
N THR A 31 0.48 -7.72 4.80
CA THR A 31 1.54 -8.16 3.90
C THR A 31 1.06 -8.16 2.46
N GLU A 32 -0.24 -8.36 2.27
CA GLU A 32 -0.82 -8.39 0.93
C GLU A 32 -0.52 -7.09 0.18
N GLU A 33 -0.74 -5.97 0.85
CA GLU A 33 -0.49 -4.66 0.25
C GLU A 33 0.98 -4.47 -0.08
N LEU A 34 1.85 -4.98 0.80
CA LEU A 34 3.28 -4.89 0.61
C LEU A 34 3.74 -5.72 -0.59
N ALA A 35 3.31 -6.98 -0.62
CA ALA A 35 3.68 -7.87 -1.71
C ALA A 35 3.19 -7.33 -3.05
N SER A 36 2.06 -6.64 -3.03
CA SER A 36 1.49 -6.08 -4.25
C SER A 36 2.33 -4.92 -4.75
N PHE A 37 2.78 -4.08 -3.83
CA PHE A 37 3.61 -2.93 -4.18
C PHE A 37 4.92 -3.37 -4.81
N ILE A 38 5.49 -4.44 -4.28
CA ILE A 38 6.76 -4.97 -4.78
C ILE A 38 6.58 -5.58 -6.17
N ALA A 39 5.46 -6.28 -6.36
CA ALA A 39 5.18 -6.92 -7.63
C ALA A 39 5.10 -5.90 -8.76
N TYR A 40 4.40 -4.79 -8.50
CA TYR A 40 4.26 -3.74 -9.50
C TYR A 40 5.54 -2.90 -9.60
N TRP A 41 6.20 -2.71 -8.46
CA TRP A 41 7.43 -1.94 -8.42
C TRP A 41 8.51 -2.58 -9.30
N GLN A 42 8.68 -3.89 -9.15
CA GLN A 42 9.67 -4.62 -9.93
C GLN A 42 9.23 -4.77 -11.38
N ALA A 43 7.93 -5.00 -11.58
CA ALA A 43 7.37 -5.16 -12.92
C ALA A 43 7.44 -3.85 -13.69
N GLU A 44 7.34 -2.73 -12.98
CA GLU A 44 7.38 -1.42 -13.61
C GLU A 44 8.73 -1.18 -14.28
N GLY A 45 9.81 -1.43 -13.54
CA GLY A 45 11.14 -1.24 -14.08
C GLY A 45 11.46 0.23 -14.32
N LYS A 46 11.10 1.07 -13.36
CA LYS A 46 11.36 2.51 -13.47
C LYS A 46 11.95 3.05 -12.18
N VAL A 47 11.96 4.38 -12.05
CA VAL A 47 12.49 5.03 -10.85
C VAL A 47 11.49 6.00 -10.26
N PHE A 48 11.55 6.19 -8.94
CA PHE A 48 10.65 7.09 -8.25
C PHE A 48 11.42 8.05 -7.35
N HIS A 49 10.83 9.21 -7.10
CA HIS A 49 11.46 10.21 -6.24
C HIS A 49 11.10 9.98 -4.78
N HIS A 50 11.78 10.70 -3.89
CA HIS A 50 11.53 10.58 -2.46
C HIS A 50 10.07 10.94 -2.13
N VAL A 51 9.72 12.20 -2.37
CA VAL A 51 8.37 12.66 -2.10
C VAL A 51 7.33 11.79 -2.80
N GLN A 52 7.67 11.33 -4.00
CA GLN A 52 6.76 10.49 -4.78
C GLN A 52 6.51 9.16 -4.05
N TRP A 53 7.53 8.66 -3.37
CA TRP A 53 7.42 7.41 -2.64
C TRP A 53 6.52 7.58 -1.41
N GLN A 54 6.66 8.72 -0.73
CA GLN A 54 5.86 8.99 0.46
C GLN A 54 4.41 9.22 0.10
N GLN A 55 4.18 9.87 -1.04
CA GLN A 55 2.81 10.17 -1.48
C GLN A 55 2.13 8.92 -2.02
N LYS A 56 2.80 8.21 -2.93
CA LYS A 56 2.25 7.00 -3.53
C LYS A 56 1.88 5.97 -2.47
N LEU A 57 2.84 5.63 -1.62
CA LEU A 57 2.62 4.65 -0.56
C LEU A 57 1.55 5.13 0.42
N ALA A 58 1.69 6.38 0.87
CA ALA A 58 0.74 6.95 1.82
C ALA A 58 -0.67 6.94 1.25
N ARG A 59 -0.85 7.59 0.10
CA ARG A 59 -2.15 7.65 -0.55
C ARG A 59 -2.64 6.25 -0.91
N SER A 60 -1.71 5.35 -1.17
CA SER A 60 -2.04 3.97 -1.53
C SER A 60 -2.69 3.25 -0.36
N LEU A 61 -2.08 3.38 0.82
CA LEU A 61 -2.60 2.74 2.02
C LEU A 61 -3.92 3.38 2.45
N GLN A 62 -4.09 4.66 2.12
CA GLN A 62 -5.31 5.38 2.47
C GLN A 62 -6.49 4.91 1.62
N ILE A 63 -6.33 5.03 0.30
CA ILE A 63 -7.39 4.63 -0.62
C ILE A 63 -7.69 3.13 -0.49
N GLY A 64 -6.68 2.38 -0.09
CA GLY A 64 -6.84 0.94 0.08
C GLY A 64 -7.63 0.59 1.31
N ARG A 65 -7.39 1.31 2.40
CA ARG A 65 -8.08 1.07 3.66
C ARG A 65 -9.54 1.49 3.56
N ALA A 66 -9.78 2.64 2.94
CA ALA A 66 -11.14 3.14 2.78
C ALA A 66 -12.01 2.16 2.00
N SER A 67 -11.41 1.53 0.99
CA SER A 67 -12.13 0.57 0.17
C SER A 67 -12.24 -0.78 0.87
N ASN A 68 -11.26 -1.09 1.70
CA ASN A 68 -11.24 -2.34 2.44
C ASN A 68 -11.19 -3.53 1.48
N GLY A 69 -9.99 -4.07 1.27
CA GLY A 69 -9.83 -5.20 0.37
C GLY A 69 -9.13 -4.83 -0.91
N GLY A 70 -9.89 -4.69 -1.99
CA GLY A 70 -9.31 -4.34 -3.27
C GLY A 70 -9.94 -3.10 -3.87
N LEU A 71 -11.08 -3.29 -4.56
CA LEU A 71 -11.78 -2.17 -5.17
C LEU A 71 -10.90 -1.48 -6.21
N PRO A 72 -10.98 -1.91 -7.49
CA PRO A 72 -10.17 -1.33 -8.57
C PRO A 72 -10.59 0.11 -8.88
N LYS A 73 -9.74 1.07 -8.50
CA LYS A 73 -10.02 2.47 -8.74
C LYS A 73 -9.02 3.06 -9.74
N ARG A 74 -7.78 2.60 -9.67
CA ARG A 74 -6.73 3.08 -10.56
C ARG A 74 -6.66 2.22 -11.83
N ASP A 75 -7.80 2.03 -12.47
CA ASP A 75 -7.87 1.23 -13.70
C ASP A 75 -8.76 1.90 -14.73
N VAL A 76 -8.44 1.70 -16.01
CA VAL A 76 -9.21 2.28 -17.09
C VAL A 76 -10.01 1.21 -17.83
N ASN A 77 -9.37 0.08 -18.09
CA ASN A 77 -10.01 -1.03 -18.79
C ASN A 77 -9.65 -2.36 -18.14
N THR A 78 -10.52 -3.35 -18.32
CA THR A 78 -10.31 -4.68 -17.76
C THR A 78 -9.09 -5.35 -18.39
N VAL A 79 -7.90 -4.96 -17.93
CA VAL A 79 -6.66 -5.51 -18.45
C VAL A 79 -6.34 -6.85 -17.79
N SER A 80 -6.12 -6.81 -16.48
CA SER A 80 -5.80 -8.02 -15.72
C SER A 80 -4.51 -8.67 -16.23
N GLU A 81 -3.37 -8.19 -15.73
CA GLU A 81 -2.08 -8.72 -16.13
C GLU A 81 -1.10 -8.72 -14.96
N PRO A 82 -1.24 -9.70 -14.05
CA PRO A 82 -0.36 -9.82 -12.88
C PRO A 82 1.04 -10.29 -13.25
N ASP A 83 2.04 -9.46 -12.94
CA ASP A 83 3.43 -9.80 -13.24
C ASP A 83 3.99 -10.79 -12.23
N SER A 84 3.83 -12.08 -12.53
CA SER A 84 4.32 -13.14 -11.64
C SER A 84 3.59 -13.10 -10.30
N GLN A 85 3.18 -14.28 -9.82
CA GLN A 85 2.47 -14.38 -8.55
C GLN A 85 3.43 -14.80 -7.43
N ILE A 86 4.66 -14.31 -7.50
CA ILE A 86 5.67 -14.63 -6.49
C ILE A 86 6.48 -13.40 -6.12
N PRO A 87 5.93 -12.53 -5.26
CA PRO A 87 6.61 -11.30 -4.83
C PRO A 87 7.97 -11.55 -4.19
N PRO A 88 8.07 -12.53 -3.25
CA PRO A 88 9.34 -12.84 -2.59
C PRO A 88 10.32 -13.59 -3.49
N GLY A 89 9.83 -14.66 -4.10
CA GLY A 89 10.68 -15.45 -4.98
C GLY A 89 10.42 -16.94 -4.86
N PHE A 90 10.42 -17.44 -3.63
CA PHE A 90 10.20 -18.86 -3.39
C PHE A 90 11.34 -19.71 -3.92
N ARG A 91 11.42 -19.82 -5.24
CA ARG A 91 12.48 -20.60 -5.88
C ARG A 91 13.80 -19.85 -5.85
N GLY A 92 14.42 -19.82 -4.68
CA GLY A 92 15.70 -19.13 -4.53
C GLY A 92 16.86 -20.08 -4.33
N MET A 1 16.09 11.11 -9.94
CA MET A 1 15.28 10.15 -9.14
C MET A 1 16.16 9.19 -8.37
N PHE A 2 15.54 8.25 -7.65
CA PHE A 2 16.28 7.27 -6.87
C PHE A 2 15.57 5.92 -6.88
N ALA A 3 16.19 4.94 -7.54
CA ALA A 3 15.62 3.60 -7.63
C ALA A 3 16.00 2.77 -6.42
N MET A 4 15.54 1.52 -6.40
CA MET A 4 15.85 0.61 -5.30
C MET A 4 15.47 -0.83 -5.66
N TYR A 5 15.75 -1.74 -4.75
CA TYR A 5 15.45 -3.15 -4.97
C TYR A 5 14.22 -3.58 -4.16
N PRO A 6 13.46 -4.56 -4.66
CA PRO A 6 12.25 -5.05 -3.98
C PRO A 6 12.55 -6.08 -2.91
N ASP A 7 13.67 -5.92 -2.21
CA ASP A 7 14.07 -6.86 -1.16
C ASP A 7 14.04 -6.19 0.22
N TRP A 8 13.44 -5.01 0.29
CA TRP A 8 13.36 -4.28 1.54
C TRP A 8 12.27 -4.85 2.46
N GLN A 9 12.42 -4.62 3.76
CA GLN A 9 11.46 -5.10 4.73
C GLN A 9 11.07 -3.99 5.70
N PRO A 10 9.94 -4.16 6.42
CA PRO A 10 9.47 -3.16 7.38
C PRO A 10 10.54 -2.80 8.42
N ASP A 11 10.67 -1.51 8.70
CA ASP A 11 11.65 -1.04 9.67
C ASP A 11 11.04 0.02 10.59
N ALA A 12 11.87 0.59 11.46
CA ALA A 12 11.42 1.61 12.38
C ALA A 12 11.20 2.95 11.68
N ASP A 13 12.07 3.24 10.71
CA ASP A 13 11.97 4.49 9.95
C ASP A 13 10.74 4.49 9.06
N PHE A 14 10.33 3.29 8.63
CA PHE A 14 9.16 3.15 7.77
C PHE A 14 7.89 3.59 8.50
N ILE A 15 7.62 2.96 9.63
CA ILE A 15 6.44 3.29 10.42
C ILE A 15 6.49 4.73 10.90
N ARG A 16 7.68 5.19 11.26
CA ARG A 16 7.88 6.56 11.74
C ARG A 16 7.49 7.57 10.66
N LEU A 17 7.99 7.33 9.45
CA LEU A 17 7.70 8.23 8.33
C LEU A 17 6.22 8.16 7.94
N ALA A 18 5.67 6.95 7.92
CA ALA A 18 4.28 6.75 7.57
C ALA A 18 3.35 7.48 8.54
N ALA A 19 3.77 7.54 9.80
CA ALA A 19 2.97 8.20 10.83
C ALA A 19 3.03 9.72 10.68
N LEU A 20 4.20 10.23 10.32
CA LEU A 20 4.39 11.67 10.14
C LEU A 20 3.90 12.10 8.76
N TRP A 21 4.00 11.19 7.79
CA TRP A 21 3.56 11.49 6.42
C TRP A 21 2.04 11.67 6.35
N GLY A 22 1.35 11.26 7.40
CA GLY A 22 -0.10 11.38 7.42
C GLY A 22 -0.80 10.09 7.03
N VAL A 23 -0.31 8.97 7.55
CA VAL A 23 -0.89 7.67 7.26
C VAL A 23 -1.46 7.03 8.51
N ALA A 24 -2.79 6.93 8.57
CA ALA A 24 -3.46 6.33 9.71
C ALA A 24 -4.10 5.00 9.35
N LEU A 25 -3.74 3.94 10.08
CA LEU A 25 -4.29 2.61 9.83
C LEU A 25 -4.97 2.08 11.08
N ARG A 26 -6.08 1.36 10.88
CA ARG A 26 -6.84 0.79 11.98
C ARG A 26 -6.20 -0.51 12.45
N GLU A 27 -5.58 -1.23 11.52
CA GLU A 27 -4.93 -2.50 11.85
C GLU A 27 -3.55 -2.58 11.20
N PRO A 28 -2.66 -3.44 11.74
CA PRO A 28 -1.30 -3.60 11.20
C PRO A 28 -1.30 -3.90 9.71
N VAL A 29 -0.11 -4.08 9.15
CA VAL A 29 0.02 -4.37 7.73
C VAL A 29 0.11 -5.88 7.48
N THR A 30 -0.44 -6.32 6.35
CA THR A 30 -0.43 -7.74 6.00
C THR A 30 0.55 -7.99 4.85
N THR A 31 0.86 -9.27 4.64
CA THR A 31 1.78 -9.65 3.57
C THR A 31 1.25 -9.22 2.21
N GLU A 32 -0.07 -9.29 2.04
CA GLU A 32 -0.69 -8.90 0.78
C GLU A 32 -0.44 -7.43 0.48
N GLU A 33 -0.31 -6.62 1.52
CA GLU A 33 -0.07 -5.20 1.37
C GLU A 33 1.34 -4.94 0.84
N LEU A 34 2.32 -5.58 1.48
CA LEU A 34 3.71 -5.43 1.08
C LEU A 34 3.96 -6.09 -0.29
N ALA A 35 3.38 -7.26 -0.48
CA ALA A 35 3.53 -7.99 -1.73
C ALA A 35 2.96 -7.19 -2.90
N SER A 36 1.83 -6.54 -2.67
CA SER A 36 1.18 -5.74 -3.71
C SER A 36 2.05 -4.55 -4.09
N PHE A 37 2.51 -3.81 -3.10
CA PHE A 37 3.36 -2.65 -3.33
C PHE A 37 4.64 -3.04 -4.05
N ILE A 38 5.28 -4.11 -3.58
CA ILE A 38 6.51 -4.59 -4.17
C ILE A 38 6.25 -5.19 -5.55
N ALA A 39 5.08 -5.79 -5.73
CA ALA A 39 4.71 -6.40 -7.00
C ALA A 39 4.72 -5.37 -8.12
N TYR A 40 3.98 -4.28 -7.92
CA TYR A 40 3.91 -3.22 -8.92
C TYR A 40 5.24 -2.51 -9.06
N TRP A 41 5.96 -2.39 -7.95
CA TRP A 41 7.26 -1.73 -7.94
C TRP A 41 8.29 -2.54 -8.74
N GLN A 42 8.24 -3.86 -8.60
CA GLN A 42 9.16 -4.74 -9.31
C GLN A 42 8.76 -4.87 -10.77
N ALA A 43 7.45 -4.87 -11.03
CA ALA A 43 6.96 -4.98 -12.40
C ALA A 43 7.11 -3.67 -13.16
N GLU A 44 7.03 -2.56 -12.44
CA GLU A 44 7.17 -1.24 -13.04
C GLU A 44 8.58 -1.03 -13.57
N GLY A 45 9.57 -1.40 -12.77
CA GLY A 45 10.95 -1.24 -13.19
C GLY A 45 11.30 0.20 -13.49
N LYS A 46 10.70 1.12 -12.74
CA LYS A 46 10.96 2.55 -12.94
C LYS A 46 11.72 3.13 -11.75
N VAL A 47 11.73 4.45 -11.63
CA VAL A 47 12.42 5.13 -10.55
C VAL A 47 11.55 6.21 -9.93
N PHE A 48 11.63 6.35 -8.61
CA PHE A 48 10.84 7.34 -7.89
C PHE A 48 11.73 8.17 -6.97
N HIS A 49 11.20 9.33 -6.55
CA HIS A 49 11.94 10.21 -5.65
C HIS A 49 11.52 10.00 -4.21
N HIS A 50 12.14 10.74 -3.29
CA HIS A 50 11.81 10.63 -1.87
C HIS A 50 10.41 11.17 -1.60
N VAL A 51 10.11 12.35 -2.14
CA VAL A 51 8.79 12.96 -1.95
C VAL A 51 7.73 12.17 -2.70
N GLN A 52 8.09 11.67 -3.88
CA GLN A 52 7.17 10.90 -4.71
C GLN A 52 6.86 9.55 -4.06
N TRP A 53 7.86 8.96 -3.44
CA TRP A 53 7.69 7.67 -2.79
C TRP A 53 6.75 7.78 -1.59
N GLN A 54 6.94 8.81 -0.78
CA GLN A 54 6.12 9.04 0.40
C GLN A 54 4.70 9.46 0.00
N GLN A 55 4.60 10.14 -1.13
CA GLN A 55 3.31 10.61 -1.62
C GLN A 55 2.52 9.49 -2.28
N LYS A 56 3.18 8.74 -3.16
CA LYS A 56 2.53 7.63 -3.86
C LYS A 56 2.12 6.53 -2.89
N LEU A 57 2.99 6.24 -1.93
CA LEU A 57 2.71 5.21 -0.94
C LEU A 57 1.60 5.65 0.01
N ALA A 58 1.72 6.86 0.53
CA ALA A 58 0.72 7.39 1.46
C ALA A 58 -0.65 7.47 0.81
N ARG A 59 -0.72 8.20 -0.31
CA ARG A 59 -1.99 8.35 -1.03
C ARG A 59 -2.53 7.00 -1.49
N SER A 60 -1.62 6.06 -1.76
CA SER A 60 -2.01 4.73 -2.22
C SER A 60 -2.75 3.98 -1.12
N LEU A 61 -2.15 3.90 0.06
CA LEU A 61 -2.75 3.20 1.19
C LEU A 61 -4.04 3.90 1.63
N GLN A 62 -4.10 5.21 1.43
CA GLN A 62 -5.28 5.99 1.80
C GLN A 62 -6.48 5.62 0.94
N ILE A 63 -6.28 5.63 -0.37
CA ILE A 63 -7.36 5.30 -1.31
C ILE A 63 -7.71 3.83 -1.24
N GLY A 64 -6.71 3.00 -0.96
CA GLY A 64 -6.92 1.57 -0.87
C GLY A 64 -7.84 1.19 0.27
N ARG A 65 -7.50 1.65 1.47
CA ARG A 65 -8.31 1.35 2.65
C ARG A 65 -9.67 2.04 2.57
N ALA A 66 -9.69 3.24 1.99
CA ALA A 66 -10.92 4.00 1.85
C ALA A 66 -11.83 3.38 0.81
N SER A 67 -11.24 2.82 -0.24
CA SER A 67 -12.01 2.18 -1.30
C SER A 67 -12.48 0.80 -0.89
N ASN A 68 -11.69 0.14 -0.04
CA ASN A 68 -12.02 -1.20 0.43
C ASN A 68 -12.13 -2.18 -0.72
N GLY A 69 -11.06 -2.92 -0.97
CA GLY A 69 -11.05 -3.90 -2.04
C GLY A 69 -10.97 -5.32 -1.54
N GLY A 70 -10.39 -5.50 -0.36
CA GLY A 70 -10.26 -6.83 0.22
C GLY A 70 -11.58 -7.34 0.77
N LEU A 71 -11.88 -6.98 2.02
CA LEU A 71 -13.11 -7.41 2.66
C LEU A 71 -14.33 -6.90 1.90
N PRO A 72 -15.35 -7.75 1.73
CA PRO A 72 -16.58 -7.37 1.02
C PRO A 72 -17.49 -6.49 1.86
N LYS A 73 -18.69 -6.24 1.36
CA LYS A 73 -19.66 -5.41 2.06
C LYS A 73 -20.85 -6.24 2.53
N ARG A 74 -21.19 -7.27 1.76
CA ARG A 74 -22.31 -8.14 2.09
C ARG A 74 -21.90 -9.16 3.16
N ASP A 75 -22.85 -10.00 3.55
CA ASP A 75 -22.59 -11.02 4.56
C ASP A 75 -22.60 -12.41 3.94
N VAL A 76 -21.66 -13.25 4.37
CA VAL A 76 -21.56 -14.61 3.86
C VAL A 76 -21.39 -15.61 5.00
N ASN A 77 -20.48 -15.29 5.93
CA ASN A 77 -20.22 -16.16 7.06
C ASN A 77 -20.72 -15.54 8.36
N THR A 78 -20.85 -16.35 9.40
CA THR A 78 -21.32 -15.88 10.69
C THR A 78 -20.22 -15.12 11.42
N VAL A 79 -20.35 -13.79 11.46
CA VAL A 79 -19.36 -12.95 12.12
C VAL A 79 -19.43 -13.12 13.64
N SER A 80 -20.59 -12.85 14.21
CA SER A 80 -20.79 -12.98 15.65
C SER A 80 -19.84 -12.05 16.41
N GLU A 81 -20.36 -10.90 16.83
CA GLU A 81 -19.56 -9.93 17.57
C GLU A 81 -18.36 -9.47 16.74
N PRO A 82 -17.76 -8.32 17.12
CA PRO A 82 -16.60 -7.77 16.41
C PRO A 82 -15.47 -8.78 16.27
N ASP A 83 -14.32 -8.31 15.79
CA ASP A 83 -13.16 -9.17 15.61
C ASP A 83 -11.87 -8.41 15.90
N SER A 84 -11.18 -8.80 16.96
CA SER A 84 -9.92 -8.15 17.33
C SER A 84 -8.89 -9.18 17.77
N GLN A 85 -9.32 -10.11 18.63
CA GLN A 85 -8.43 -11.16 19.12
C GLN A 85 -8.12 -12.18 18.04
N ILE A 86 -6.84 -12.31 17.70
CA ILE A 86 -6.42 -13.25 16.68
C ILE A 86 -5.36 -14.21 17.21
N PRO A 87 -5.77 -15.41 17.66
CA PRO A 87 -4.86 -16.42 18.21
C PRO A 87 -3.61 -16.60 17.36
N PRO A 88 -2.47 -16.00 17.77
CA PRO A 88 -1.22 -16.09 17.04
C PRO A 88 -0.68 -17.53 17.00
N GLY A 89 -0.61 -18.10 15.79
CA GLY A 89 -0.10 -19.44 15.64
C GLY A 89 -1.05 -20.32 14.86
N PHE A 90 -0.87 -21.64 14.96
CA PHE A 90 -1.70 -22.59 14.25
C PHE A 90 -3.15 -22.54 14.77
N ARG A 91 -4.05 -23.20 14.04
CA ARG A 91 -5.46 -23.22 14.42
C ARG A 91 -5.92 -24.65 14.67
N GLY A 92 -6.14 -24.98 15.94
CA GLY A 92 -6.59 -26.31 16.30
C GLY A 92 -5.56 -27.37 15.98
N MET A 1 15.47 11.34 -9.45
CA MET A 1 14.76 10.21 -8.77
C MET A 1 15.74 9.32 -8.02
N PHE A 2 15.22 8.21 -7.47
CA PHE A 2 16.05 7.27 -6.73
C PHE A 2 15.48 5.85 -6.82
N ALA A 3 16.15 5.01 -7.60
CA ALA A 3 15.72 3.63 -7.79
C ALA A 3 16.23 2.75 -6.64
N MET A 4 15.32 2.29 -5.79
CA MET A 4 15.68 1.44 -4.68
C MET A 4 15.85 -0.01 -5.12
N TYR A 5 15.88 -0.92 -4.16
CA TYR A 5 16.04 -2.34 -4.45
C TYR A 5 14.87 -3.14 -3.88
N PRO A 6 14.62 -4.35 -4.41
CA PRO A 6 13.52 -5.20 -3.95
C PRO A 6 13.89 -6.04 -2.74
N ASP A 7 14.88 -5.61 -1.98
CA ASP A 7 15.32 -6.34 -0.80
C ASP A 7 15.03 -5.55 0.49
N TRP A 8 14.24 -4.49 0.37
CA TRP A 8 13.91 -3.67 1.53
C TRP A 8 12.95 -4.41 2.46
N GLN A 9 13.28 -4.41 3.75
CA GLN A 9 12.45 -5.08 4.76
C GLN A 9 11.76 -4.06 5.66
N PRO A 10 10.58 -4.41 6.20
CA PRO A 10 9.81 -3.52 7.08
C PRO A 10 10.48 -3.37 8.44
N ASP A 11 10.10 -2.30 9.15
CA ASP A 11 10.65 -2.04 10.47
C ASP A 11 10.00 -0.82 11.11
N ALA A 12 10.56 -0.36 12.22
CA ALA A 12 10.03 0.81 12.91
C ALA A 12 10.05 2.04 12.02
N ASP A 13 11.03 2.10 11.12
CA ASP A 13 11.15 3.23 10.21
C ASP A 13 9.91 3.36 9.33
N PHE A 14 9.27 2.24 9.04
CA PHE A 14 8.07 2.22 8.22
C PHE A 14 6.93 2.98 8.90
N ILE A 15 6.79 2.78 10.20
CA ILE A 15 5.75 3.44 10.98
C ILE A 15 6.07 4.92 11.18
N ARG A 16 7.35 5.22 11.32
CA ARG A 16 7.80 6.60 11.52
C ARG A 16 7.56 7.43 10.27
N LEU A 17 7.86 6.84 9.11
CA LEU A 17 7.68 7.54 7.84
C LEU A 17 6.20 7.67 7.49
N ALA A 18 5.45 6.59 7.69
CA ALA A 18 4.03 6.58 7.40
C ALA A 18 3.29 7.63 8.22
N ALA A 19 3.68 7.75 9.49
CA ALA A 19 3.06 8.72 10.38
C ALA A 19 3.50 10.15 10.06
N LEU A 20 4.73 10.27 9.57
CA LEU A 20 5.29 11.57 9.22
C LEU A 20 4.80 12.01 7.83
N TRP A 21 4.57 11.03 6.96
CA TRP A 21 4.11 11.32 5.60
C TRP A 21 2.64 11.74 5.59
N GLY A 22 1.94 11.53 6.71
CA GLY A 22 0.55 11.90 6.80
C GLY A 22 -0.37 10.69 6.81
N VAL A 23 0.06 9.63 7.48
CA VAL A 23 -0.73 8.41 7.57
C VAL A 23 -0.66 7.81 8.97
N ALA A 24 -1.77 7.85 9.69
CA ALA A 24 -1.83 7.31 11.04
C ALA A 24 -2.73 6.08 11.10
N LEU A 25 -2.13 4.91 11.30
CA LEU A 25 -2.88 3.67 11.37
C LEU A 25 -2.81 3.07 12.78
N ARG A 26 -3.74 2.19 13.10
CA ARG A 26 -3.79 1.55 14.41
C ARG A 26 -2.99 0.25 14.39
N GLU A 27 -3.20 -0.55 13.36
CA GLU A 27 -2.50 -1.83 13.23
C GLU A 27 -1.44 -1.77 12.13
N PRO A 28 -0.41 -2.63 12.22
CA PRO A 28 0.67 -2.66 11.22
C PRO A 28 0.14 -2.80 9.79
N VAL A 29 1.06 -2.82 8.84
CA VAL A 29 0.69 -2.95 7.43
C VAL A 29 0.33 -4.39 7.09
N THR A 30 -0.53 -4.56 6.09
CA THR A 30 -0.97 -5.89 5.65
C THR A 30 0.04 -6.49 4.68
N THR A 31 0.16 -7.81 4.70
CA THR A 31 1.08 -8.51 3.81
C THR A 31 0.63 -8.41 2.36
N GLU A 32 -0.69 -8.34 2.16
CA GLU A 32 -1.24 -8.24 0.82
C GLU A 32 -0.72 -7.00 0.09
N GLU A 33 -0.77 -5.86 0.77
CA GLU A 33 -0.30 -4.61 0.19
C GLU A 33 1.21 -4.62 0.03
N LEU A 34 1.90 -5.34 0.90
CA LEU A 34 3.35 -5.44 0.85
C LEU A 34 3.80 -6.10 -0.45
N ALA A 35 3.32 -7.31 -0.70
CA ALA A 35 3.68 -8.05 -1.90
C ALA A 35 3.19 -7.31 -3.16
N SER A 36 1.98 -6.76 -3.07
CA SER A 36 1.40 -6.02 -4.19
C SER A 36 2.28 -4.85 -4.59
N PHE A 37 2.75 -4.10 -3.60
CA PHE A 37 3.61 -2.94 -3.84
C PHE A 37 4.90 -3.36 -4.55
N ILE A 38 5.55 -4.39 -4.02
CA ILE A 38 6.79 -4.88 -4.60
C ILE A 38 6.56 -5.47 -5.99
N ALA A 39 5.37 -6.05 -6.19
CA ALA A 39 5.03 -6.64 -7.48
C ALA A 39 5.00 -5.59 -8.58
N TYR A 40 4.39 -4.45 -8.28
CA TYR A 40 4.28 -3.37 -9.24
C TYR A 40 5.62 -2.63 -9.38
N TRP A 41 6.37 -2.58 -8.30
CA TRP A 41 7.67 -1.92 -8.29
C TRP A 41 8.68 -2.70 -9.13
N GLN A 42 8.64 -4.02 -9.01
CA GLN A 42 9.55 -4.88 -9.75
C GLN A 42 9.14 -4.97 -11.22
N ALA A 43 7.83 -4.99 -11.46
CA ALA A 43 7.31 -5.07 -12.82
C ALA A 43 7.42 -3.73 -13.53
N GLU A 44 7.31 -2.65 -12.75
CA GLU A 44 7.40 -1.30 -13.31
C GLU A 44 8.78 -1.05 -13.92
N GLY A 45 9.82 -1.43 -13.19
CA GLY A 45 11.17 -1.24 -13.67
C GLY A 45 11.49 0.23 -13.93
N LYS A 46 10.94 1.11 -13.11
CA LYS A 46 11.16 2.54 -13.25
C LYS A 46 11.85 3.10 -12.01
N VAL A 47 11.82 4.43 -11.88
CA VAL A 47 12.43 5.10 -10.73
C VAL A 47 11.49 6.14 -10.14
N PHE A 48 11.50 6.24 -8.81
CA PHE A 48 10.64 7.20 -8.11
C PHE A 48 11.44 8.01 -7.11
N HIS A 49 11.01 9.25 -6.88
CA HIS A 49 11.68 10.14 -5.94
C HIS A 49 11.23 9.85 -4.51
N HIS A 50 11.77 10.61 -3.56
CA HIS A 50 11.42 10.44 -2.16
C HIS A 50 9.99 10.91 -1.89
N VAL A 51 9.61 12.03 -2.52
CA VAL A 51 8.28 12.59 -2.37
C VAL A 51 7.24 11.72 -3.06
N GLN A 52 7.63 11.14 -4.19
CA GLN A 52 6.73 10.28 -4.95
C GLN A 52 6.47 8.97 -4.22
N TRP A 53 7.50 8.46 -3.55
CA TRP A 53 7.38 7.22 -2.81
C TRP A 53 6.46 7.38 -1.60
N GLN A 54 6.66 8.46 -0.86
CA GLN A 54 5.85 8.75 0.32
C GLN A 54 4.40 9.01 -0.08
N GLN A 55 4.21 9.77 -1.15
CA GLN A 55 2.89 10.10 -1.63
C GLN A 55 2.16 8.86 -2.14
N LYS A 56 2.88 8.01 -2.87
CA LYS A 56 2.30 6.79 -3.41
C LYS A 56 1.84 5.86 -2.28
N LEU A 57 2.72 5.62 -1.32
CA LEU A 57 2.40 4.75 -0.21
C LEU A 57 1.31 5.37 0.67
N ALA A 58 1.34 6.69 0.81
CA ALA A 58 0.35 7.40 1.61
C ALA A 58 -1.03 7.35 0.96
N ARG A 59 -1.08 7.67 -0.33
CA ARG A 59 -2.34 7.66 -1.07
C ARG A 59 -2.94 6.26 -1.12
N SER A 60 -2.08 5.25 -1.10
CA SER A 60 -2.52 3.86 -1.16
C SER A 60 -3.14 3.44 0.17
N LEU A 61 -2.49 3.81 1.27
CA LEU A 61 -2.99 3.47 2.60
C LEU A 61 -4.18 4.34 2.98
N GLN A 62 -4.13 5.60 2.59
CA GLN A 62 -5.20 6.54 2.90
C GLN A 62 -6.44 6.25 2.05
N ILE A 63 -6.24 6.22 0.73
CA ILE A 63 -7.34 5.96 -0.20
C ILE A 63 -7.74 4.49 -0.17
N GLY A 64 -6.85 3.63 0.32
CA GLY A 64 -7.14 2.22 0.40
C GLY A 64 -8.05 1.87 1.55
N ARG A 65 -7.75 2.41 2.72
CA ARG A 65 -8.56 2.16 3.92
C ARG A 65 -9.80 3.04 3.94
N ALA A 66 -9.68 4.23 3.35
CA ALA A 66 -10.81 5.16 3.30
C ALA A 66 -12.02 4.55 2.62
N SER A 67 -11.77 3.85 1.51
CA SER A 67 -12.85 3.20 0.76
C SER A 67 -12.87 1.70 1.01
N ASN A 68 -11.69 1.13 1.25
CA ASN A 68 -11.57 -0.30 1.51
C ASN A 68 -12.05 -1.10 0.32
N GLY A 69 -11.56 -2.34 0.20
CA GLY A 69 -11.95 -3.20 -0.90
C GLY A 69 -11.98 -4.66 -0.51
N GLY A 70 -10.81 -5.22 -0.24
CA GLY A 70 -10.72 -6.62 0.13
C GLY A 70 -10.21 -7.49 -0.99
N LEU A 71 -9.06 -8.14 -0.77
CA LEU A 71 -8.46 -9.01 -1.78
C LEU A 71 -9.05 -10.41 -1.70
N PRO A 72 -9.06 -11.02 -0.49
CA PRO A 72 -9.60 -12.37 -0.30
C PRO A 72 -11.07 -12.47 -0.70
N LYS A 73 -11.32 -12.77 -1.97
CA LYS A 73 -12.69 -12.88 -2.48
C LYS A 73 -12.94 -14.29 -3.02
N ARG A 74 -13.96 -14.95 -2.49
CA ARG A 74 -14.31 -16.29 -2.91
C ARG A 74 -15.75 -16.35 -3.41
N ASP A 75 -15.91 -16.62 -4.70
CA ASP A 75 -17.24 -16.70 -5.30
C ASP A 75 -17.57 -18.13 -5.70
N VAL A 76 -18.79 -18.57 -5.41
CA VAL A 76 -19.24 -19.92 -5.74
C VAL A 76 -20.71 -19.94 -6.12
N ASN A 77 -20.97 -20.19 -7.40
CA ASN A 77 -22.35 -20.23 -7.90
C ASN A 77 -22.37 -20.62 -9.38
N THR A 78 -21.88 -21.80 -9.68
CA THR A 78 -21.84 -22.29 -11.05
C THR A 78 -21.03 -21.35 -11.94
N VAL A 79 -19.94 -20.84 -11.40
CA VAL A 79 -19.07 -19.93 -12.14
C VAL A 79 -17.87 -20.66 -12.74
N SER A 80 -17.44 -21.73 -12.06
CA SER A 80 -16.31 -22.51 -12.52
C SER A 80 -16.19 -23.81 -11.73
N GLU A 81 -15.03 -24.45 -11.82
CA GLU A 81 -14.79 -25.70 -11.11
C GLU A 81 -13.29 -26.00 -11.02
N PRO A 82 -12.63 -26.25 -12.17
CA PRO A 82 -11.19 -26.54 -12.20
C PRO A 82 -10.35 -25.33 -11.81
N ASP A 83 -9.15 -25.59 -11.29
CA ASP A 83 -8.25 -24.52 -10.88
C ASP A 83 -7.14 -24.32 -11.90
N SER A 84 -6.93 -23.07 -12.31
CA SER A 84 -5.90 -22.74 -13.28
C SER A 84 -6.15 -23.46 -14.60
N GLN A 85 -5.27 -23.24 -15.57
CA GLN A 85 -5.39 -23.87 -16.88
C GLN A 85 -4.11 -23.70 -17.68
N ILE A 86 -3.03 -24.33 -17.21
CA ILE A 86 -1.74 -24.25 -17.89
C ILE A 86 -1.80 -24.92 -19.26
N PRO A 87 -1.12 -24.34 -20.27
CA PRO A 87 -1.10 -24.90 -21.63
C PRO A 87 -0.22 -26.14 -21.72
N PRO A 88 -0.83 -27.33 -21.95
CA PRO A 88 -0.09 -28.59 -22.07
C PRO A 88 0.96 -28.54 -23.18
N GLY A 89 1.40 -29.71 -23.62
CA GLY A 89 2.39 -29.78 -24.68
C GLY A 89 2.01 -30.78 -25.76
N PHE A 90 2.07 -32.06 -25.43
CA PHE A 90 1.73 -33.11 -26.38
C PHE A 90 2.64 -33.05 -27.61
N ARG A 91 2.71 -34.15 -28.34
CA ARG A 91 3.54 -34.23 -29.53
C ARG A 91 2.73 -34.73 -30.72
N GLY A 92 1.94 -35.78 -30.51
CA GLY A 92 1.13 -36.34 -31.57
C GLY A 92 -0.13 -35.53 -31.83
N MET A 1 15.10 11.30 -9.94
CA MET A 1 14.43 10.35 -9.01
C MET A 1 15.45 9.39 -8.39
N PHE A 2 14.96 8.43 -7.61
CA PHE A 2 15.82 7.45 -6.97
C PHE A 2 15.29 6.03 -7.16
N ALA A 3 15.95 5.27 -8.01
CA ALA A 3 15.55 3.89 -8.28
C ALA A 3 16.17 2.92 -7.27
N MET A 4 15.34 2.35 -6.41
CA MET A 4 15.80 1.41 -5.40
C MET A 4 15.50 -0.03 -5.83
N TYR A 5 15.65 -0.96 -4.89
CA TYR A 5 15.38 -2.37 -5.17
C TYR A 5 14.23 -2.87 -4.31
N PRO A 6 13.47 -3.87 -4.81
CA PRO A 6 12.33 -4.43 -4.08
C PRO A 6 12.75 -5.54 -3.11
N ASP A 7 13.91 -5.38 -2.49
CA ASP A 7 14.41 -6.37 -1.54
C ASP A 7 14.46 -5.80 -0.12
N TRP A 8 13.69 -4.74 0.11
CA TRP A 8 13.64 -4.11 1.42
C TRP A 8 12.65 -4.81 2.34
N GLN A 9 12.93 -4.80 3.64
CA GLN A 9 12.06 -5.44 4.61
C GLN A 9 11.49 -4.42 5.58
N PRO A 10 10.22 -4.58 5.98
CA PRO A 10 9.55 -3.66 6.91
C PRO A 10 10.37 -3.44 8.18
N ASP A 11 10.19 -2.27 8.80
CA ASP A 11 10.90 -1.94 10.02
C ASP A 11 10.26 -0.74 10.73
N ALA A 12 10.89 -0.28 11.80
CA ALA A 12 10.37 0.85 12.55
C ALA A 12 10.29 2.11 11.68
N ASP A 13 11.26 2.27 10.80
CA ASP A 13 11.29 3.42 9.90
C ASP A 13 10.05 3.47 9.03
N PHE A 14 9.53 2.30 8.68
CA PHE A 14 8.34 2.21 7.85
C PHE A 14 7.16 2.89 8.52
N ILE A 15 6.87 2.49 9.76
CA ILE A 15 5.76 3.07 10.51
C ILE A 15 6.06 4.50 10.92
N ARG A 16 7.33 4.77 11.22
CA ARG A 16 7.75 6.11 11.63
C ARG A 16 7.55 7.10 10.49
N LEU A 17 8.02 6.76 9.31
CA LEU A 17 7.89 7.61 8.14
C LEU A 17 6.44 7.78 7.74
N ALA A 18 5.70 6.67 7.75
CA ALA A 18 4.29 6.68 7.39
C ALA A 18 3.49 7.59 8.31
N ALA A 19 3.75 7.48 9.61
CA ALA A 19 3.06 8.29 10.60
C ALA A 19 3.35 9.78 10.39
N LEU A 20 4.59 10.09 10.00
CA LEU A 20 5.00 11.46 9.76
C LEU A 20 4.56 11.93 8.38
N TRP A 21 4.50 10.99 7.43
CA TRP A 21 4.10 11.32 6.06
C TRP A 21 2.60 11.66 5.99
N GLY A 22 1.88 11.35 7.07
CA GLY A 22 0.45 11.63 7.09
C GLY A 22 -0.39 10.37 7.02
N VAL A 23 0.15 9.26 7.51
CA VAL A 23 -0.56 8.00 7.49
C VAL A 23 -0.55 7.34 8.87
N ALA A 24 -1.71 7.29 9.50
CA ALA A 24 -1.85 6.71 10.83
C ALA A 24 -2.71 5.45 10.79
N LEU A 25 -2.09 4.29 10.92
CA LEU A 25 -2.80 3.02 10.89
C LEU A 25 -2.69 2.31 12.24
N ARG A 26 -3.83 2.16 12.91
CA ARG A 26 -3.86 1.49 14.21
C ARG A 26 -3.48 0.02 14.08
N GLU A 27 -4.03 -0.64 13.07
CA GLU A 27 -3.76 -2.05 12.83
C GLU A 27 -2.42 -2.23 12.11
N PRO A 28 -1.68 -3.31 12.43
CA PRO A 28 -0.39 -3.59 11.79
C PRO A 28 -0.49 -3.60 10.27
N VAL A 29 0.63 -3.90 9.62
CA VAL A 29 0.68 -3.95 8.16
C VAL A 29 0.36 -5.36 7.65
N THR A 30 -0.49 -5.44 6.64
CA THR A 30 -0.87 -6.71 6.06
C THR A 30 0.22 -7.23 5.12
N THR A 31 0.34 -8.55 5.04
CA THR A 31 1.35 -9.17 4.19
C THR A 31 0.97 -9.03 2.71
N GLU A 32 -0.33 -9.08 2.44
CA GLU A 32 -0.83 -8.97 1.08
C GLU A 32 -0.56 -7.58 0.52
N GLU A 33 -0.68 -6.57 1.37
CA GLU A 33 -0.44 -5.18 0.96
C GLU A 33 1.04 -4.95 0.66
N LEU A 34 1.90 -5.47 1.53
CA LEU A 34 3.34 -5.31 1.35
C LEU A 34 3.81 -6.03 0.09
N ALA A 35 3.43 -7.29 -0.04
CA ALA A 35 3.82 -8.09 -1.21
C ALA A 35 3.29 -7.47 -2.50
N SER A 36 2.10 -6.89 -2.42
CA SER A 36 1.48 -6.26 -3.58
C SER A 36 2.28 -5.05 -4.04
N PHE A 37 2.74 -4.26 -3.07
CA PHE A 37 3.52 -3.06 -3.37
C PHE A 37 4.85 -3.42 -4.02
N ILE A 38 5.60 -4.30 -3.37
CA ILE A 38 6.89 -4.73 -3.89
C ILE A 38 6.74 -5.39 -5.26
N ALA A 39 5.67 -6.15 -5.44
CA ALA A 39 5.41 -6.83 -6.69
C ALA A 39 5.30 -5.84 -7.85
N TYR A 40 4.40 -4.87 -7.71
CA TYR A 40 4.20 -3.86 -8.74
C TYR A 40 5.44 -3.00 -8.89
N TRP A 41 6.18 -2.83 -7.80
CA TRP A 41 7.40 -2.02 -7.82
C TRP A 41 8.52 -2.74 -8.56
N GLN A 42 8.64 -4.03 -8.34
CA GLN A 42 9.67 -4.84 -8.99
C GLN A 42 9.32 -5.08 -10.45
N ALA A 43 8.04 -5.24 -10.73
CA ALA A 43 7.58 -5.48 -12.09
C ALA A 43 7.55 -4.18 -12.91
N GLU A 44 7.31 -3.07 -12.23
CA GLU A 44 7.26 -1.77 -12.89
C GLU A 44 8.63 -1.37 -13.40
N GLY A 45 9.64 -1.53 -12.55
CA GLY A 45 11.00 -1.17 -12.93
C GLY A 45 11.14 0.31 -13.25
N LYS A 46 10.38 1.13 -12.54
CA LYS A 46 10.42 2.58 -12.74
C LYS A 46 11.29 3.24 -11.67
N VAL A 47 11.11 4.55 -11.51
CA VAL A 47 11.89 5.31 -10.53
C VAL A 47 11.01 6.37 -9.87
N PHE A 48 11.22 6.58 -8.56
CA PHE A 48 10.46 7.57 -7.81
C PHE A 48 11.37 8.40 -6.92
N HIS A 49 10.90 9.58 -6.52
CA HIS A 49 11.67 10.46 -5.66
C HIS A 49 11.28 10.27 -4.20
N HIS A 50 11.99 10.95 -3.30
CA HIS A 50 11.70 10.84 -1.88
C HIS A 50 10.29 11.33 -1.58
N VAL A 51 9.93 12.48 -2.12
CA VAL A 51 8.60 13.04 -1.92
C VAL A 51 7.56 12.25 -2.69
N GLN A 52 7.96 11.73 -3.85
CA GLN A 52 7.08 10.95 -4.69
C GLN A 52 6.78 9.60 -4.05
N TRP A 53 7.76 9.07 -3.33
CA TRP A 53 7.60 7.78 -2.67
C TRP A 53 6.66 7.90 -1.48
N GLN A 54 6.90 8.88 -0.63
CA GLN A 54 6.06 9.10 0.56
C GLN A 54 4.65 9.52 0.15
N GLN A 55 4.56 10.31 -0.92
CA GLN A 55 3.27 10.79 -1.40
C GLN A 55 2.52 9.68 -2.14
N LYS A 56 3.22 9.00 -3.04
CA LYS A 56 2.61 7.92 -3.81
C LYS A 56 2.12 6.81 -2.91
N LEU A 57 2.98 6.36 -2.00
CA LEU A 57 2.63 5.29 -1.06
C LEU A 57 1.47 5.71 -0.18
N ALA A 58 1.60 6.87 0.47
CA ALA A 58 0.56 7.37 1.35
C ALA A 58 -0.76 7.56 0.59
N ARG A 59 -0.69 8.22 -0.55
CA ARG A 59 -1.87 8.47 -1.37
C ARG A 59 -2.44 7.16 -1.92
N SER A 60 -1.56 6.18 -2.13
CA SER A 60 -1.97 4.89 -2.65
C SER A 60 -2.74 4.10 -1.61
N LEU A 61 -2.26 4.13 -0.37
CA LEU A 61 -2.90 3.41 0.73
C LEU A 61 -4.20 4.08 1.14
N GLN A 62 -4.23 5.41 1.05
CA GLN A 62 -5.42 6.17 1.41
C GLN A 62 -6.49 6.04 0.34
N ILE A 63 -6.12 6.33 -0.90
CA ILE A 63 -7.06 6.24 -2.02
C ILE A 63 -7.35 4.79 -2.39
N GLY A 64 -6.46 3.88 -1.98
CA GLY A 64 -6.63 2.48 -2.28
C GLY A 64 -7.62 1.80 -1.35
N ARG A 65 -7.51 2.08 -0.05
CA ARG A 65 -8.39 1.48 0.95
C ARG A 65 -9.81 2.06 0.82
N ALA A 66 -9.89 3.36 0.58
CA ALA A 66 -11.17 4.03 0.44
C ALA A 66 -11.91 3.54 -0.80
N SER A 67 -11.15 3.17 -1.82
CA SER A 67 -11.73 2.70 -3.08
C SER A 67 -11.89 1.18 -3.07
N ASN A 68 -10.98 0.51 -2.36
CA ASN A 68 -11.00 -0.95 -2.27
C ASN A 68 -11.80 -1.39 -1.05
N GLY A 69 -12.64 -2.42 -1.23
CA GLY A 69 -13.44 -2.92 -0.14
C GLY A 69 -13.81 -4.38 -0.31
N GLY A 70 -12.84 -5.19 -0.74
CA GLY A 70 -13.10 -6.60 -0.95
C GLY A 70 -12.87 -7.03 -2.39
N LEU A 71 -13.88 -6.86 -3.22
CA LEU A 71 -13.79 -7.23 -4.63
C LEU A 71 -14.32 -6.11 -5.52
N PRO A 72 -13.61 -4.95 -5.54
CA PRO A 72 -14.01 -3.80 -6.36
C PRO A 72 -13.76 -4.03 -7.84
N LYS A 73 -14.52 -3.33 -8.67
CA LYS A 73 -14.38 -3.46 -10.12
C LYS A 73 -14.61 -2.11 -10.80
N ARG A 74 -13.62 -1.23 -10.72
CA ARG A 74 -13.70 0.09 -11.33
C ARG A 74 -13.46 0.02 -12.83
N ASP A 75 -13.78 1.10 -13.52
CA ASP A 75 -13.60 1.16 -14.98
C ASP A 75 -12.62 2.27 -15.36
N VAL A 76 -11.39 1.89 -15.66
CA VAL A 76 -10.36 2.85 -16.04
C VAL A 76 -9.38 2.25 -17.04
N ASN A 77 -9.88 1.33 -17.86
CA ASN A 77 -9.04 0.68 -18.87
C ASN A 77 -9.86 0.37 -20.12
N THR A 78 -9.42 0.92 -21.25
CA THR A 78 -10.10 0.69 -22.52
C THR A 78 -11.54 1.19 -22.46
N VAL A 79 -11.77 2.22 -21.66
CA VAL A 79 -13.10 2.80 -21.52
C VAL A 79 -13.25 4.07 -22.34
N SER A 80 -13.57 3.92 -23.62
CA SER A 80 -13.74 5.05 -24.52
C SER A 80 -14.75 4.75 -25.61
N GLU A 81 -15.99 4.49 -25.19
CA GLU A 81 -17.06 4.17 -26.14
C GLU A 81 -18.34 4.91 -25.78
N PRO A 82 -18.49 6.16 -26.27
CA PRO A 82 -19.68 6.98 -25.99
C PRO A 82 -20.92 6.45 -26.71
N ASP A 83 -21.97 6.18 -25.93
CA ASP A 83 -23.22 5.67 -26.48
C ASP A 83 -22.99 4.35 -27.22
N SER A 84 -24.08 3.64 -27.48
CA SER A 84 -24.01 2.35 -28.18
C SER A 84 -24.39 2.51 -29.64
N GLN A 85 -23.51 2.10 -30.53
CA GLN A 85 -23.76 2.19 -31.97
C GLN A 85 -24.77 1.14 -32.41
N ILE A 86 -26.01 1.27 -31.93
CA ILE A 86 -27.06 0.33 -32.28
C ILE A 86 -27.43 0.44 -33.76
N PRO A 87 -27.29 -0.67 -34.52
CA PRO A 87 -27.61 -0.68 -35.95
C PRO A 87 -29.03 -0.21 -36.23
N PRO A 88 -29.28 0.33 -37.43
CA PRO A 88 -30.61 0.81 -37.82
C PRO A 88 -31.70 -0.23 -37.60
N GLY A 89 -32.96 0.20 -37.70
CA GLY A 89 -34.07 -0.72 -37.51
C GLY A 89 -35.31 -0.27 -38.26
N PHE A 90 -35.23 -0.26 -39.59
CA PHE A 90 -36.36 0.14 -40.42
C PHE A 90 -36.40 -0.66 -41.71
N ARG A 91 -35.93 -1.91 -41.65
CA ARG A 91 -35.91 -2.78 -42.81
C ARG A 91 -35.78 -4.24 -42.39
N GLY A 92 -36.45 -5.13 -43.13
CA GLY A 92 -36.39 -6.54 -42.82
C GLY A 92 -37.61 -7.02 -42.07
N MET A 1 15.14 11.24 -9.22
CA MET A 1 14.68 9.83 -9.27
C MET A 1 15.76 8.88 -8.74
N PHE A 2 15.35 7.94 -7.90
CA PHE A 2 16.27 6.97 -7.33
C PHE A 2 15.59 5.62 -7.12
N ALA A 3 16.05 4.62 -7.85
CA ALA A 3 15.49 3.28 -7.74
C ALA A 3 15.85 2.63 -6.41
N MET A 4 15.40 1.41 -6.21
CA MET A 4 15.67 0.68 -4.98
C MET A 4 15.68 -0.83 -5.23
N TYR A 5 15.81 -1.59 -4.16
CA TYR A 5 15.84 -3.05 -4.26
C TYR A 5 14.55 -3.65 -3.70
N PRO A 6 14.08 -4.77 -4.29
CA PRO A 6 12.86 -5.44 -3.84
C PRO A 6 13.08 -6.37 -2.66
N ASP A 7 14.02 -6.01 -1.79
CA ASP A 7 14.32 -6.83 -0.61
C ASP A 7 13.94 -6.10 0.68
N TRP A 8 13.74 -4.78 0.58
CA TRP A 8 13.38 -3.98 1.74
C TRP A 8 12.21 -4.59 2.52
N GLN A 9 12.24 -4.42 3.83
CA GLN A 9 11.18 -4.96 4.69
C GLN A 9 10.69 -3.90 5.68
N PRO A 10 9.53 -4.14 6.32
CA PRO A 10 8.96 -3.21 7.29
C PRO A 10 9.83 -3.05 8.54
N ASP A 11 9.80 -1.86 9.13
CA ASP A 11 10.58 -1.59 10.32
C ASP A 11 10.01 -0.40 11.08
N ALA A 12 10.78 0.09 12.06
CA ALA A 12 10.35 1.24 12.86
C ALA A 12 10.25 2.50 12.01
N ASP A 13 11.27 2.74 11.20
CA ASP A 13 11.30 3.91 10.33
C ASP A 13 10.10 3.91 9.38
N PHE A 14 9.66 2.72 9.00
CA PHE A 14 8.52 2.58 8.09
C PHE A 14 7.26 3.19 8.69
N ILE A 15 6.98 2.84 9.94
CA ILE A 15 5.80 3.36 10.63
C ILE A 15 5.99 4.82 11.01
N ARG A 16 7.23 5.20 11.27
CA ARG A 16 7.54 6.58 11.65
C ARG A 16 7.31 7.53 10.48
N LEU A 17 7.91 7.20 9.33
CA LEU A 17 7.76 8.02 8.14
C LEU A 17 6.30 8.08 7.69
N ALA A 18 5.64 6.93 7.68
CA ALA A 18 4.25 6.86 7.28
C ALA A 18 3.36 7.74 8.17
N ALA A 19 3.57 7.63 9.48
CA ALA A 19 2.80 8.43 10.44
C ALA A 19 3.05 9.92 10.26
N LEU A 20 4.28 10.26 9.89
CA LEU A 20 4.64 11.65 9.69
C LEU A 20 4.22 12.13 8.31
N TRP A 21 4.22 11.21 7.34
CA TRP A 21 3.82 11.54 5.98
C TRP A 21 2.33 11.81 5.87
N GLY A 22 1.59 11.44 6.92
CA GLY A 22 0.15 11.65 6.91
C GLY A 22 -0.62 10.36 6.77
N VAL A 23 -0.07 9.27 7.30
CA VAL A 23 -0.72 7.97 7.22
C VAL A 23 -1.01 7.41 8.61
N ALA A 24 -2.28 7.35 8.97
CA ALA A 24 -2.69 6.84 10.28
C ALA A 24 -3.21 5.41 10.17
N LEU A 25 -2.41 4.46 10.67
CA LEU A 25 -2.78 3.05 10.62
C LEU A 25 -2.91 2.48 12.03
N ARG A 26 -4.10 1.97 12.34
CA ARG A 26 -4.35 1.40 13.66
C ARG A 26 -3.92 -0.07 13.71
N GLU A 27 -4.50 -0.87 12.82
CA GLU A 27 -4.18 -2.30 12.77
C GLU A 27 -2.82 -2.52 12.11
N PRO A 28 -2.12 -3.60 12.49
CA PRO A 28 -0.80 -3.93 11.95
C PRO A 28 -0.80 -3.94 10.42
N VAL A 29 0.36 -4.21 9.84
CA VAL A 29 0.50 -4.26 8.39
C VAL A 29 0.23 -5.66 7.85
N THR A 30 -0.22 -5.75 6.61
CA THR A 30 -0.52 -7.03 5.98
C THR A 30 0.55 -7.38 4.94
N THR A 31 0.78 -8.68 4.76
CA THR A 31 1.77 -9.14 3.79
C THR A 31 1.28 -8.93 2.37
N GLU A 32 -0.03 -9.01 2.18
CA GLU A 32 -0.62 -8.82 0.85
C GLU A 32 -0.36 -7.41 0.34
N GLU A 33 -0.44 -6.43 1.25
CA GLU A 33 -0.22 -5.04 0.88
C GLU A 33 1.22 -4.82 0.40
N LEU A 34 2.17 -5.36 1.15
CA LEU A 34 3.58 -5.22 0.81
C LEU A 34 3.88 -5.91 -0.53
N ALA A 35 3.44 -7.16 -0.65
CA ALA A 35 3.66 -7.92 -1.87
C ALA A 35 3.06 -7.22 -3.08
N SER A 36 1.99 -6.47 -2.85
CA SER A 36 1.32 -5.75 -3.92
C SER A 36 2.15 -4.56 -4.38
N PHE A 37 2.68 -3.80 -3.42
CA PHE A 37 3.50 -2.64 -3.74
C PHE A 37 4.81 -3.05 -4.40
N ILE A 38 5.48 -4.04 -3.81
CA ILE A 38 6.75 -4.52 -4.34
C ILE A 38 6.55 -5.18 -5.71
N ALA A 39 5.39 -5.80 -5.91
CA ALA A 39 5.09 -6.45 -7.17
C ALA A 39 4.99 -5.44 -8.31
N TYR A 40 4.22 -4.37 -8.08
CA TYR A 40 4.04 -3.33 -9.08
C TYR A 40 5.30 -2.48 -9.20
N TRP A 41 6.02 -2.33 -8.09
CA TRP A 41 7.24 -1.55 -8.07
C TRP A 41 8.29 -2.15 -9.00
N GLN A 42 8.49 -3.46 -8.90
CA GLN A 42 9.46 -4.16 -9.72
C GLN A 42 8.95 -4.30 -11.16
N ALA A 43 7.67 -4.65 -11.29
CA ALA A 43 7.07 -4.82 -12.60
C ALA A 43 7.07 -3.51 -13.38
N GLU A 44 6.99 -2.40 -12.66
CA GLU A 44 6.99 -1.08 -13.29
C GLU A 44 8.29 -0.82 -14.03
N GLY A 45 9.41 -1.16 -13.39
CA GLY A 45 10.70 -0.96 -14.00
C GLY A 45 11.02 0.50 -14.21
N LYS A 46 10.53 1.35 -13.30
CA LYS A 46 10.77 2.79 -13.39
C LYS A 46 11.48 3.29 -12.14
N VAL A 47 11.49 4.61 -11.96
CA VAL A 47 12.14 5.22 -10.80
C VAL A 47 11.31 6.36 -10.25
N PHE A 48 11.33 6.53 -8.92
CA PHE A 48 10.58 7.59 -8.27
C PHE A 48 11.47 8.37 -7.31
N HIS A 49 11.16 9.66 -7.14
CA HIS A 49 11.92 10.51 -6.25
C HIS A 49 11.55 10.25 -4.79
N HIS A 50 12.21 10.95 -3.87
CA HIS A 50 11.94 10.79 -2.45
C HIS A 50 10.50 11.18 -2.12
N VAL A 51 10.16 12.43 -2.40
CA VAL A 51 8.81 12.94 -2.14
C VAL A 51 7.76 12.09 -2.87
N GLN A 52 8.13 11.62 -4.06
CA GLN A 52 7.23 10.80 -4.85
C GLN A 52 6.92 9.48 -4.15
N TRP A 53 7.89 8.98 -3.39
CA TRP A 53 7.72 7.73 -2.66
C TRP A 53 6.82 7.93 -1.45
N GLN A 54 7.00 9.05 -0.76
CA GLN A 54 6.21 9.37 0.42
C GLN A 54 4.73 9.49 0.06
N GLN A 55 4.44 10.22 -1.01
CA GLN A 55 3.07 10.42 -1.46
C GLN A 55 2.52 9.15 -2.11
N LYS A 56 3.37 8.43 -2.82
CA LYS A 56 2.97 7.20 -3.49
C LYS A 56 2.52 6.16 -2.48
N LEU A 57 3.38 5.87 -1.51
CA LEU A 57 3.07 4.89 -0.48
C LEU A 57 1.93 5.37 0.41
N ALA A 58 2.01 6.62 0.85
CA ALA A 58 0.99 7.20 1.71
C ALA A 58 -0.37 7.18 1.03
N ARG A 59 -0.46 7.82 -0.13
CA ARG A 59 -1.71 7.87 -0.88
C ARG A 59 -2.21 6.46 -1.21
N SER A 60 -1.28 5.54 -1.39
CA SER A 60 -1.63 4.16 -1.71
C SER A 60 -2.38 3.51 -0.55
N LEU A 61 -1.80 3.57 0.64
CA LEU A 61 -2.41 3.00 1.82
C LEU A 61 -3.67 3.77 2.22
N GLN A 62 -3.69 5.06 1.89
CA GLN A 62 -4.83 5.91 2.22
C GLN A 62 -6.09 5.40 1.55
N ILE A 63 -6.07 5.29 0.22
CA ILE A 63 -7.22 4.82 -0.54
C ILE A 63 -7.42 3.32 -0.35
N GLY A 64 -6.32 2.62 -0.18
CA GLY A 64 -6.38 1.17 0.00
C GLY A 64 -7.09 0.79 1.29
N ARG A 65 -6.73 1.46 2.38
CA ARG A 65 -7.33 1.17 3.69
C ARG A 65 -8.80 1.58 3.70
N ALA A 66 -9.14 2.57 2.89
CA ALA A 66 -10.52 3.06 2.82
C ALA A 66 -11.38 2.15 1.94
N SER A 67 -10.91 1.91 0.72
CA SER A 67 -11.64 1.06 -0.22
C SER A 67 -11.75 -0.36 0.31
N ASN A 68 -10.65 -0.86 0.88
CA ASN A 68 -10.62 -2.22 1.42
C ASN A 68 -9.94 -2.24 2.78
N GLY A 69 -10.61 -2.82 3.77
CA GLY A 69 -10.05 -2.89 5.11
C GLY A 69 -10.74 -3.94 5.97
N GLY A 70 -11.07 -5.07 5.37
CA GLY A 70 -11.74 -6.13 6.10
C GLY A 70 -11.22 -7.51 5.74
N LEU A 71 -11.65 -8.01 4.58
CA LEU A 71 -11.22 -9.33 4.12
C LEU A 71 -11.87 -9.68 2.78
N PRO A 72 -13.22 -9.74 2.73
CA PRO A 72 -13.94 -10.07 1.49
C PRO A 72 -13.65 -9.07 0.38
N LYS A 73 -14.22 -9.33 -0.79
CA LYS A 73 -14.03 -8.46 -1.95
C LYS A 73 -12.56 -8.45 -2.38
N ARG A 74 -12.32 -8.77 -3.65
CA ARG A 74 -10.96 -8.79 -4.19
C ARG A 74 -10.12 -9.85 -3.48
N ASP A 75 -10.72 -11.01 -3.24
CA ASP A 75 -10.02 -12.11 -2.57
C ASP A 75 -10.11 -13.39 -3.39
N VAL A 76 -8.95 -13.90 -3.79
CA VAL A 76 -8.89 -15.13 -4.58
C VAL A 76 -9.09 -16.36 -3.70
N ASN A 77 -9.60 -17.43 -4.30
CA ASN A 77 -9.83 -18.68 -3.57
C ASN A 77 -8.53 -19.44 -3.38
N THR A 78 -7.63 -18.87 -2.58
CA THR A 78 -6.34 -19.51 -2.32
C THR A 78 -5.51 -19.62 -3.60
N VAL A 79 -4.26 -19.16 -3.52
CA VAL A 79 -3.37 -19.20 -4.67
C VAL A 79 -1.98 -18.69 -4.32
N SER A 80 -1.94 -17.64 -3.49
CA SER A 80 -0.67 -17.05 -3.08
C SER A 80 -0.26 -17.55 -1.70
N GLU A 81 -0.47 -18.84 -1.45
CA GLU A 81 -0.12 -19.44 -0.17
C GLU A 81 1.32 -19.92 -0.17
N PRO A 82 1.71 -20.74 -1.18
CA PRO A 82 3.07 -21.26 -1.28
C PRO A 82 4.12 -20.16 -1.29
N ASP A 83 4.92 -20.09 -0.23
CA ASP A 83 5.97 -19.08 -0.13
C ASP A 83 7.35 -19.70 -0.29
N SER A 84 8.18 -19.09 -1.13
CA SER A 84 9.52 -19.59 -1.37
C SER A 84 10.53 -18.87 -0.49
N GLN A 85 11.80 -19.27 -0.59
CA GLN A 85 12.86 -18.66 0.20
C GLN A 85 14.16 -18.61 -0.60
N ILE A 86 14.47 -17.44 -1.15
CA ILE A 86 15.67 -17.25 -1.93
C ILE A 86 16.92 -17.39 -1.06
N PRO A 87 18.09 -17.63 -1.69
CA PRO A 87 19.36 -17.78 -0.96
C PRO A 87 19.68 -16.56 -0.10
N PRO A 88 20.71 -16.66 0.75
CA PRO A 88 21.11 -15.55 1.64
C PRO A 88 21.56 -14.33 0.86
N GLY A 89 21.92 -13.27 1.58
CA GLY A 89 22.37 -12.05 0.93
C GLY A 89 23.59 -12.27 0.04
N PHE A 90 23.57 -11.68 -1.15
CA PHE A 90 24.67 -11.82 -2.09
C PHE A 90 24.63 -10.71 -3.14
N ARG A 91 25.81 -10.22 -3.51
CA ARG A 91 25.90 -9.15 -4.51
C ARG A 91 25.20 -7.90 -4.03
N GLY A 92 25.14 -6.89 -4.90
CA GLY A 92 24.48 -5.64 -4.54
C GLY A 92 25.14 -4.95 -3.37
N MET A 1 15.10 11.31 -9.99
CA MET A 1 14.62 10.23 -9.08
C MET A 1 15.76 9.32 -8.66
N PHE A 2 15.43 8.29 -7.88
CA PHE A 2 16.43 7.35 -7.40
C PHE A 2 15.93 5.92 -7.50
N ALA A 3 16.48 5.15 -8.44
CA ALA A 3 16.08 3.77 -8.65
C ALA A 3 16.65 2.86 -7.56
N MET A 4 15.76 2.38 -6.68
CA MET A 4 16.16 1.50 -5.60
C MET A 4 15.88 0.04 -5.95
N TYR A 5 16.00 -0.84 -4.95
CA TYR A 5 15.75 -2.25 -5.16
C TYR A 5 14.57 -2.73 -4.31
N PRO A 6 13.76 -3.67 -4.83
CA PRO A 6 12.60 -4.19 -4.11
C PRO A 6 12.97 -5.31 -3.12
N ASP A 7 14.15 -5.18 -2.50
CA ASP A 7 14.60 -6.18 -1.53
C ASP A 7 14.67 -5.59 -0.13
N TRP A 8 13.95 -4.49 0.09
CA TRP A 8 13.93 -3.83 1.39
C TRP A 8 13.00 -4.56 2.35
N GLN A 9 13.35 -4.55 3.63
CA GLN A 9 12.55 -5.21 4.66
C GLN A 9 11.83 -4.18 5.53
N PRO A 10 10.63 -4.53 6.04
CA PRO A 10 9.85 -3.64 6.88
C PRO A 10 10.46 -3.46 8.26
N ASP A 11 10.26 -2.28 8.84
CA ASP A 11 10.79 -1.98 10.17
C ASP A 11 10.03 -0.83 10.81
N ALA A 12 10.48 -0.41 11.99
CA ALA A 12 9.85 0.69 12.72
C ALA A 12 9.86 1.97 11.89
N ASP A 13 10.88 2.12 11.05
CA ASP A 13 11.00 3.30 10.21
C ASP A 13 9.80 3.45 9.29
N PHE A 14 9.22 2.31 8.90
CA PHE A 14 8.06 2.32 8.02
C PHE A 14 6.90 3.08 8.64
N ILE A 15 6.47 2.64 9.82
CA ILE A 15 5.37 3.28 10.52
C ILE A 15 5.75 4.69 10.97
N ARG A 16 7.03 4.87 11.30
CA ARG A 16 7.52 6.16 11.74
C ARG A 16 7.36 7.21 10.64
N LEU A 17 7.91 6.91 9.47
CA LEU A 17 7.83 7.82 8.33
C LEU A 17 6.38 8.01 7.89
N ALA A 18 5.64 6.91 7.83
CA ALA A 18 4.24 6.94 7.43
C ALA A 18 3.43 7.85 8.35
N ALA A 19 3.78 7.85 9.63
CA ALA A 19 3.09 8.67 10.61
C ALA A 19 3.29 10.16 10.33
N LEU A 20 4.52 10.52 10.00
CA LEU A 20 4.86 11.90 9.70
C LEU A 20 4.48 12.26 8.26
N TRP A 21 4.50 11.26 7.39
CA TRP A 21 4.16 11.46 5.98
C TRP A 21 2.67 11.78 5.81
N GLY A 22 1.90 11.56 6.87
CA GLY A 22 0.47 11.83 6.80
C GLY A 22 -0.37 10.57 6.78
N VAL A 23 0.02 9.58 7.59
CA VAL A 23 -0.70 8.32 7.66
C VAL A 23 -0.56 7.69 9.04
N ALA A 24 -1.66 7.66 9.78
CA ALA A 24 -1.67 7.08 11.12
C ALA A 24 -2.18 5.65 11.09
N LEU A 25 -1.28 4.70 11.35
CA LEU A 25 -1.64 3.29 11.36
C LEU A 25 -1.56 2.71 12.77
N ARG A 26 -2.72 2.43 13.36
CA ARG A 26 -2.78 1.88 14.72
C ARG A 26 -2.69 0.35 14.68
N GLU A 27 -3.33 -0.25 13.69
CA GLU A 27 -3.33 -1.70 13.55
C GLU A 27 -2.28 -2.15 12.54
N PRO A 28 -1.84 -3.42 12.62
CA PRO A 28 -0.82 -3.97 11.72
C PRO A 28 -1.18 -3.75 10.25
N VAL A 29 -0.16 -3.65 9.40
CA VAL A 29 -0.37 -3.44 7.98
C VAL A 29 -0.73 -4.75 7.27
N THR A 30 -1.65 -4.67 6.33
CA THR A 30 -2.08 -5.84 5.59
C THR A 30 -0.95 -6.41 4.73
N THR A 31 -0.94 -7.72 4.56
CA THR A 31 0.09 -8.38 3.78
C THR A 31 -0.09 -8.11 2.28
N GLU A 32 -1.34 -8.11 1.83
CA GLU A 32 -1.65 -7.87 0.43
C GLU A 32 -1.11 -6.52 -0.02
N GLU A 33 -1.12 -5.54 0.87
CA GLU A 33 -0.63 -4.21 0.57
C GLU A 33 0.88 -4.23 0.33
N LEU A 34 1.62 -4.79 1.28
CA LEU A 34 3.07 -4.88 1.17
C LEU A 34 3.48 -5.67 -0.06
N ALA A 35 2.90 -6.86 -0.22
CA ALA A 35 3.20 -7.71 -1.37
C ALA A 35 2.89 -7.00 -2.68
N SER A 36 1.79 -6.25 -2.69
CA SER A 36 1.38 -5.53 -3.89
C SER A 36 2.33 -4.37 -4.19
N PHE A 37 2.91 -3.80 -3.14
CA PHE A 37 3.85 -2.70 -3.29
C PHE A 37 5.12 -3.15 -4.00
N ILE A 38 5.80 -4.14 -3.42
CA ILE A 38 7.02 -4.66 -4.00
C ILE A 38 6.76 -5.32 -5.35
N ALA A 39 5.57 -5.86 -5.51
CA ALA A 39 5.18 -6.52 -6.76
C ALA A 39 5.13 -5.53 -7.91
N TYR A 40 4.45 -4.41 -7.69
CA TYR A 40 4.32 -3.37 -8.71
C TYR A 40 5.64 -2.63 -8.90
N TRP A 41 6.41 -2.51 -7.82
CA TRP A 41 7.70 -1.83 -7.87
C TRP A 41 8.70 -2.61 -8.72
N GLN A 42 8.80 -3.91 -8.46
CA GLN A 42 9.73 -4.76 -9.19
C GLN A 42 9.21 -5.02 -10.61
N ALA A 43 7.89 -5.05 -10.76
CA ALA A 43 7.27 -5.29 -12.05
C ALA A 43 7.29 -4.03 -12.91
N GLU A 44 7.24 -2.87 -12.26
CA GLU A 44 7.26 -1.60 -12.97
C GLU A 44 8.65 -1.31 -13.54
N GLY A 45 9.67 -1.54 -12.73
CA GLY A 45 11.03 -1.30 -13.17
C GLY A 45 11.27 0.15 -13.55
N LYS A 46 10.65 1.06 -12.81
CA LYS A 46 10.80 2.48 -13.07
C LYS A 46 11.62 3.16 -11.97
N VAL A 47 11.54 4.48 -11.90
CA VAL A 47 12.28 5.24 -10.89
C VAL A 47 11.38 6.28 -10.24
N PHE A 48 11.56 6.46 -8.93
CA PHE A 48 10.76 7.44 -8.18
C PHE A 48 11.63 8.27 -7.26
N HIS A 49 11.21 9.50 -7.00
CA HIS A 49 11.96 10.40 -6.12
C HIS A 49 11.55 10.20 -4.67
N HIS A 50 12.04 11.06 -3.79
CA HIS A 50 11.71 10.99 -2.37
C HIS A 50 10.27 11.37 -2.12
N VAL A 51 9.86 12.53 -2.65
CA VAL A 51 8.50 13.01 -2.48
C VAL A 51 7.50 12.07 -3.12
N GLN A 52 7.87 11.51 -4.27
CA GLN A 52 7.00 10.58 -4.99
C GLN A 52 6.79 9.30 -4.19
N TRP A 53 7.82 8.92 -3.43
CA TRP A 53 7.75 7.71 -2.62
C TRP A 53 6.83 7.90 -1.42
N GLN A 54 6.90 9.08 -0.82
CA GLN A 54 6.08 9.41 0.35
C GLN A 54 4.60 9.39 -0.01
N GLN A 55 4.24 10.07 -1.08
CA GLN A 55 2.85 10.14 -1.53
C GLN A 55 2.37 8.77 -2.02
N LYS A 56 3.27 8.00 -2.63
CA LYS A 56 2.93 6.69 -3.14
C LYS A 56 2.52 5.76 -2.00
N LEU A 57 3.38 5.63 -1.00
CA LEU A 57 3.11 4.76 0.14
C LEU A 57 1.87 5.23 0.90
N ALA A 58 1.68 6.55 0.95
CA ALA A 58 0.53 7.13 1.65
C ALA A 58 -0.76 6.87 0.89
N ARG A 59 -0.83 7.36 -0.34
CA ARG A 59 -2.02 7.18 -1.17
C ARG A 59 -2.33 5.71 -1.38
N SER A 60 -1.29 4.88 -1.38
CA SER A 60 -1.45 3.44 -1.57
C SER A 60 -2.13 2.80 -0.36
N LEU A 61 -1.63 3.12 0.83
CA LEU A 61 -2.19 2.57 2.05
C LEU A 61 -3.61 3.10 2.29
N GLN A 62 -3.87 4.30 1.81
CA GLN A 62 -5.19 4.92 1.97
C GLN A 62 -6.23 4.24 1.09
N ILE A 63 -5.96 4.22 -0.22
CA ILE A 63 -6.88 3.61 -1.18
C ILE A 63 -7.05 2.12 -0.90
N GLY A 64 -6.03 1.52 -0.32
CA GLY A 64 -6.08 0.10 0.00
C GLY A 64 -7.00 -0.20 1.15
N ARG A 65 -6.81 0.50 2.27
CA ARG A 65 -7.64 0.30 3.45
C ARG A 65 -9.11 0.57 3.14
N ALA A 66 -9.36 1.49 2.21
CA ALA A 66 -10.72 1.84 1.83
C ALA A 66 -11.32 0.78 0.91
N SER A 67 -10.55 0.38 -0.10
CA SER A 67 -11.02 -0.63 -1.05
C SER A 67 -11.20 -1.98 -0.36
N ASN A 68 -10.30 -2.29 0.56
CA ASN A 68 -10.37 -3.56 1.29
C ASN A 68 -11.68 -3.67 2.06
N GLY A 69 -12.35 -4.80 1.89
CA GLY A 69 -13.62 -5.03 2.57
C GLY A 69 -14.81 -4.55 1.76
N GLY A 70 -14.80 -4.85 0.47
CA GLY A 70 -15.89 -4.45 -0.39
C GLY A 70 -15.40 -3.90 -1.72
N LEU A 71 -15.44 -4.74 -2.76
CA LEU A 71 -15.00 -4.33 -4.08
C LEU A 71 -15.97 -3.32 -4.70
N PRO A 72 -17.24 -3.72 -4.89
CA PRO A 72 -18.25 -2.83 -5.47
C PRO A 72 -18.63 -1.69 -4.53
N LYS A 73 -19.11 -0.59 -5.11
CA LYS A 73 -19.51 0.57 -4.34
C LYS A 73 -18.33 1.13 -3.55
N ARG A 74 -18.43 2.39 -3.16
CA ARG A 74 -17.37 3.05 -2.41
C ARG A 74 -17.82 3.35 -0.98
N ASP A 75 -17.00 2.97 -0.01
CA ASP A 75 -17.31 3.20 1.39
C ASP A 75 -16.42 4.29 1.98
N VAL A 76 -17.04 5.41 2.34
CA VAL A 76 -16.29 6.53 2.91
C VAL A 76 -16.70 6.78 4.36
N ASN A 77 -18.00 6.74 4.62
CA ASN A 77 -18.53 6.95 5.96
C ASN A 77 -18.01 8.26 6.55
N THR A 78 -18.53 9.38 6.06
CA THR A 78 -18.12 10.69 6.53
C THR A 78 -16.61 10.88 6.40
N VAL A 79 -16.20 11.61 5.37
CA VAL A 79 -14.78 11.86 5.14
C VAL A 79 -14.54 13.28 4.65
N SER A 80 -15.13 13.62 3.50
CA SER A 80 -14.99 14.95 2.93
C SER A 80 -16.32 15.67 2.88
N GLU A 81 -16.32 16.89 2.36
CA GLU A 81 -17.53 17.69 2.25
C GLU A 81 -18.10 17.63 0.83
N PRO A 82 -19.22 16.92 0.63
CA PRO A 82 -19.85 16.80 -0.68
C PRO A 82 -20.46 18.12 -1.16
N ASP A 83 -19.61 18.97 -1.73
CA ASP A 83 -20.07 20.26 -2.22
C ASP A 83 -19.34 20.64 -3.52
N SER A 84 -20.04 20.51 -4.64
CA SER A 84 -19.45 20.83 -5.94
C SER A 84 -20.49 21.47 -6.86
N GLN A 85 -20.09 21.75 -8.09
CA GLN A 85 -20.99 22.36 -9.06
C GLN A 85 -21.62 21.30 -9.97
N ILE A 86 -22.54 21.73 -10.82
CA ILE A 86 -23.22 20.82 -11.73
C ILE A 86 -22.56 20.83 -13.11
N PRO A 87 -21.74 19.81 -13.41
CA PRO A 87 -21.05 19.71 -14.71
C PRO A 87 -22.01 19.45 -15.86
N PRO A 88 -21.96 20.28 -16.93
CA PRO A 88 -22.84 20.13 -18.09
C PRO A 88 -22.46 18.92 -18.95
N GLY A 89 -22.52 17.74 -18.37
CA GLY A 89 -22.17 16.53 -19.10
C GLY A 89 -20.90 15.90 -18.60
N PHE A 90 -20.01 15.54 -19.52
CA PHE A 90 -18.74 14.91 -19.16
C PHE A 90 -17.60 15.47 -20.02
N ARG A 91 -16.37 15.11 -19.65
CA ARG A 91 -15.19 15.58 -20.39
C ARG A 91 -13.94 14.86 -19.89
N GLY A 92 -12.92 14.82 -20.74
CA GLY A 92 -11.67 14.18 -20.37
C GLY A 92 -10.94 13.61 -21.57
N MET A 1 15.89 11.31 -8.93
CA MET A 1 15.04 10.16 -8.54
C MET A 1 15.81 9.17 -7.66
N PHE A 2 15.16 8.06 -7.32
CA PHE A 2 15.79 7.05 -6.48
C PHE A 2 15.13 5.69 -6.68
N ALA A 3 15.88 4.75 -7.25
CA ALA A 3 15.37 3.40 -7.50
C ALA A 3 15.74 2.46 -6.36
N MET A 4 15.32 1.20 -6.49
CA MET A 4 15.61 0.20 -5.47
C MET A 4 15.29 -1.20 -5.97
N TYR A 5 15.16 -2.14 -5.05
CA TYR A 5 14.85 -3.53 -5.40
C TYR A 5 13.72 -4.06 -4.53
N PRO A 6 13.08 -5.17 -4.94
CA PRO A 6 11.97 -5.76 -4.20
C PRO A 6 12.43 -6.64 -3.03
N ASP A 7 13.65 -6.41 -2.56
CA ASP A 7 14.20 -7.20 -1.46
C ASP A 7 14.40 -6.33 -0.21
N TRP A 8 13.72 -5.19 -0.17
CA TRP A 8 13.83 -4.28 0.96
C TRP A 8 13.07 -4.83 2.18
N GLN A 9 13.63 -4.60 3.36
CA GLN A 9 13.01 -5.07 4.60
C GLN A 9 12.37 -3.91 5.36
N PRO A 10 11.21 -4.15 5.98
CA PRO A 10 10.49 -3.12 6.75
C PRO A 10 11.20 -2.77 8.05
N ASP A 11 10.90 -1.60 8.58
CA ASP A 11 11.51 -1.15 9.83
C ASP A 11 10.72 0.00 10.45
N ALA A 12 11.20 0.50 11.58
CA ALA A 12 10.54 1.61 12.26
C ALA A 12 10.40 2.83 11.35
N ASP A 13 11.32 2.95 10.40
CA ASP A 13 11.30 4.07 9.46
C ASP A 13 9.96 4.15 8.73
N PHE A 14 9.33 2.99 8.53
CA PHE A 14 8.04 2.94 7.85
C PHE A 14 6.99 3.72 8.61
N ILE A 15 6.77 3.34 9.86
CA ILE A 15 5.77 4.00 10.70
C ILE A 15 6.20 5.43 11.03
N ARG A 16 7.50 5.62 11.23
CA ARG A 16 8.04 6.94 11.56
C ARG A 16 7.75 7.93 10.43
N LEU A 17 7.99 7.51 9.20
CA LEU A 17 7.76 8.36 8.04
C LEU A 17 6.26 8.51 7.77
N ALA A 18 5.54 7.40 7.86
CA ALA A 18 4.11 7.40 7.62
C ALA A 18 3.38 8.28 8.63
N ALA A 19 3.83 8.24 9.87
CA ALA A 19 3.22 9.03 10.93
C ALA A 19 3.46 10.53 10.70
N LEU A 20 4.63 10.86 10.19
CA LEU A 20 4.99 12.25 9.93
C LEU A 20 4.39 12.72 8.60
N TRP A 21 4.25 11.80 7.66
CA TRP A 21 3.70 12.12 6.34
C TRP A 21 2.20 12.35 6.42
N GLY A 22 1.59 11.96 7.54
CA GLY A 22 0.16 12.15 7.70
C GLY A 22 -0.61 10.84 7.60
N VAL A 23 -0.06 9.79 8.21
CA VAL A 23 -0.70 8.48 8.18
C VAL A 23 -0.52 7.75 9.52
N ALA A 24 -1.62 7.61 10.25
CA ALA A 24 -1.58 6.94 11.55
C ALA A 24 -1.86 5.44 11.40
N LEU A 25 -0.81 4.63 11.59
CA LEU A 25 -0.94 3.18 11.48
C LEU A 25 -0.99 2.54 12.86
N ARG A 26 -2.07 1.82 13.13
CA ARG A 26 -2.25 1.15 14.42
C ARG A 26 -2.11 -0.36 14.26
N GLU A 27 -2.64 -0.89 13.17
CA GLU A 27 -2.58 -2.32 12.91
C GLU A 27 -1.57 -2.63 11.81
N PRO A 28 -0.80 -3.73 11.96
CA PRO A 28 0.22 -4.12 10.96
C PRO A 28 -0.37 -4.24 9.56
N VAL A 29 0.48 -4.05 8.56
CA VAL A 29 0.04 -4.15 7.17
C VAL A 29 -0.05 -5.60 6.71
N THR A 30 -1.09 -5.91 5.96
CA THR A 30 -1.29 -7.27 5.46
C THR A 30 -0.19 -7.66 4.49
N THR A 31 0.06 -8.96 4.37
CA THR A 31 1.09 -9.47 3.47
C THR A 31 0.70 -9.24 2.01
N GLU A 32 -0.58 -9.43 1.71
CA GLU A 32 -1.08 -9.25 0.35
C GLU A 32 -0.84 -7.82 -0.13
N GLU A 33 -0.96 -6.87 0.79
CA GLU A 33 -0.75 -5.46 0.47
C GLU A 33 0.72 -5.16 0.23
N LEU A 34 1.57 -5.66 1.11
CA LEU A 34 3.02 -5.45 1.01
C LEU A 34 3.57 -6.15 -0.22
N ALA A 35 3.13 -7.39 -0.44
CA ALA A 35 3.59 -8.17 -1.58
C ALA A 35 3.18 -7.52 -2.89
N SER A 36 1.96 -6.98 -2.93
CA SER A 36 1.45 -6.33 -4.13
C SER A 36 2.23 -5.05 -4.42
N PHE A 37 2.64 -4.35 -3.37
CA PHE A 37 3.38 -3.11 -3.52
C PHE A 37 4.79 -3.38 -4.06
N ILE A 38 5.45 -4.39 -3.51
CA ILE A 38 6.79 -4.74 -3.94
C ILE A 38 6.78 -5.29 -5.36
N ALA A 39 5.83 -6.15 -5.66
CA ALA A 39 5.71 -6.75 -6.99
C ALA A 39 5.55 -5.67 -8.07
N TYR A 40 4.64 -4.73 -7.82
CA TYR A 40 4.41 -3.64 -8.76
C TYR A 40 5.61 -2.72 -8.86
N TRP A 41 6.35 -2.61 -7.76
CA TRP A 41 7.53 -1.75 -7.72
C TRP A 41 8.64 -2.32 -8.60
N GLN A 42 8.95 -3.60 -8.42
CA GLN A 42 9.98 -4.26 -9.21
C GLN A 42 9.50 -4.53 -10.62
N ALA A 43 8.20 -4.76 -10.78
CA ALA A 43 7.62 -5.03 -12.08
C ALA A 43 7.59 -3.77 -12.94
N GLU A 44 7.45 -2.62 -12.28
CA GLU A 44 7.42 -1.34 -12.99
C GLU A 44 8.78 -1.00 -13.58
N GLY A 45 9.84 -1.31 -12.84
CA GLY A 45 11.18 -1.04 -13.31
C GLY A 45 11.40 0.44 -13.58
N LYS A 46 10.87 1.29 -12.70
CA LYS A 46 11.01 2.73 -12.86
C LYS A 46 11.77 3.32 -11.67
N VAL A 47 11.74 4.65 -11.57
CA VAL A 47 12.42 5.35 -10.49
C VAL A 47 11.62 6.56 -10.05
N PHE A 48 11.61 6.82 -8.73
CA PHE A 48 10.88 7.96 -8.19
C PHE A 48 11.68 8.63 -7.07
N HIS A 49 11.32 9.88 -6.76
CA HIS A 49 12.00 10.63 -5.72
C HIS A 49 11.50 10.21 -4.34
N HIS A 50 12.01 10.86 -3.31
CA HIS A 50 11.61 10.56 -1.94
C HIS A 50 10.18 11.04 -1.67
N VAL A 51 9.85 12.21 -2.21
CA VAL A 51 8.53 12.78 -2.05
C VAL A 51 7.48 11.94 -2.76
N GLN A 52 7.85 11.38 -3.90
CA GLN A 52 6.94 10.54 -4.68
C GLN A 52 6.67 9.23 -3.96
N TRP A 53 7.70 8.68 -3.34
CA TRP A 53 7.58 7.42 -2.62
C TRP A 53 6.61 7.57 -1.44
N GLN A 54 6.77 8.67 -0.70
CA GLN A 54 5.92 8.93 0.45
C GLN A 54 4.48 9.21 0.02
N GLN A 55 4.34 10.01 -1.03
CA GLN A 55 3.01 10.37 -1.53
C GLN A 55 2.30 9.15 -2.11
N LYS A 56 2.98 8.42 -3.00
CA LYS A 56 2.41 7.23 -3.61
C LYS A 56 1.98 6.22 -2.56
N LEU A 57 2.91 5.84 -1.69
CA LEU A 57 2.62 4.88 -0.64
C LEU A 57 1.49 5.36 0.27
N ALA A 58 1.60 6.60 0.73
CA ALA A 58 0.59 7.18 1.61
C ALA A 58 -0.78 7.19 0.94
N ARG A 59 -0.87 7.88 -0.19
CA ARG A 59 -2.14 7.96 -0.92
C ARG A 59 -2.64 6.57 -1.28
N SER A 60 -1.71 5.65 -1.52
CA SER A 60 -2.06 4.28 -1.88
C SER A 60 -2.91 3.64 -0.79
N LEU A 61 -2.43 3.71 0.44
CA LEU A 61 -3.15 3.14 1.58
C LEU A 61 -4.49 3.84 1.77
N GLN A 62 -4.51 5.15 1.50
CA GLN A 62 -5.73 5.93 1.63
C GLN A 62 -6.78 5.49 0.63
N ILE A 63 -6.43 5.54 -0.66
CA ILE A 63 -7.35 5.15 -1.72
C ILE A 63 -7.59 3.64 -1.71
N GLY A 64 -6.67 2.90 -1.10
CA GLY A 64 -6.79 1.46 -1.03
C GLY A 64 -7.93 1.02 -0.13
N ARG A 65 -7.94 1.53 1.10
CA ARG A 65 -8.98 1.18 2.06
C ARG A 65 -10.35 1.69 1.60
N ALA A 66 -10.33 2.81 0.88
CA ALA A 66 -11.57 3.41 0.38
C ALA A 66 -12.23 2.50 -0.66
N SER A 67 -11.43 1.99 -1.59
CA SER A 67 -11.94 1.13 -2.64
C SER A 67 -12.51 -0.16 -2.05
N ASN A 68 -11.87 -0.66 -1.00
CA ASN A 68 -12.31 -1.89 -0.34
C ASN A 68 -12.04 -1.83 1.16
N GLY A 69 -13.05 -2.15 1.96
CA GLY A 69 -12.89 -2.13 3.39
C GLY A 69 -14.10 -2.71 4.12
N GLY A 70 -14.46 -3.93 3.78
CA GLY A 70 -15.61 -4.58 4.42
C GLY A 70 -15.24 -5.92 5.02
N LEU A 71 -15.91 -6.97 4.57
CA LEU A 71 -15.67 -8.32 5.09
C LEU A 71 -16.59 -9.33 4.41
N PRO A 72 -17.91 -9.09 4.43
CA PRO A 72 -18.88 -10.01 3.83
C PRO A 72 -18.63 -10.21 2.33
N LYS A 73 -17.77 -11.17 2.01
CA LYS A 73 -17.44 -11.46 0.62
C LYS A 73 -16.84 -10.24 -0.07
N ARG A 74 -15.52 -10.19 -0.10
CA ARG A 74 -14.81 -9.08 -0.73
C ARG A 74 -13.78 -9.58 -1.72
N ASP A 75 -14.12 -9.55 -3.00
CA ASP A 75 -13.22 -10.00 -4.05
C ASP A 75 -13.26 -9.06 -5.25
N VAL A 76 -12.11 -8.45 -5.55
CA VAL A 76 -12.01 -7.53 -6.67
C VAL A 76 -10.75 -7.78 -7.50
N ASN A 77 -9.62 -7.93 -6.80
CA ASN A 77 -8.35 -8.18 -7.47
C ASN A 77 -8.01 -9.67 -7.44
N THR A 78 -7.03 -10.06 -8.26
CA THR A 78 -6.60 -11.45 -8.33
C THR A 78 -7.75 -12.34 -8.81
N VAL A 79 -8.60 -11.79 -9.67
CA VAL A 79 -9.73 -12.54 -10.21
C VAL A 79 -9.57 -12.80 -11.70
N SER A 80 -8.99 -11.83 -12.41
CA SER A 80 -8.77 -11.95 -13.85
C SER A 80 -7.94 -10.80 -14.37
N GLU A 81 -7.49 -10.90 -15.62
CA GLU A 81 -6.68 -9.87 -16.23
C GLU A 81 -7.04 -9.70 -17.71
N PRO A 82 -8.21 -9.10 -17.99
CA PRO A 82 -8.68 -8.88 -19.37
C PRO A 82 -7.64 -8.15 -20.22
N ASP A 83 -7.32 -8.72 -21.37
CA ASP A 83 -6.34 -8.13 -22.27
C ASP A 83 -6.75 -8.36 -23.74
N SER A 84 -7.40 -7.35 -24.32
CA SER A 84 -7.83 -7.43 -25.71
C SER A 84 -7.28 -6.27 -26.52
N GLN A 85 -6.64 -6.58 -27.64
CA GLN A 85 -6.06 -5.56 -28.50
C GLN A 85 -5.01 -4.73 -27.76
N ILE A 86 -4.29 -3.89 -28.50
CA ILE A 86 -3.26 -3.05 -27.91
C ILE A 86 -3.39 -1.61 -28.37
N PRO A 87 -4.25 -0.82 -27.71
CA PRO A 87 -4.46 0.59 -28.07
C PRO A 87 -3.26 1.46 -27.72
N PRO A 88 -2.69 2.16 -28.72
CA PRO A 88 -1.52 3.03 -28.51
C PRO A 88 -1.86 4.26 -27.66
N GLY A 89 -0.88 5.14 -27.47
CA GLY A 89 -1.11 6.33 -26.69
C GLY A 89 -2.20 7.21 -27.27
N PHE A 90 -2.49 8.32 -26.58
CA PHE A 90 -3.52 9.24 -27.04
C PHE A 90 -2.96 10.20 -28.09
N ARG A 91 -3.80 10.52 -29.07
CA ARG A 91 -3.40 11.43 -30.14
C ARG A 91 -3.66 12.88 -29.76
N GLY A 92 -2.60 13.57 -29.34
CA GLY A 92 -2.74 14.96 -28.95
C GLY A 92 -2.02 15.91 -29.90
N MET A 1 14.91 11.17 -9.71
CA MET A 1 14.28 9.98 -9.09
C MET A 1 15.25 9.26 -8.15
N PHE A 2 14.83 8.11 -7.64
CA PHE A 2 15.67 7.34 -6.72
C PHE A 2 15.22 5.88 -6.69
N ALA A 3 15.96 5.02 -7.38
CA ALA A 3 15.64 3.60 -7.42
C ALA A 3 16.16 2.88 -6.18
N MET A 4 15.92 1.57 -6.12
CA MET A 4 16.36 0.77 -4.99
C MET A 4 16.32 -0.72 -5.34
N TYR A 5 16.24 -1.58 -4.32
CA TYR A 5 16.18 -3.01 -4.54
C TYR A 5 14.87 -3.58 -4.02
N PRO A 6 14.44 -4.75 -4.53
CA PRO A 6 13.19 -5.37 -4.11
C PRO A 6 13.30 -6.14 -2.79
N ASP A 7 14.34 -5.84 -2.02
CA ASP A 7 14.55 -6.51 -0.73
C ASP A 7 14.39 -5.54 0.43
N TRP A 8 13.67 -4.44 0.21
CA TRP A 8 13.45 -3.46 1.25
C TRP A 8 12.44 -3.96 2.29
N GLN A 9 12.90 -4.11 3.52
CA GLN A 9 12.04 -4.59 4.60
C GLN A 9 12.28 -3.79 5.88
N PRO A 10 11.49 -2.71 6.08
CA PRO A 10 11.61 -1.86 7.26
C PRO A 10 10.86 -2.42 8.47
N ASP A 11 11.03 -1.77 9.61
CA ASP A 11 10.38 -2.20 10.84
C ASP A 11 9.70 -1.02 11.54
N ALA A 12 10.50 -0.22 12.25
CA ALA A 12 9.97 0.94 12.95
C ALA A 12 9.97 2.17 12.05
N ASP A 13 10.96 2.26 11.18
CA ASP A 13 11.07 3.39 10.26
C ASP A 13 9.84 3.50 9.38
N PHE A 14 9.27 2.36 9.00
CA PHE A 14 8.08 2.32 8.16
C PHE A 14 6.92 3.05 8.82
N ILE A 15 6.56 2.60 10.02
CA ILE A 15 5.47 3.21 10.77
C ILE A 15 5.80 4.65 11.16
N ARG A 16 7.08 4.92 11.36
CA ARG A 16 7.53 6.25 11.73
C ARG A 16 7.32 7.24 10.59
N LEU A 17 7.78 6.86 9.39
CA LEU A 17 7.65 7.71 8.22
C LEU A 17 6.18 7.84 7.81
N ALA A 18 5.45 6.73 7.84
CA ALA A 18 4.04 6.73 7.47
C ALA A 18 3.23 7.63 8.41
N ALA A 19 3.58 7.61 9.69
CA ALA A 19 2.90 8.43 10.68
C ALA A 19 3.06 9.91 10.38
N LEU A 20 4.28 10.30 10.01
CA LEU A 20 4.58 11.69 9.70
C LEU A 20 4.15 12.03 8.27
N TRP A 21 4.17 11.03 7.40
CA TRP A 21 3.77 11.22 6.00
C TRP A 21 2.28 11.52 5.87
N GLY A 22 1.54 11.30 6.96
CA GLY A 22 0.10 11.57 6.93
C GLY A 22 -0.72 10.30 6.95
N VAL A 23 -0.27 9.30 7.70
CA VAL A 23 -0.97 8.03 7.80
C VAL A 23 -0.94 7.49 9.23
N ALA A 24 -2.09 7.49 9.89
CA ALA A 24 -2.19 7.00 11.26
C ALA A 24 -2.55 5.52 11.29
N LEU A 25 -1.53 4.68 11.49
CA LEU A 25 -1.74 3.24 11.54
C LEU A 25 -1.28 2.67 12.89
N ARG A 26 -1.95 1.61 13.33
CA ARG A 26 -1.62 0.98 14.60
C ARG A 26 -1.20 -0.47 14.38
N GLU A 27 -1.96 -1.19 13.57
CA GLU A 27 -1.67 -2.59 13.28
C GLU A 27 -0.65 -2.71 12.15
N PRO A 28 0.18 -3.77 12.18
CA PRO A 28 1.20 -3.99 11.15
C PRO A 28 0.62 -3.97 9.74
N VAL A 29 1.49 -4.01 8.74
CA VAL A 29 1.07 -3.98 7.35
C VAL A 29 0.87 -5.40 6.81
N THR A 30 -0.26 -5.63 6.16
CA THR A 30 -0.58 -6.94 5.59
C THR A 30 0.40 -7.30 4.48
N THR A 31 0.58 -8.59 4.25
CA THR A 31 1.49 -9.06 3.21
C THR A 31 0.97 -8.70 1.82
N GLU A 32 -0.35 -8.62 1.68
CA GLU A 32 -0.97 -8.28 0.41
C GLU A 32 -0.49 -6.92 -0.08
N GLU A 33 -0.26 -6.01 0.86
CA GLU A 33 0.20 -4.66 0.52
C GLU A 33 1.67 -4.68 0.10
N LEU A 34 2.50 -5.34 0.91
CA LEU A 34 3.92 -5.44 0.64
C LEU A 34 4.18 -6.21 -0.66
N ALA A 35 3.42 -7.28 -0.86
CA ALA A 35 3.56 -8.10 -2.05
C ALA A 35 3.08 -7.36 -3.29
N SER A 36 1.99 -6.60 -3.14
CA SER A 36 1.44 -5.84 -4.25
C SER A 36 2.37 -4.70 -4.65
N PHE A 37 2.85 -3.95 -3.66
CA PHE A 37 3.75 -2.83 -3.91
C PHE A 37 5.04 -3.30 -4.57
N ILE A 38 5.69 -4.28 -3.96
CA ILE A 38 6.94 -4.82 -4.49
C ILE A 38 6.70 -5.50 -5.83
N ALA A 39 5.51 -6.06 -6.00
CA ALA A 39 5.16 -6.75 -7.24
C ALA A 39 5.17 -5.79 -8.42
N TYR A 40 4.41 -4.71 -8.32
CA TYR A 40 4.33 -3.70 -9.38
C TYR A 40 5.65 -2.96 -9.50
N TRP A 41 6.34 -2.81 -8.38
CA TRP A 41 7.63 -2.11 -8.35
C TRP A 41 8.67 -2.85 -9.20
N GLN A 42 8.75 -4.16 -8.98
CA GLN A 42 9.70 -4.98 -9.73
C GLN A 42 9.22 -5.21 -11.17
N ALA A 43 7.91 -5.25 -11.34
CA ALA A 43 7.32 -5.45 -12.66
C ALA A 43 7.44 -4.20 -13.52
N GLU A 44 7.36 -3.04 -12.87
CA GLU A 44 7.46 -1.77 -13.58
C GLU A 44 8.87 -1.58 -14.16
N GLY A 45 9.88 -1.82 -13.33
CA GLY A 45 11.26 -1.66 -13.78
C GLY A 45 11.60 -0.21 -14.08
N LYS A 46 11.11 0.70 -13.24
CA LYS A 46 11.38 2.12 -13.42
C LYS A 46 11.99 2.72 -12.15
N VAL A 47 11.99 4.04 -12.06
CA VAL A 47 12.55 4.74 -10.91
C VAL A 47 11.59 5.80 -10.40
N PHE A 48 11.52 5.94 -9.08
CA PHE A 48 10.65 6.92 -8.44
C PHE A 48 11.41 7.77 -7.44
N HIS A 49 10.97 9.01 -7.26
CA HIS A 49 11.61 9.93 -6.33
C HIS A 49 11.19 9.62 -4.89
N HIS A 50 11.92 10.17 -3.93
CA HIS A 50 11.62 9.96 -2.52
C HIS A 50 10.27 10.58 -2.15
N VAL A 51 10.01 11.77 -2.70
CA VAL A 51 8.76 12.47 -2.43
C VAL A 51 7.58 11.72 -3.04
N GLN A 52 7.74 11.25 -4.28
CA GLN A 52 6.69 10.52 -4.97
C GLN A 52 6.33 9.24 -4.22
N TRP A 53 7.35 8.59 -3.66
CA TRP A 53 7.15 7.36 -2.91
C TRP A 53 6.31 7.60 -1.66
N GLN A 54 6.71 8.60 -0.88
CA GLN A 54 6.00 8.94 0.35
C GLN A 54 4.60 9.48 0.05
N GLN A 55 4.50 10.20 -1.06
CA GLN A 55 3.21 10.80 -1.46
C GLN A 55 2.27 9.72 -1.99
N LYS A 56 2.82 8.74 -2.70
CA LYS A 56 2.02 7.67 -3.26
C LYS A 56 1.60 6.67 -2.19
N LEU A 57 2.57 6.22 -1.40
CA LEU A 57 2.29 5.25 -0.33
C LEU A 57 1.28 5.82 0.66
N ALA A 58 1.57 6.99 1.20
CA ALA A 58 0.68 7.64 2.16
C ALA A 58 -0.68 7.91 1.56
N ARG A 59 -0.70 8.60 0.42
CA ARG A 59 -1.95 8.92 -0.26
C ARG A 59 -2.72 7.66 -0.62
N SER A 60 -1.99 6.58 -0.90
CA SER A 60 -2.60 5.32 -1.27
C SER A 60 -3.37 4.72 -0.09
N LEU A 61 -2.69 4.61 1.05
CA LEU A 61 -3.29 4.06 2.25
C LEU A 61 -4.50 4.89 2.68
N GLN A 62 -4.46 6.19 2.40
CA GLN A 62 -5.55 7.09 2.76
C GLN A 62 -6.80 6.77 1.95
N ILE A 63 -6.66 6.75 0.64
CA ILE A 63 -7.79 6.46 -0.25
C ILE A 63 -8.22 5.01 -0.14
N GLY A 64 -7.33 4.16 0.38
CA GLY A 64 -7.64 2.75 0.53
C GLY A 64 -8.51 2.48 1.74
N ARG A 65 -8.17 3.10 2.87
CA ARG A 65 -8.92 2.92 4.10
C ARG A 65 -10.29 3.58 4.00
N ALA A 66 -10.36 4.71 3.30
CA ALA A 66 -11.61 5.43 3.14
C ALA A 66 -12.61 4.62 2.33
N SER A 67 -12.10 3.81 1.41
CA SER A 67 -12.95 2.97 0.57
C SER A 67 -13.34 1.70 1.30
N ASN A 68 -12.45 1.20 2.15
CA ASN A 68 -12.70 -0.01 2.91
C ASN A 68 -12.90 -1.20 1.97
N GLY A 69 -11.96 -2.15 2.02
CA GLY A 69 -12.05 -3.33 1.17
C GLY A 69 -13.02 -4.35 1.71
N GLY A 70 -12.56 -5.60 1.81
CA GLY A 70 -13.41 -6.66 2.32
C GLY A 70 -12.70 -7.99 2.37
N LEU A 71 -12.16 -8.34 3.54
CA LEU A 71 -11.44 -9.59 3.73
C LEU A 71 -12.16 -10.48 4.74
N PRO A 72 -12.93 -11.49 4.27
CA PRO A 72 -13.66 -12.40 5.15
C PRO A 72 -12.77 -12.99 6.24
N LYS A 73 -13.00 -12.55 7.48
CA LYS A 73 -12.21 -13.03 8.62
C LYS A 73 -13.12 -13.39 9.79
N ARG A 74 -14.07 -12.51 10.08
CA ARG A 74 -15.02 -12.73 11.16
C ARG A 74 -16.27 -11.88 10.99
N ASP A 75 -17.38 -12.52 10.64
CA ASP A 75 -18.63 -11.81 10.43
C ASP A 75 -19.64 -12.19 11.51
N VAL A 76 -20.04 -11.20 12.31
CA VAL A 76 -21.00 -11.43 13.38
C VAL A 76 -21.99 -10.27 13.49
N ASN A 77 -22.29 -9.65 12.35
CA ASN A 77 -23.21 -8.53 12.31
C ASN A 77 -22.68 -7.35 13.13
N THR A 78 -22.91 -6.14 12.63
CA THR A 78 -22.45 -4.94 13.31
C THR A 78 -20.93 -4.95 13.48
N VAL A 79 -20.22 -4.97 12.35
CA VAL A 79 -18.76 -4.98 12.37
C VAL A 79 -18.18 -4.21 11.19
N SER A 80 -18.68 -4.52 10.00
CA SER A 80 -18.22 -3.85 8.78
C SER A 80 -19.28 -2.89 8.25
N GLU A 81 -20.04 -2.29 9.17
CA GLU A 81 -21.09 -1.35 8.79
C GLU A 81 -21.04 -0.11 9.67
N PRO A 82 -20.14 0.85 9.37
CA PRO A 82 -19.99 2.08 10.13
C PRO A 82 -21.17 3.03 9.92
N ASP A 83 -22.36 2.60 10.32
CA ASP A 83 -23.56 3.40 10.17
C ASP A 83 -24.63 2.99 11.18
N SER A 84 -25.50 3.93 11.53
CA SER A 84 -26.56 3.65 12.49
C SER A 84 -26.00 3.22 13.83
N GLN A 85 -25.78 4.20 14.72
CA GLN A 85 -25.24 3.92 16.04
C GLN A 85 -26.30 3.30 16.94
N ILE A 86 -25.87 2.42 17.84
CA ILE A 86 -26.78 1.75 18.76
C ILE A 86 -26.59 2.27 20.18
N PRO A 87 -27.45 3.21 20.62
CA PRO A 87 -27.37 3.78 21.97
C PRO A 87 -27.35 2.70 23.05
N PRO A 88 -27.04 3.09 24.30
CA PRO A 88 -27.00 2.14 25.43
C PRO A 88 -28.38 1.64 25.83
N GLY A 89 -28.52 0.32 25.89
CA GLY A 89 -29.80 -0.26 26.27
C GLY A 89 -30.00 -0.33 27.77
N PHE A 90 -29.93 0.82 28.43
CA PHE A 90 -30.10 0.89 29.87
C PHE A 90 -30.22 2.34 30.34
N ARG A 91 -30.85 3.17 29.52
CA ARG A 91 -31.04 4.57 29.85
C ARG A 91 -32.22 5.16 29.10
N GLY A 92 -32.14 5.14 27.77
CA GLY A 92 -33.22 5.68 26.96
C GLY A 92 -33.99 4.59 26.22
N MET A 1 15.90 11.46 -9.16
CA MET A 1 15.11 10.27 -8.72
C MET A 1 15.92 9.40 -7.76
N PHE A 2 15.34 8.29 -7.35
CA PHE A 2 16.00 7.37 -6.43
C PHE A 2 15.28 6.02 -6.38
N ALA A 3 15.85 5.03 -7.08
CA ALA A 3 15.27 3.70 -7.12
C ALA A 3 16.05 2.73 -6.23
N MET A 4 15.61 1.48 -6.19
CA MET A 4 16.27 0.46 -5.38
C MET A 4 15.75 -0.93 -5.75
N TYR A 5 16.05 -1.91 -4.90
CA TYR A 5 15.60 -3.28 -5.14
C TYR A 5 14.43 -3.63 -4.22
N PRO A 6 13.67 -4.68 -4.57
CA PRO A 6 12.51 -5.11 -3.78
C PRO A 6 12.89 -6.06 -2.65
N ASP A 7 14.05 -5.84 -2.04
CA ASP A 7 14.51 -6.69 -0.95
C ASP A 7 14.55 -5.93 0.37
N TRP A 8 13.79 -4.84 0.46
CA TRP A 8 13.76 -4.04 1.68
C TRP A 8 12.75 -4.60 2.68
N GLN A 9 13.16 -4.67 3.94
CA GLN A 9 12.30 -5.20 4.99
C GLN A 9 11.80 -4.07 5.90
N PRO A 10 10.49 -3.73 5.81
CA PRO A 10 9.91 -2.66 6.62
C PRO A 10 9.58 -3.13 8.04
N ASP A 11 9.54 -2.18 8.97
CA ASP A 11 9.24 -2.49 10.36
C ASP A 11 9.08 -1.22 11.18
N ALA A 12 10.19 -0.58 11.51
CA ALA A 12 10.17 0.65 12.29
C ALA A 12 10.03 1.87 11.38
N ASP A 13 10.87 1.94 10.36
CA ASP A 13 10.86 3.05 9.41
C ASP A 13 9.51 3.13 8.71
N PHE A 14 8.85 1.99 8.55
CA PHE A 14 7.56 1.93 7.87
C PHE A 14 6.51 2.73 8.65
N ILE A 15 6.39 2.44 9.93
CA ILE A 15 5.42 3.13 10.78
C ILE A 15 5.88 4.56 11.09
N ARG A 16 7.18 4.76 11.13
CA ARG A 16 7.75 6.08 11.41
C ARG A 16 7.54 7.01 10.23
N LEU A 17 7.81 6.52 9.03
CA LEU A 17 7.67 7.32 7.81
C LEU A 17 6.19 7.54 7.49
N ALA A 18 5.41 6.48 7.59
CA ALA A 18 3.98 6.55 7.31
C ALA A 18 3.28 7.54 8.23
N ALA A 19 3.64 7.50 9.51
CA ALA A 19 3.05 8.39 10.50
C ALA A 19 3.39 9.84 10.20
N LEU A 20 4.61 10.07 9.76
CA LEU A 20 5.08 11.43 9.45
C LEU A 20 4.60 11.85 8.06
N TRP A 21 4.41 10.87 7.17
CA TRP A 21 3.95 11.15 5.81
C TRP A 21 2.47 11.47 5.79
N GLY A 22 1.77 11.19 6.89
CA GLY A 22 0.35 11.48 6.95
C GLY A 22 -0.49 10.21 6.97
N VAL A 23 0.00 9.19 7.66
CA VAL A 23 -0.72 7.92 7.76
C VAL A 23 -0.54 7.30 9.14
N ALA A 24 -1.62 7.27 9.91
CA ALA A 24 -1.59 6.71 11.26
C ALA A 24 -1.95 5.22 11.24
N LEU A 25 -1.02 4.39 11.69
CA LEU A 25 -1.24 2.95 11.73
C LEU A 25 -1.04 2.41 13.14
N ARG A 26 -2.13 2.03 13.78
CA ARG A 26 -2.08 1.49 15.15
C ARG A 26 -1.97 -0.03 15.12
N GLU A 27 -2.81 -0.67 14.31
CA GLU A 27 -2.80 -2.12 14.20
C GLU A 27 -1.65 -2.59 13.31
N PRO A 28 -1.34 -3.91 13.33
CA PRO A 28 -0.26 -4.48 12.52
C PRO A 28 -0.55 -4.40 11.03
N VAL A 29 0.50 -4.41 10.22
CA VAL A 29 0.36 -4.35 8.78
C VAL A 29 0.22 -5.74 8.18
N THR A 30 -0.52 -5.82 7.07
CA THR A 30 -0.74 -7.10 6.39
C THR A 30 0.35 -7.35 5.35
N THR A 31 0.62 -8.62 5.10
CA THR A 31 1.64 -9.00 4.12
C THR A 31 1.16 -8.72 2.70
N GLU A 32 -0.15 -8.82 2.49
CA GLU A 32 -0.74 -8.58 1.17
C GLU A 32 -0.43 -7.17 0.69
N GLU A 33 -0.43 -6.22 1.62
CA GLU A 33 -0.15 -4.83 1.28
C GLU A 33 1.33 -4.63 0.95
N LEU A 34 2.19 -5.29 1.72
CA LEU A 34 3.63 -5.19 1.52
C LEU A 34 4.04 -5.86 0.22
N ALA A 35 3.64 -7.12 0.06
CA ALA A 35 3.97 -7.88 -1.14
C ALA A 35 3.42 -7.20 -2.38
N SER A 36 2.23 -6.63 -2.26
CA SER A 36 1.59 -5.94 -3.38
C SER A 36 2.43 -4.76 -3.85
N PHE A 37 2.84 -3.92 -2.90
CA PHE A 37 3.66 -2.76 -3.22
C PHE A 37 4.99 -3.17 -3.83
N ILE A 38 5.62 -4.17 -3.23
CA ILE A 38 6.91 -4.66 -3.72
C ILE A 38 6.79 -5.22 -5.13
N ALA A 39 5.75 -6.04 -5.35
CA ALA A 39 5.53 -6.64 -6.65
C ALA A 39 5.32 -5.57 -7.72
N TYR A 40 4.50 -4.58 -7.39
CA TYR A 40 4.21 -3.50 -8.32
C TYR A 40 5.45 -2.62 -8.56
N TRP A 41 6.25 -2.44 -7.51
CA TRP A 41 7.46 -1.64 -7.60
C TRP A 41 8.44 -2.27 -8.59
N GLN A 42 8.56 -3.59 -8.55
CA GLN A 42 9.46 -4.30 -9.45
C GLN A 42 8.95 -4.26 -10.89
N ALA A 43 7.65 -4.40 -11.05
CA ALA A 43 7.03 -4.39 -12.38
C ALA A 43 6.99 -2.98 -12.96
N GLU A 44 7.12 -1.98 -12.09
CA GLU A 44 7.10 -0.59 -12.52
C GLU A 44 8.22 -0.30 -13.53
N GLY A 45 9.43 -0.70 -13.17
CA GLY A 45 10.56 -0.49 -14.05
C GLY A 45 10.81 0.99 -14.32
N LYS A 46 10.68 1.80 -13.28
CA LYS A 46 10.90 3.24 -13.41
C LYS A 46 11.40 3.82 -12.09
N VAL A 47 12.30 4.79 -12.18
CA VAL A 47 12.86 5.43 -11.00
C VAL A 47 12.24 6.81 -10.76
N PHE A 48 12.01 7.15 -9.50
CA PHE A 48 11.43 8.44 -9.15
C PHE A 48 12.05 8.96 -7.85
N HIS A 49 11.88 10.26 -7.61
CA HIS A 49 12.41 10.89 -6.41
C HIS A 49 11.77 10.32 -5.15
N HIS A 50 12.21 10.80 -4.00
CA HIS A 50 11.67 10.35 -2.72
C HIS A 50 10.24 10.85 -2.51
N VAL A 51 10.00 12.10 -2.92
CA VAL A 51 8.68 12.70 -2.79
C VAL A 51 7.61 11.88 -3.51
N GLN A 52 8.00 11.28 -4.62
CA GLN A 52 7.08 10.46 -5.42
C GLN A 52 6.67 9.21 -4.65
N TRP A 53 7.66 8.58 -4.01
CA TRP A 53 7.40 7.36 -3.24
C TRP A 53 6.54 7.67 -2.01
N GLN A 54 6.65 8.89 -1.51
CA GLN A 54 5.89 9.32 -0.35
C GLN A 54 4.41 9.49 -0.70
N GLN A 55 4.15 10.29 -1.72
CA GLN A 55 2.78 10.55 -2.16
C GLN A 55 2.12 9.27 -2.67
N LYS A 56 2.91 8.44 -3.36
CA LYS A 56 2.40 7.19 -3.91
C LYS A 56 1.98 6.23 -2.79
N LEU A 57 2.91 5.97 -1.87
CA LEU A 57 2.64 5.07 -0.75
C LEU A 57 1.52 5.62 0.13
N ALA A 58 1.52 6.93 0.35
CA ALA A 58 0.51 7.56 1.17
C ALA A 58 -0.86 7.53 0.50
N ARG A 59 -0.90 7.95 -0.76
CA ARG A 59 -2.14 7.97 -1.52
C ARG A 59 -2.70 6.55 -1.69
N SER A 60 -1.81 5.58 -1.76
CA SER A 60 -2.21 4.19 -1.93
C SER A 60 -2.85 3.65 -0.65
N LEU A 61 -2.29 4.01 0.50
CA LEU A 61 -2.82 3.56 1.78
C LEU A 61 -4.07 4.35 2.16
N GLN A 62 -4.03 5.66 1.96
CA GLN A 62 -5.17 6.51 2.28
C GLN A 62 -6.38 6.16 1.43
N ILE A 63 -6.18 6.10 0.12
CA ILE A 63 -7.26 5.78 -0.81
C ILE A 63 -7.51 4.27 -0.86
N GLY A 64 -6.52 3.49 -0.43
CA GLY A 64 -6.66 2.05 -0.45
C GLY A 64 -7.44 1.52 0.75
N ARG A 65 -7.28 2.18 1.89
CA ARG A 65 -7.98 1.77 3.11
C ARG A 65 -9.47 2.02 2.99
N ALA A 66 -9.84 3.05 2.23
CA ALA A 66 -11.24 3.41 2.04
C ALA A 66 -11.99 2.28 1.33
N SER A 67 -11.29 1.53 0.51
CA SER A 67 -11.90 0.42 -0.23
C SER A 67 -12.50 -0.61 0.72
N ASN A 68 -11.81 -0.86 1.83
CA ASN A 68 -12.27 -1.83 2.82
C ASN A 68 -13.63 -1.42 3.37
N GLY A 69 -14.54 -2.40 3.47
CA GLY A 69 -15.87 -2.12 3.99
C GLY A 69 -16.95 -2.82 3.19
N GLY A 70 -18.00 -3.27 3.88
CA GLY A 70 -19.09 -3.95 3.21
C GLY A 70 -18.74 -5.37 2.81
N LEU A 71 -18.19 -6.14 3.75
CA LEU A 71 -17.80 -7.51 3.49
C LEU A 71 -19.02 -8.44 3.53
N PRO A 72 -19.69 -8.55 4.68
CA PRO A 72 -20.86 -9.43 4.84
C PRO A 72 -22.08 -8.90 4.06
N LYS A 73 -22.55 -9.70 3.11
CA LYS A 73 -23.70 -9.32 2.30
C LYS A 73 -24.90 -10.22 2.60
N ARG A 74 -24.62 -11.48 2.92
CA ARG A 74 -25.67 -12.44 3.23
C ARG A 74 -25.36 -13.19 4.52
N ASP A 75 -24.45 -12.65 5.33
CA ASP A 75 -24.07 -13.29 6.58
C ASP A 75 -23.93 -12.24 7.68
N VAL A 76 -25.03 -11.95 8.36
CA VAL A 76 -25.03 -10.96 9.44
C VAL A 76 -26.09 -11.30 10.49
N ASN A 77 -26.01 -12.51 11.04
CA ASN A 77 -26.96 -12.95 12.05
C ASN A 77 -28.39 -12.91 11.51
N THR A 78 -28.80 -14.01 10.88
CA THR A 78 -30.14 -14.10 10.31
C THR A 78 -30.37 -13.02 9.26
N VAL A 79 -31.37 -13.23 8.41
CA VAL A 79 -31.69 -12.27 7.36
C VAL A 79 -33.19 -12.05 7.25
N SER A 80 -33.59 -10.80 7.06
CA SER A 80 -35.00 -10.46 6.92
C SER A 80 -35.19 -9.20 6.09
N GLU A 81 -36.11 -9.26 5.13
CA GLU A 81 -36.39 -8.14 4.26
C GLU A 81 -37.68 -7.42 4.67
N PRO A 82 -37.57 -6.26 5.33
CA PRO A 82 -38.73 -5.49 5.77
C PRO A 82 -39.75 -5.28 4.65
N ASP A 83 -40.94 -4.82 5.02
CA ASP A 83 -42.00 -4.57 4.05
C ASP A 83 -41.67 -3.36 3.18
N SER A 84 -41.84 -3.51 1.88
CA SER A 84 -41.55 -2.44 0.93
C SER A 84 -42.83 -1.68 0.59
N GLN A 85 -43.62 -1.35 1.61
CA GLN A 85 -44.87 -0.62 1.41
C GLN A 85 -44.93 0.61 2.31
N ILE A 86 -45.13 1.78 1.69
CA ILE A 86 -45.21 3.04 2.43
C ILE A 86 -44.03 3.20 3.38
N PRO A 87 -42.88 3.66 2.87
CA PRO A 87 -41.68 3.86 3.67
C PRO A 87 -41.81 5.06 4.61
N PRO A 88 -41.38 4.91 5.89
CA PRO A 88 -41.46 5.98 6.88
C PRO A 88 -40.42 7.07 6.63
N GLY A 89 -40.83 8.33 6.76
CA GLY A 89 -39.93 9.44 6.55
C GLY A 89 -39.91 10.41 7.71
N PHE A 90 -38.73 10.67 8.26
CA PHE A 90 -38.59 11.58 9.39
C PHE A 90 -37.55 12.65 9.09
N ARG A 91 -38.02 13.86 8.80
CA ARG A 91 -37.13 14.98 8.49
C ARG A 91 -36.28 14.68 7.25
N GLY A 92 -35.82 15.74 6.58
CA GLY A 92 -35.02 15.56 5.39
C GLY A 92 -35.82 15.70 4.12
N MET A 1 16.29 11.51 -9.42
CA MET A 1 15.38 10.48 -8.85
C MET A 1 16.08 9.65 -7.79
N PHE A 2 15.41 8.59 -7.35
CA PHE A 2 15.97 7.70 -6.33
C PHE A 2 15.34 6.32 -6.39
N ALA A 3 16.03 5.39 -7.06
CA ALA A 3 15.54 4.03 -7.20
C ALA A 3 15.78 3.22 -5.93
N MET A 4 15.37 1.96 -5.95
CA MET A 4 15.55 1.08 -4.80
C MET A 4 15.40 -0.38 -5.20
N TYR A 5 15.35 -1.26 -4.21
CA TYR A 5 15.20 -2.70 -4.46
C TYR A 5 13.97 -3.23 -3.74
N PRO A 6 13.49 -4.43 -4.12
CA PRO A 6 12.31 -5.04 -3.51
C PRO A 6 12.64 -5.84 -2.24
N ASP A 7 13.77 -5.53 -1.61
CA ASP A 7 14.18 -6.21 -0.40
C ASP A 7 14.15 -5.29 0.81
N TRP A 8 13.30 -4.27 0.77
CA TRP A 8 13.19 -3.32 1.87
C TRP A 8 12.41 -3.92 3.04
N GLN A 9 13.03 -3.93 4.21
CA GLN A 9 12.39 -4.49 5.40
C GLN A 9 11.76 -3.38 6.23
N PRO A 10 10.41 -3.27 6.21
CA PRO A 10 9.69 -2.24 6.98
C PRO A 10 9.68 -2.54 8.46
N ASP A 11 9.73 -1.49 9.28
CA ASP A 11 9.72 -1.63 10.73
C ASP A 11 9.75 -0.27 11.41
N ALA A 12 10.93 0.34 11.47
CA ALA A 12 11.09 1.65 12.10
C ALA A 12 10.83 2.77 11.11
N ASP A 13 11.49 2.71 9.95
CA ASP A 13 11.34 3.72 8.91
C ASP A 13 9.87 3.89 8.52
N PHE A 14 9.11 2.80 8.61
CA PHE A 14 7.70 2.83 8.25
C PHE A 14 6.92 3.78 9.16
N ILE A 15 7.16 3.66 10.46
CA ILE A 15 6.49 4.51 11.44
C ILE A 15 7.06 5.93 11.43
N ARG A 16 8.37 6.03 11.28
CA ARG A 16 9.04 7.32 11.25
C ARG A 16 8.56 8.15 10.06
N LEU A 17 8.66 7.57 8.87
CA LEU A 17 8.25 8.25 7.65
C LEU A 17 6.74 8.49 7.64
N ALA A 18 5.98 7.47 8.02
CA ALA A 18 4.53 7.57 8.06
C ALA A 18 4.09 8.66 9.03
N ALA A 19 4.71 8.69 10.21
CA ALA A 19 4.38 9.68 11.23
C ALA A 19 4.59 11.09 10.71
N LEU A 20 5.63 11.27 9.90
CA LEU A 20 5.95 12.58 9.33
C LEU A 20 5.07 12.87 8.12
N TRP A 21 4.76 11.83 7.35
CA TRP A 21 3.94 11.97 6.16
C TRP A 21 2.47 12.19 6.52
N GLY A 22 2.13 11.94 7.79
CA GLY A 22 0.76 12.12 8.23
C GLY A 22 -0.06 10.85 8.13
N VAL A 23 0.57 9.72 8.45
CA VAL A 23 -0.11 8.43 8.39
C VAL A 23 0.02 7.68 9.72
N ALA A 24 -1.12 7.37 10.33
CA ALA A 24 -1.13 6.65 11.60
C ALA A 24 -1.62 5.22 11.41
N LEU A 25 -0.69 4.26 11.48
CA LEU A 25 -1.04 2.85 11.32
C LEU A 25 -1.39 2.23 12.66
N ARG A 26 -2.38 1.35 12.65
CA ARG A 26 -2.83 0.67 13.87
C ARG A 26 -2.56 -0.83 13.79
N GLU A 27 -2.96 -1.42 12.67
CA GLU A 27 -2.77 -2.86 12.46
C GLU A 27 -1.68 -3.12 11.43
N PRO A 28 -1.19 -4.36 11.34
CA PRO A 28 -0.14 -4.73 10.39
C PRO A 28 -0.63 -4.70 8.94
N VAL A 29 0.28 -4.46 8.01
CA VAL A 29 -0.06 -4.40 6.60
C VAL A 29 -0.35 -5.79 6.03
N THR A 30 -1.41 -5.91 5.26
CA THR A 30 -1.79 -7.18 4.66
C THR A 30 -0.75 -7.63 3.63
N THR A 31 -0.64 -8.94 3.45
CA THR A 31 0.31 -9.49 2.50
C THR A 31 -0.02 -9.05 1.08
N GLU A 32 -1.31 -8.99 0.77
CA GLU A 32 -1.77 -8.59 -0.56
C GLU A 32 -1.29 -7.17 -0.88
N GLU A 33 -1.36 -6.28 0.11
CA GLU A 33 -0.93 -4.90 -0.09
C GLU A 33 0.57 -4.82 -0.38
N LEU A 34 1.36 -5.51 0.44
CA LEU A 34 2.80 -5.52 0.28
C LEU A 34 3.20 -6.27 -1.00
N ALA A 35 2.64 -7.45 -1.18
CA ALA A 35 2.94 -8.26 -2.36
C ALA A 35 2.56 -7.54 -3.64
N SER A 36 1.53 -6.71 -3.57
CA SER A 36 1.08 -5.95 -4.73
C SER A 36 2.02 -4.78 -5.01
N PHE A 37 2.45 -4.10 -3.97
CA PHE A 37 3.37 -2.97 -4.12
C PHE A 37 4.72 -3.42 -4.64
N ILE A 38 5.26 -4.47 -4.03
CA ILE A 38 6.56 -5.01 -4.42
C ILE A 38 6.49 -5.62 -5.82
N ALA A 39 5.39 -6.33 -6.10
CA ALA A 39 5.20 -6.97 -7.39
C ALA A 39 5.25 -5.96 -8.52
N TYR A 40 4.41 -4.94 -8.43
CA TYR A 40 4.34 -3.90 -9.45
C TYR A 40 5.63 -3.08 -9.46
N TRP A 41 6.26 -2.94 -8.30
CA TRP A 41 7.51 -2.19 -8.18
C TRP A 41 8.67 -2.95 -8.82
N GLN A 42 8.60 -4.28 -8.77
CA GLN A 42 9.65 -5.11 -9.34
C GLN A 42 9.51 -5.20 -10.86
N ALA A 43 8.27 -5.29 -11.34
CA ALA A 43 8.01 -5.37 -12.77
C ALA A 43 8.18 -4.01 -13.43
N GLU A 44 7.91 -2.95 -12.68
CA GLU A 44 8.04 -1.59 -13.20
C GLU A 44 9.47 -1.31 -13.65
N GLY A 45 10.43 -1.61 -12.77
CA GLY A 45 11.83 -1.39 -13.09
C GLY A 45 12.11 0.05 -13.45
N LYS A 46 11.45 0.98 -12.78
CA LYS A 46 11.63 2.40 -13.03
C LYS A 46 12.26 3.09 -11.83
N VAL A 47 12.19 4.42 -11.81
CA VAL A 47 12.76 5.19 -10.71
C VAL A 47 11.85 6.35 -10.34
N PHE A 48 11.76 6.63 -9.04
CA PHE A 48 10.91 7.72 -8.55
C PHE A 48 11.63 8.52 -7.47
N HIS A 49 11.04 9.65 -7.08
CA HIS A 49 11.63 10.50 -6.05
C HIS A 49 11.09 10.13 -4.67
N HIS A 50 11.59 10.82 -3.64
CA HIS A 50 11.16 10.56 -2.28
C HIS A 50 9.72 11.00 -2.06
N VAL A 51 9.33 12.08 -2.75
CA VAL A 51 7.98 12.61 -2.63
C VAL A 51 6.96 11.66 -3.26
N GLN A 52 7.32 11.09 -4.40
CA GLN A 52 6.44 10.16 -5.10
C GLN A 52 6.28 8.86 -4.32
N TRP A 53 7.33 8.47 -3.61
CA TRP A 53 7.30 7.25 -2.81
C TRP A 53 6.39 7.40 -1.61
N GLN A 54 6.46 8.56 -0.95
CA GLN A 54 5.63 8.83 0.22
C GLN A 54 4.18 9.08 -0.18
N GLN A 55 3.99 9.72 -1.33
CA GLN A 55 2.66 10.04 -1.82
C GLN A 55 1.94 8.78 -2.30
N LYS A 56 2.68 7.89 -2.96
CA LYS A 56 2.12 6.65 -3.47
C LYS A 56 1.77 5.69 -2.34
N LEU A 57 2.76 5.40 -1.50
CA LEU A 57 2.56 4.50 -0.36
C LEU A 57 1.47 5.01 0.57
N ALA A 58 1.65 6.23 1.05
CA ALA A 58 0.67 6.84 1.97
C ALA A 58 -0.72 6.86 1.36
N ARG A 59 -0.85 7.44 0.17
CA ARG A 59 -2.12 7.53 -0.51
C ARG A 59 -2.71 6.14 -0.76
N SER A 60 -1.84 5.16 -0.96
CA SER A 60 -2.28 3.80 -1.22
C SER A 60 -2.82 3.15 0.06
N LEU A 61 -2.10 3.33 1.16
CA LEU A 61 -2.49 2.75 2.44
C LEU A 61 -3.87 3.27 2.86
N GLN A 62 -4.11 4.55 2.62
CA GLN A 62 -5.39 5.17 2.97
C GLN A 62 -6.52 4.63 2.11
N ILE A 63 -6.37 4.78 0.80
CA ILE A 63 -7.39 4.30 -0.14
C ILE A 63 -7.55 2.79 -0.06
N GLY A 64 -6.54 2.11 0.50
CA GLY A 64 -6.60 0.67 0.63
C GLY A 64 -7.48 0.22 1.78
N ARG A 65 -7.30 0.86 2.94
CA ARG A 65 -8.08 0.51 4.12
C ARG A 65 -9.49 1.11 4.04
N ALA A 66 -9.60 2.24 3.36
CA ALA A 66 -10.88 2.91 3.21
C ALA A 66 -11.83 2.11 2.33
N SER A 67 -11.29 1.55 1.25
CA SER A 67 -12.09 0.76 0.32
C SER A 67 -12.03 -0.73 0.68
N ASN A 68 -10.85 -1.19 1.04
CA ASN A 68 -10.66 -2.60 1.40
C ASN A 68 -10.40 -2.74 2.90
N GLY A 69 -10.73 -3.90 3.44
CA GLY A 69 -10.53 -4.15 4.86
C GLY A 69 -10.69 -5.61 5.23
N GLY A 70 -11.78 -6.22 4.79
CA GLY A 70 -12.03 -7.61 5.08
C GLY A 70 -12.83 -7.81 6.36
N LEU A 71 -13.87 -8.63 6.29
CA LEU A 71 -14.71 -8.90 7.44
C LEU A 71 -14.42 -10.29 8.01
N PRO A 72 -13.97 -10.37 9.28
CA PRO A 72 -13.68 -11.64 9.94
C PRO A 72 -14.93 -12.46 10.24
N LYS A 73 -15.39 -13.22 9.26
CA LYS A 73 -16.58 -14.04 9.43
C LYS A 73 -17.80 -13.18 9.75
N ARG A 74 -18.23 -12.40 8.76
CA ARG A 74 -19.38 -11.51 8.93
C ARG A 74 -19.15 -10.51 10.06
N ASP A 75 -20.10 -9.61 10.25
CA ASP A 75 -19.99 -8.60 11.30
C ASP A 75 -21.14 -8.72 12.29
N VAL A 76 -20.83 -8.53 13.56
CA VAL A 76 -21.82 -8.62 14.62
C VAL A 76 -22.28 -7.23 15.07
N ASN A 77 -23.58 -7.09 15.31
CA ASN A 77 -24.13 -5.81 15.74
C ASN A 77 -23.83 -5.55 17.22
N THR A 78 -22.58 -5.25 17.52
CA THR A 78 -22.15 -4.97 18.88
C THR A 78 -20.67 -4.63 18.94
N VAL A 79 -20.21 -3.82 17.99
CA VAL A 79 -18.82 -3.41 17.94
C VAL A 79 -18.69 -1.94 17.57
N SER A 80 -17.70 -1.27 18.16
CA SER A 80 -17.47 0.15 17.90
C SER A 80 -16.16 0.60 18.53
N GLU A 81 -15.09 0.64 17.72
CA GLU A 81 -13.79 1.06 18.20
C GLU A 81 -13.60 2.56 18.06
N PRO A 82 -13.79 3.09 16.83
CA PRO A 82 -13.63 4.52 16.57
C PRO A 82 -14.92 5.31 16.80
N ASP A 83 -15.83 4.74 17.59
CA ASP A 83 -17.10 5.40 17.89
C ASP A 83 -17.94 5.58 16.63
N SER A 84 -19.22 5.29 16.73
CA SER A 84 -20.13 5.41 15.60
C SER A 84 -20.72 6.82 15.53
N GLN A 85 -20.85 7.34 14.31
CA GLN A 85 -21.40 8.67 14.09
C GLN A 85 -22.30 8.70 12.87
N ILE A 86 -23.31 9.57 12.90
CA ILE A 86 -24.25 9.70 11.80
C ILE A 86 -24.21 11.12 11.22
N PRO A 87 -23.66 11.28 10.00
CA PRO A 87 -23.59 12.60 9.35
C PRO A 87 -24.95 13.10 8.89
N PRO A 88 -25.26 14.38 9.14
CA PRO A 88 -26.55 14.98 8.74
C PRO A 88 -26.62 15.22 7.25
N GLY A 89 -27.31 14.34 6.54
CA GLY A 89 -27.45 14.48 5.10
C GLY A 89 -28.66 13.76 4.56
N PHE A 90 -28.42 12.80 3.66
CA PHE A 90 -29.50 12.02 3.06
C PHE A 90 -29.28 10.53 3.28
N ARG A 91 -30.33 9.75 3.03
CA ARG A 91 -30.25 8.30 3.20
C ARG A 91 -30.14 7.60 1.86
N GLY A 92 -31.12 7.82 0.99
CA GLY A 92 -31.10 7.20 -0.32
C GLY A 92 -29.96 7.69 -1.19
#